data_8VZI
#
_entry.id   8VZI
#
_cell.length_a   64.742
_cell.length_b   179.286
_cell.length_c   96.826
_cell.angle_alpha   90.000
_cell.angle_beta   108.230
_cell.angle_gamma   90.000
#
_symmetry.space_group_name_H-M   'P 1 21 1'
#
loop_
_entity.id
_entity.type
_entity.pdbx_description
1 polymer '2-hydroxyacyl-CoA lyase-like protein 1'
2 non-polymer 'THIAMINE DIPHOSPHATE'
3 non-polymer "ADENOSINE-5'-DIPHOSPHATE"
4 non-polymer 1,2-ETHANEDIOL
5 non-polymer ALANINE
6 non-polymer 'ACETATE ION'
7 non-polymer 'MAGNESIUM ION'
8 non-polymer 'CHLORIDE ION'
9 non-polymer GLYCINE
10 non-polymer 'FORMIC ACID'
11 water water
#
_entity_poly.entity_id   1
_entity_poly.type   'polypeptide(L)'
_entity_poly.pdbx_seq_one_letter_code
;MSQEQLTGSSILAKSLKSLGVDVIFGIVGVPVVEVAEACIAEGIRFIGCRNEQSASFAAGAWGYLNKRPGVCLTVSGPGV
VNAISGLYNAQANCWPMILIGGSCETNQIGMGAFQELDQVDACRNYTKFSGKCADLETIPFIVNKAYQVSKAGRPGPTYV
DLPADLIQATTSKLPKLPEPFETPYCLPHTKDLSAAIEILKNSKRPLLVVGKGATYSRCENELKALVEEFNVPFLPTPMA
KGILPDNHSLNAGSARSLALRKADVIVLLGARLNWMMQFGNRLNPQTKIIHVDISPEEFNINKKIDIGLFGNIPETIELI
HQGLKKSGKSYSWIHFKNELQPNIEKNQEKLQKFLTAPLSPLMNHQQALNTVEEVLSKQFNGDYFLVSEGARTMDVTRML
VSSHLPRRRLDAGTLGVMGIGLGYALAGQLTHPDKKVVAIMGDSAFGFSAMEIETAARCKLPLIIIIINNNGIYHGLDDI
KSVPSDKLPSFTLMPETRYDLLANSVYGQGFLVKDSTQLQSALQKCFNFDGVSIVNVMIDHRPASEGLYWLTREFSPAGQ
SKL
;
_entity_poly.pdbx_strand_id   A,B,C,D
#
loop_
_chem_comp.id
_chem_comp.type
_chem_comp.name
_chem_comp.formula
ACT non-polymer 'ACETATE ION' 'C2 H3 O2 -1'
ADP non-polymer ADENOSINE-5'-DIPHOSPHATE 'C10 H15 N5 O10 P2'
CL non-polymer 'CHLORIDE ION' 'Cl -1'
EDO non-polymer 1,2-ETHANEDIOL 'C2 H6 O2'
FMT non-polymer 'FORMIC ACID' 'C H2 O2'
MG non-polymer 'MAGNESIUM ION' 'Mg 2'
TPP non-polymer 'THIAMINE DIPHOSPHATE' 'C12 H19 N4 O7 P2 S 1'
#
# COMPACT_ATOMS: atom_id res chain seq x y z
N LEU A 6 13.29 31.92 13.14
CA LEU A 6 13.12 30.47 13.03
C LEU A 6 12.17 30.08 11.90
N THR A 7 12.59 29.10 11.10
CA THR A 7 11.78 28.57 10.02
C THR A 7 11.67 27.06 10.19
N GLY A 8 10.80 26.45 9.38
CA GLY A 8 10.78 24.99 9.31
C GLY A 8 12.16 24.42 9.05
N SER A 9 12.90 25.03 8.12
CA SER A 9 14.25 24.57 7.80
C SER A 9 15.13 24.59 9.04
N SER A 10 15.17 25.71 9.76
CA SER A 10 16.14 25.83 10.84
C SER A 10 15.75 24.99 12.04
N ILE A 11 14.45 24.76 12.26
CA ILE A 11 14.04 23.87 13.35
C ILE A 11 14.40 22.43 13.01
N LEU A 12 14.18 22.02 11.77
CA LEU A 12 14.68 20.72 11.32
C LEU A 12 16.20 20.63 11.53
N ALA A 13 16.93 21.66 11.12
CA ALA A 13 18.39 21.63 11.25
C ALA A 13 18.81 21.58 12.71
N LYS A 14 18.16 22.36 13.58
CA LYS A 14 18.51 22.35 14.99
C LYS A 14 18.18 21.02 15.64
N SER A 15 17.08 20.38 15.21
CA SER A 15 16.73 19.06 15.74
C SER A 15 17.79 18.02 15.37
N LEU A 16 18.18 18.00 14.09
CA LEU A 16 19.25 17.09 13.66
C LEU A 16 20.53 17.36 14.43
N LYS A 17 20.86 18.64 14.64
CA LYS A 17 22.11 18.99 15.32
C LYS A 17 22.10 18.52 16.77
N SER A 18 20.96 18.67 17.47
CA SER A 18 20.90 18.21 18.86
C SER A 18 21.10 16.71 18.97
N LEU A 19 20.81 15.96 17.91
CA LEU A 19 20.99 14.52 17.90
C LEU A 19 22.36 14.10 17.34
N GLY A 20 23.28 15.05 17.15
CA GLY A 20 24.64 14.71 16.78
C GLY A 20 24.89 14.51 15.30
N VAL A 21 23.90 14.79 14.44
CA VAL A 21 24.12 14.64 13.01
C VAL A 21 25.18 15.62 12.57
N ASP A 22 26.18 15.13 11.83
CA ASP A 22 27.24 16.01 11.37
C ASP A 22 27.49 15.93 9.87
N VAL A 23 26.83 15.05 9.14
CA VAL A 23 26.94 15.03 7.67
C VAL A 23 25.62 14.53 7.10
N ILE A 24 25.18 15.17 6.02
CA ILE A 24 23.98 14.80 5.28
C ILE A 24 24.37 14.62 3.82
N PHE A 25 23.84 13.58 3.19
CA PHE A 25 23.93 13.39 1.75
C PHE A 25 22.62 13.79 1.09
N GLY A 26 22.68 14.30 -0.12
CA GLY A 26 21.44 14.59 -0.80
C GLY A 26 21.64 15.43 -2.04
N ILE A 27 20.52 15.84 -2.63
CA ILE A 27 20.52 16.75 -3.77
C ILE A 27 19.42 17.77 -3.54
N VAL A 28 19.74 19.06 -3.70
CA VAL A 28 18.76 20.10 -3.38
C VAL A 28 17.95 20.59 -4.58
N GLY A 29 17.04 21.51 -4.33
N GLY A 29 16.99 21.44 -4.28
CA GLY A 29 16.18 22.09 -5.35
CA GLY A 29 16.10 22.12 -5.22
C GLY A 29 14.97 22.71 -4.68
C GLY A 29 15.41 23.20 -4.43
N VAL A 30 13.88 22.77 -5.43
N VAL A 30 14.66 24.04 -5.14
CA VAL A 30 12.60 23.09 -4.80
CA VAL A 30 14.04 25.22 -4.53
C VAL A 30 12.14 21.90 -3.99
C VAL A 30 13.23 24.86 -3.28
N PRO A 31 11.76 22.09 -2.73
N PRO A 31 12.41 23.78 -3.27
CA PRO A 31 11.84 23.34 -1.97
CA PRO A 31 11.78 23.38 -2.01
C PRO A 31 12.95 23.28 -0.91
C PRO A 31 12.74 23.17 -0.85
N VAL A 32 13.82 22.27 -0.99
N VAL A 32 13.79 22.36 -1.04
CA VAL A 32 14.64 21.89 0.16
CA VAL A 32 14.61 21.89 0.07
C VAL A 32 15.99 22.59 0.21
C VAL A 32 15.94 22.61 0.20
N VAL A 33 16.31 23.49 -0.73
CA VAL A 33 17.60 24.18 -0.65
C VAL A 33 17.70 24.96 0.67
N GLU A 34 16.58 25.51 1.12
CA GLU A 34 16.59 26.21 2.42
C GLU A 34 16.89 25.24 3.56
N VAL A 35 16.44 23.99 3.44
CA VAL A 35 16.71 23.01 4.49
C VAL A 35 18.19 22.68 4.54
N ALA A 36 18.80 22.45 3.37
CA ALA A 36 20.23 22.14 3.32
C ALA A 36 21.06 23.31 3.85
N GLU A 37 20.74 24.54 3.45
CA GLU A 37 21.51 25.68 3.93
C GLU A 37 21.33 25.90 5.43
N ALA A 38 20.15 25.60 5.97
CA ALA A 38 19.96 25.69 7.42
C ALA A 38 20.81 24.66 8.16
N CYS A 39 20.91 23.43 7.63
CA CYS A 39 21.76 22.42 8.24
C CYS A 39 23.23 22.85 8.21
N ILE A 40 23.67 23.39 7.06
CA ILE A 40 25.04 23.89 6.96
C ILE A 40 25.26 25.04 7.93
N ALA A 41 24.25 25.90 8.09
CA ALA A 41 24.34 26.99 9.06
C ALA A 41 24.48 26.48 10.49
N GLU A 42 24.02 25.26 10.78
CA GLU A 42 24.16 24.69 12.12
C GLU A 42 25.43 23.88 12.28
N GLY A 43 26.31 23.85 11.28
CA GLY A 43 27.55 23.11 11.36
C GLY A 43 27.48 21.70 10.83
N ILE A 44 26.41 21.34 10.15
CA ILE A 44 26.26 20.02 9.55
C ILE A 44 26.76 20.09 8.12
N ARG A 45 27.73 19.24 7.79
CA ARG A 45 28.27 19.20 6.43
C ARG A 45 27.27 18.57 5.47
N PHE A 46 27.21 19.11 4.25
CA PHE A 46 26.29 18.63 3.23
C PHE A 46 27.07 18.10 2.05
N ILE A 47 26.82 16.85 1.67
CA ILE A 47 27.48 16.20 0.54
C ILE A 47 26.45 16.17 -0.59
N GLY A 48 26.55 17.11 -1.52
CA GLY A 48 25.66 17.13 -2.67
C GLY A 48 26.06 16.08 -3.68
N CYS A 49 25.16 15.15 -3.99
CA CYS A 49 25.47 14.06 -4.89
C CYS A 49 24.95 14.36 -6.29
N ARG A 50 25.11 13.39 -7.19
CA ARG A 50 24.66 13.55 -8.57
C ARG A 50 23.43 12.71 -8.90
N ASN A 51 23.08 11.74 -8.06
CA ASN A 51 21.81 11.02 -8.15
C ASN A 51 21.41 10.64 -6.73
N GLU A 52 20.10 10.69 -6.44
CA GLU A 52 19.65 10.36 -5.09
C GLU A 52 19.84 8.90 -4.76
N GLN A 53 19.96 8.01 -5.76
CA GLN A 53 20.33 6.64 -5.48
C GLN A 53 21.60 6.58 -4.65
N SER A 54 22.66 7.27 -5.12
CA SER A 54 23.95 7.22 -4.43
C SER A 54 23.89 7.95 -3.09
N ALA A 55 23.13 9.04 -3.03
CA ALA A 55 23.01 9.76 -1.76
C ALA A 55 22.37 8.86 -0.70
N SER A 56 21.35 8.09 -1.07
CA SER A 56 20.68 7.26 -0.08
C SER A 56 21.44 5.96 0.19
N PHE A 57 22.23 5.47 -0.77
CA PHE A 57 23.18 4.41 -0.48
C PHE A 57 24.26 4.90 0.49
N ALA A 58 24.82 6.08 0.23
CA ALA A 58 25.85 6.63 1.10
C ALA A 58 25.33 6.79 2.53
N ALA A 59 24.10 7.28 2.68
CA ALA A 59 23.55 7.48 4.02
C ALA A 59 23.44 6.16 4.78
N GLY A 60 22.96 5.12 4.11
CA GLY A 60 22.82 3.83 4.78
C GLY A 60 24.16 3.25 5.20
N ALA A 61 25.15 3.27 4.29
CA ALA A 61 26.47 2.78 4.64
C ALA A 61 27.08 3.59 5.75
N TRP A 62 26.90 4.91 5.70
CA TRP A 62 27.45 5.77 6.74
C TRP A 62 26.88 5.37 8.09
N GLY A 63 25.58 5.07 8.12
CA GLY A 63 24.95 4.64 9.37
C GLY A 63 25.50 3.32 9.88
N TYR A 64 25.71 2.36 8.98
CA TYR A 64 26.33 1.11 9.37
C TYR A 64 27.72 1.35 9.96
N LEU A 65 28.53 2.19 9.30
CA LEU A 65 29.91 2.36 9.75
C LEU A 65 29.99 3.09 11.08
N ASN A 66 29.08 4.01 11.33
CA ASN A 66 29.17 4.94 12.46
C ASN A 66 28.25 4.56 13.62
N LYS A 67 27.48 3.47 13.49
CA LYS A 67 26.53 3.02 14.52
C LYS A 67 25.64 4.15 14.99
N ARG A 68 25.18 4.97 14.05
CA ARG A 68 24.12 5.94 14.28
C ARG A 68 23.55 6.31 12.92
N PRO A 69 22.31 6.80 12.88
CA PRO A 69 21.61 6.95 11.59
C PRO A 69 22.33 7.89 10.64
N GLY A 70 22.52 7.44 9.41
CA GLY A 70 22.88 8.36 8.35
C GLY A 70 21.69 9.20 7.95
N VAL A 71 21.94 10.33 7.27
CA VAL A 71 20.86 11.22 6.86
C VAL A 71 20.98 11.56 5.38
N CYS A 72 19.87 11.42 4.66
CA CYS A 72 19.71 11.74 3.25
C CYS A 72 18.61 12.79 3.10
N LEU A 73 18.83 13.76 2.23
CA LEU A 73 17.86 14.83 1.98
C LEU A 73 17.57 14.91 0.49
N THR A 74 16.28 14.88 0.13
CA THR A 74 15.88 14.91 -1.27
C THR A 74 14.72 15.87 -1.48
N VAL A 75 14.49 16.22 -2.74
CA VAL A 75 13.35 17.04 -3.10
C VAL A 75 12.12 16.16 -3.11
N SER A 76 10.96 16.78 -3.30
CA SER A 76 9.68 16.10 -3.42
C SER A 76 9.63 15.19 -4.65
N GLY A 77 8.59 14.35 -4.70
CA GLY A 77 8.27 13.56 -5.86
C GLY A 77 9.39 12.66 -6.35
N PRO A 78 9.95 12.96 -7.53
CA PRO A 78 11.01 12.09 -8.06
C PRO A 78 12.26 12.03 -7.18
N GLY A 79 12.54 13.06 -6.38
CA GLY A 79 13.68 12.97 -5.47
C GLY A 79 13.53 11.82 -4.49
N VAL A 80 12.38 11.73 -3.82
CA VAL A 80 12.11 10.63 -2.88
C VAL A 80 12.08 9.29 -3.60
N VAL A 81 11.41 9.23 -4.76
CA VAL A 81 11.26 7.97 -5.48
C VAL A 81 12.64 7.41 -5.84
N ASN A 82 13.55 8.26 -6.32
CA ASN A 82 14.94 7.83 -6.57
C ASN A 82 15.61 7.30 -5.30
N ALA A 83 15.32 7.91 -4.15
CA ALA A 83 15.92 7.47 -2.90
C ALA A 83 15.30 6.21 -2.31
N ILE A 84 14.16 5.74 -2.83
CA ILE A 84 13.59 4.50 -2.34
C ILE A 84 14.56 3.34 -2.54
N SER A 85 15.38 3.40 -3.59
CA SER A 85 16.43 2.40 -3.79
C SER A 85 17.31 2.26 -2.54
N GLY A 86 17.70 3.39 -1.92
CA GLY A 86 18.49 3.32 -0.70
C GLY A 86 17.69 2.94 0.55
N LEU A 87 16.40 3.30 0.60
CA LEU A 87 15.56 2.81 1.69
C LEU A 87 15.47 1.29 1.66
N TYR A 88 15.17 0.75 0.49
CA TYR A 88 15.11 -0.70 0.30
C TYR A 88 16.45 -1.35 0.64
N ASN A 89 17.55 -0.72 0.23
CA ASN A 89 18.88 -1.23 0.54
C ASN A 89 19.13 -1.25 2.05
N ALA A 90 18.87 -0.12 2.73
CA ALA A 90 19.11 -0.05 4.17
C ALA A 90 18.20 -0.99 4.95
N GLN A 91 16.95 -1.15 4.50
CA GLN A 91 16.04 -2.07 5.16
C GLN A 91 16.53 -3.51 5.04
N ALA A 92 16.98 -3.89 3.85
CA ALA A 92 17.52 -5.24 3.65
C ALA A 92 18.78 -5.46 4.46
N ASN A 93 19.67 -4.47 4.53
CA ASN A 93 20.94 -4.59 5.23
C ASN A 93 20.79 -4.39 6.73
N CYS A 94 19.63 -3.92 7.20
CA CYS A 94 19.39 -3.59 8.59
C CYS A 94 20.33 -2.46 9.04
N TRP A 95 20.31 -1.37 8.27
CA TRP A 95 21.18 -0.22 8.50
C TRP A 95 20.38 1.00 8.88
N PRO A 96 20.82 1.79 9.86
CA PRO A 96 20.03 2.94 10.31
C PRO A 96 20.26 4.15 9.40
N MET A 97 19.16 4.80 9.01
CA MET A 97 19.26 6.06 8.31
C MET A 97 17.92 6.78 8.39
N ILE A 98 17.95 8.08 8.11
CA ILE A 98 16.76 8.91 7.98
C ILE A 98 16.78 9.53 6.59
N LEU A 99 15.75 9.26 5.80
CA LEU A 99 15.49 10.00 4.57
C LEU A 99 14.58 11.16 4.91
N ILE A 100 15.03 12.38 4.66
CA ILE A 100 14.22 13.57 4.81
C ILE A 100 13.83 14.04 3.41
N GLY A 101 12.53 14.09 3.14
CA GLY A 101 12.06 14.54 1.84
C GLY A 101 11.17 15.76 1.97
N GLY A 102 11.42 16.78 1.15
CA GLY A 102 10.43 17.82 0.97
C GLY A 102 9.22 17.25 0.26
N SER A 103 8.06 17.85 0.49
CA SER A 103 6.85 17.45 -0.22
C SER A 103 6.07 18.69 -0.61
N CYS A 104 5.04 18.50 -1.43
CA CYS A 104 4.31 19.64 -1.99
C CYS A 104 3.50 20.35 -0.92
N GLU A 105 3.02 21.56 -1.26
CA GLU A 105 2.12 22.30 -0.38
C GLU A 105 0.95 21.44 0.07
N THR A 106 0.71 21.41 1.39
CA THR A 106 -0.28 20.49 1.94
C THR A 106 -1.67 20.74 1.36
N ASN A 107 -2.07 22.00 1.23
CA ASN A 107 -3.43 22.29 0.80
C ASN A 107 -3.59 22.21 -0.72
N GLN A 108 -2.55 21.79 -1.44
CA GLN A 108 -2.65 21.52 -2.86
C GLN A 108 -2.72 20.03 -3.16
N ILE A 109 -2.67 19.17 -2.14
CA ILE A 109 -2.80 17.74 -2.37
C ILE A 109 -4.18 17.46 -2.96
N GLY A 110 -4.22 16.67 -4.03
CA GLY A 110 -5.44 16.42 -4.76
C GLY A 110 -5.64 17.31 -5.98
N MET A 111 -4.84 18.35 -6.16
CA MET A 111 -4.98 19.29 -7.27
C MET A 111 -3.97 19.05 -8.40
N GLY A 112 -3.10 18.06 -8.27
CA GLY A 112 -2.00 17.94 -9.19
C GLY A 112 -0.91 18.96 -8.91
N ALA A 113 -0.47 19.02 -7.64
CA ALA A 113 0.58 19.94 -7.25
C ALA A 113 1.91 19.53 -7.88
N PHE A 114 2.83 20.48 -7.90
CA PHE A 114 4.19 20.20 -8.38
C PHE A 114 4.83 19.08 -7.56
N GLN A 115 5.17 17.97 -8.25
CA GLN A 115 5.81 16.81 -7.61
C GLN A 115 4.97 16.27 -6.45
N GLU A 116 3.65 16.29 -6.65
CA GLU A 116 2.74 15.74 -5.67
C GLU A 116 2.87 14.23 -5.62
N LEU A 117 3.00 13.69 -4.42
CA LEU A 117 3.14 12.27 -4.17
C LEU A 117 2.86 12.05 -2.69
N ASP A 118 2.06 11.04 -2.37
CA ASP A 118 1.95 10.67 -0.95
C ASP A 118 3.23 9.98 -0.51
N GLN A 119 4.22 10.77 -0.06
CA GLN A 119 5.55 10.21 0.12
C GLN A 119 5.65 9.38 1.40
N VAL A 120 4.83 9.70 2.41
CA VAL A 120 4.76 8.84 3.58
C VAL A 120 4.34 7.43 3.18
N ASP A 121 3.28 7.32 2.37
CA ASP A 121 2.86 5.99 1.91
C ASP A 121 3.87 5.36 0.97
N ALA A 122 4.46 6.15 0.07
CA ALA A 122 5.44 5.60 -0.86
C ALA A 122 6.59 4.93 -0.11
N CYS A 123 6.97 5.46 1.05
CA CYS A 123 8.11 4.93 1.80
C CYS A 123 7.72 3.93 2.87
N ARG A 124 6.44 3.78 3.17
N ARG A 124 6.43 3.79 3.16
CA ARG A 124 6.01 3.07 4.38
CA ARG A 124 5.97 3.07 4.35
C ARG A 124 6.53 1.63 4.41
C ARG A 124 6.49 1.64 4.40
N ASN A 125 6.41 0.91 3.29
CA ASN A 125 6.79 -0.50 3.32
C ASN A 125 8.30 -0.71 3.24
N TYR A 126 9.07 0.36 3.09
CA TYR A 126 10.52 0.23 3.06
C TYR A 126 11.16 0.68 4.37
N THR A 127 10.38 1.06 5.37
CA THR A 127 10.93 1.76 6.52
C THR A 127 10.33 1.22 7.81
N LYS A 128 11.04 1.46 8.91
CA LYS A 128 10.50 1.18 10.24
C LYS A 128 9.57 2.28 10.72
N PHE A 129 9.68 3.48 10.17
CA PHE A 129 8.82 4.61 10.52
C PHE A 129 8.80 5.57 9.34
N SER A 130 7.60 6.01 8.96
CA SER A 130 7.43 6.99 7.91
C SER A 130 6.37 7.98 8.41
N GLY A 131 6.70 9.26 8.48
CA GLY A 131 5.75 10.22 9.02
C GLY A 131 6.01 11.62 8.52
N LYS A 132 5.01 12.47 8.69
CA LYS A 132 5.03 13.83 8.17
C LYS A 132 5.00 14.83 9.32
N CYS A 133 5.74 15.92 9.16
CA CYS A 133 5.68 16.99 10.14
C CYS A 133 4.38 17.77 9.94
N ALA A 134 3.51 17.75 10.96
CA ALA A 134 2.22 18.42 10.80
C ALA A 134 2.35 19.93 10.93
N ASP A 135 3.24 20.41 11.79
CA ASP A 135 3.43 21.84 12.00
C ASP A 135 4.84 22.05 12.56
N LEU A 136 5.19 23.33 12.77
CA LEU A 136 6.54 23.65 13.21
C LEU A 136 6.83 23.07 14.59
N GLU A 137 5.83 23.08 15.46
CA GLU A 137 6.03 22.61 16.82
C GLU A 137 6.31 21.11 16.87
N THR A 138 5.85 20.35 15.87
CA THR A 138 6.04 18.90 15.90
C THR A 138 7.26 18.44 15.14
N ILE A 139 8.04 19.35 14.55
CA ILE A 139 9.24 18.93 13.82
C ILE A 139 10.21 18.16 14.73
N PRO A 140 10.54 18.63 15.94
CA PRO A 140 11.43 17.83 16.78
C PRO A 140 10.91 16.45 17.09
N PHE A 141 9.58 16.32 17.29
CA PHE A 141 9.04 15.01 17.63
C PHE A 141 9.25 14.02 16.49
N ILE A 142 8.92 14.42 15.26
CA ILE A 142 9.06 13.52 14.11
C ILE A 142 10.53 13.19 13.86
N VAL A 143 11.40 14.20 13.94
CA VAL A 143 12.82 13.94 13.74
C VAL A 143 13.34 12.99 14.81
N ASN A 144 12.99 13.25 16.07
CA ASN A 144 13.45 12.37 17.15
C ASN A 144 12.92 10.96 16.97
N LYS A 145 11.64 10.83 16.58
CA LYS A 145 11.08 9.49 16.43
C LYS A 145 11.80 8.71 15.35
N ALA A 146 11.99 9.34 14.18
CA ALA A 146 12.78 8.69 13.13
C ALA A 146 14.17 8.31 13.64
N TYR A 147 14.83 9.22 14.35
CA TYR A 147 16.19 8.95 14.83
C TYR A 147 16.23 7.74 15.77
N GLN A 148 15.39 7.77 16.83
CA GLN A 148 15.39 6.68 17.79
C GLN A 148 15.00 5.36 17.15
N VAL A 149 13.93 5.37 16.34
CA VAL A 149 13.42 4.13 15.76
C VAL A 149 14.46 3.49 14.84
N SER A 150 15.15 4.30 14.03
CA SER A 150 16.10 3.76 13.06
C SER A 150 17.21 2.97 13.75
N LYS A 151 17.65 3.40 14.93
CA LYS A 151 18.77 2.75 15.59
C LYS A 151 18.37 1.65 16.58
N ALA A 152 17.09 1.58 16.98
CA ALA A 152 16.66 0.64 18.01
C ALA A 152 16.48 -0.76 17.43
N GLY A 153 16.56 -1.76 18.31
CA GLY A 153 16.29 -3.14 17.92
C GLY A 153 17.05 -3.53 16.68
N ARG A 154 16.35 -4.10 15.70
CA ARG A 154 16.96 -4.27 14.39
C ARG A 154 17.01 -2.92 13.70
N PRO A 155 18.19 -2.39 13.38
CA PRO A 155 18.25 -1.07 12.74
C PRO A 155 17.64 -1.12 11.35
N GLY A 156 17.20 0.05 10.89
CA GLY A 156 16.65 0.18 9.57
C GLY A 156 16.35 1.62 9.23
N PRO A 157 15.89 1.86 8.00
CA PRO A 157 15.63 3.22 7.54
C PRO A 157 14.29 3.76 8.01
N THR A 158 14.22 5.09 8.07
CA THR A 158 13.02 5.84 8.44
C THR A 158 12.83 6.96 7.43
N TYR A 159 11.61 7.50 7.37
CA TYR A 159 11.30 8.59 6.44
C TYR A 159 10.63 9.74 7.17
N VAL A 160 11.12 10.97 6.92
CA VAL A 160 10.59 12.20 7.49
C VAL A 160 10.17 13.12 6.36
N ASP A 161 8.89 13.52 6.36
CA ASP A 161 8.32 14.37 5.32
C ASP A 161 8.20 15.79 5.83
N LEU A 162 8.72 16.75 5.05
N LEU A 162 8.73 16.74 5.04
CA LEU A 162 8.63 18.16 5.40
CA LEU A 162 8.65 18.17 5.36
C LEU A 162 7.92 18.90 4.27
C LEU A 162 7.92 18.89 4.24
N PRO A 163 6.63 19.17 4.39
CA PRO A 163 5.89 19.84 3.31
C PRO A 163 6.39 21.25 3.07
N ALA A 164 6.21 21.71 1.82
CA ALA A 164 6.75 23.00 1.40
C ALA A 164 6.22 24.15 2.24
N ASP A 165 4.98 24.06 2.71
CA ASP A 165 4.41 25.16 3.49
C ASP A 165 5.00 25.25 4.89
N LEU A 166 5.65 24.18 5.38
CA LEU A 166 6.36 24.25 6.65
C LEU A 166 7.80 24.72 6.50
N ILE A 167 8.46 24.34 5.40
CA ILE A 167 9.86 24.68 5.18
C ILE A 167 10.08 26.18 5.30
N GLN A 168 9.16 26.97 4.72
CA GLN A 168 9.28 28.41 4.69
C GLN A 168 8.42 29.11 5.73
N ALA A 169 7.67 28.36 6.52
CA ALA A 169 6.89 28.95 7.61
C ALA A 169 7.83 29.45 8.71
N THR A 170 7.42 30.53 9.37
CA THR A 170 8.23 31.18 10.40
C THR A 170 7.52 31.13 11.74
N THR A 171 8.33 31.19 12.80
CA THR A 171 7.82 31.30 14.16
C THR A 171 8.89 31.95 15.01
N SER A 172 8.46 32.55 16.12
CA SER A 172 9.38 33.14 17.08
C SER A 172 9.69 32.20 18.23
N LYS A 173 8.92 31.14 18.42
CA LYS A 173 9.07 30.22 19.53
C LYS A 173 9.84 28.98 19.08
N LEU A 174 10.96 28.71 19.75
CA LEU A 174 11.72 27.49 19.48
C LEU A 174 11.03 26.32 20.18
N PRO A 175 10.58 25.31 19.45
CA PRO A 175 10.05 24.12 20.13
C PRO A 175 11.17 23.40 20.85
N LYS A 176 10.79 22.65 21.89
CA LYS A 176 11.76 21.88 22.64
C LYS A 176 12.48 20.91 21.71
N LEU A 177 13.80 20.99 21.69
CA LEU A 177 14.60 20.20 20.76
C LEU A 177 14.88 18.81 21.33
N PRO A 178 15.13 17.81 20.47
CA PRO A 178 15.43 16.47 20.99
C PRO A 178 16.73 16.46 21.76
N GLU A 179 16.81 15.56 22.75
CA GLU A 179 18.05 15.28 23.49
C GLU A 179 18.52 13.87 23.18
N PRO A 180 19.83 13.64 23.09
CA PRO A 180 20.31 12.29 22.78
C PRO A 180 19.83 11.27 23.79
N PHE A 181 19.61 10.05 23.31
CA PHE A 181 19.15 8.95 24.15
C PHE A 181 19.92 7.70 23.77
N GLU A 182 20.62 7.11 24.74
CA GLU A 182 21.42 5.93 24.44
C GLU A 182 20.51 4.74 24.16
N THR A 183 20.77 4.03 23.08
CA THR A 183 19.94 2.90 22.69
C THR A 183 19.98 1.82 23.77
N PRO A 184 18.85 1.48 24.41
CA PRO A 184 18.87 0.36 25.36
C PRO A 184 18.99 -0.96 24.61
N TYR A 185 19.76 -1.86 25.19
CA TYR A 185 19.90 -3.20 24.65
C TYR A 185 19.47 -4.23 25.68
N CYS A 186 19.42 -5.49 25.24
CA CYS A 186 18.98 -6.59 26.07
C CYS A 186 19.99 -7.71 26.04
N LEU A 187 19.76 -8.70 26.89
CA LEU A 187 20.59 -9.88 27.07
C LEU A 187 19.75 -11.14 26.96
N PRO A 188 20.34 -12.26 26.57
CA PRO A 188 19.58 -13.51 26.51
C PRO A 188 19.04 -13.90 27.89
N HIS A 189 17.93 -14.61 27.87
CA HIS A 189 17.42 -15.21 29.11
C HIS A 189 18.44 -16.20 29.64
N THR A 190 18.61 -16.21 30.96
CA THR A 190 19.63 -17.05 31.59
C THR A 190 19.43 -18.53 31.27
N LYS A 191 18.18 -18.99 31.23
CA LYS A 191 17.89 -20.37 30.87
C LYS A 191 18.39 -20.68 29.46
N ASP A 192 18.08 -19.81 28.50
CA ASP A 192 18.57 -20.02 27.14
C ASP A 192 20.09 -19.92 27.08
N LEU A 193 20.66 -18.94 27.79
CA LEU A 193 22.10 -18.77 27.78
C LEU A 193 22.80 -19.98 28.40
N SER A 194 22.24 -20.53 29.47
CA SER A 194 22.83 -21.72 30.08
C SER A 194 22.75 -22.93 29.16
N ALA A 195 21.62 -23.09 28.46
CA ALA A 195 21.49 -24.22 27.54
C ALA A 195 22.47 -24.10 26.39
N ALA A 196 22.66 -22.88 25.87
CA ALA A 196 23.61 -22.69 24.77
C ALA A 196 25.03 -22.99 25.24
N ILE A 197 25.36 -22.62 26.47
CA ILE A 197 26.70 -22.88 26.99
C ILE A 197 26.95 -24.38 27.10
N GLU A 198 25.95 -25.13 27.57
CA GLU A 198 26.10 -26.58 27.65
C GLU A 198 26.26 -27.21 26.27
N ILE A 199 25.50 -26.73 25.28
CA ILE A 199 25.64 -27.23 23.92
C ILE A 199 27.07 -27.06 23.42
N LEU A 200 27.65 -25.88 23.64
CA LEU A 200 29.03 -25.63 23.24
C LEU A 200 30.01 -26.52 24.00
N LYS A 201 29.79 -26.71 25.31
CA LYS A 201 30.72 -27.52 26.10
C LYS A 201 30.83 -28.93 25.55
N ASN A 202 29.71 -29.50 25.10
CA ASN A 202 29.67 -30.88 24.61
C ASN A 202 30.04 -30.99 23.13
N SER A 203 30.37 -29.89 22.47
CA SER A 203 30.56 -29.92 21.03
C SER A 203 31.97 -30.39 20.69
N LYS A 204 32.09 -31.03 19.53
CA LYS A 204 33.37 -31.43 18.97
C LYS A 204 33.82 -30.53 17.84
N ARG A 205 32.87 -30.01 17.04
CA ARG A 205 33.17 -29.16 15.90
C ARG A 205 32.29 -27.92 15.90
N PRO A 206 32.52 -27.00 16.82
CA PRO A 206 31.74 -25.77 16.85
C PRO A 206 32.23 -24.78 15.81
N LEU A 207 31.31 -23.98 15.30
CA LEU A 207 31.61 -23.00 14.25
C LEU A 207 30.85 -21.73 14.55
N LEU A 208 31.58 -20.64 14.75
CA LEU A 208 30.97 -19.31 14.86
C LEU A 208 30.78 -18.73 13.46
N VAL A 209 29.53 -18.46 13.09
CA VAL A 209 29.23 -17.78 11.83
C VAL A 209 28.99 -16.32 12.17
N VAL A 210 29.88 -15.44 11.71
CA VAL A 210 29.90 -14.05 12.12
C VAL A 210 29.42 -13.20 10.96
N GLY A 211 28.26 -12.54 11.13
CA GLY A 211 27.68 -11.72 10.09
C GLY A 211 27.84 -10.23 10.37
N LYS A 212 27.29 -9.42 9.45
CA LYS A 212 27.48 -7.99 9.57
C LYS A 212 26.64 -7.37 10.68
N GLY A 213 25.75 -8.14 11.30
CA GLY A 213 25.16 -7.68 12.55
C GLY A 213 26.20 -7.62 13.65
N ALA A 214 27.13 -8.58 13.66
CA ALA A 214 28.21 -8.56 14.63
C ALA A 214 29.16 -7.38 14.42
N THR A 215 29.53 -7.09 13.17
CA THR A 215 30.42 -5.95 12.95
C THR A 215 29.72 -4.63 13.24
N TYR A 216 28.44 -4.52 12.87
CA TYR A 216 27.67 -3.32 13.21
C TYR A 216 27.66 -3.08 14.72
N SER A 217 27.42 -4.14 15.50
CA SER A 217 27.36 -4.01 16.94
C SER A 217 28.74 -3.87 17.56
N ARG A 218 29.81 -3.99 16.77
CA ARG A 218 31.19 -3.73 17.20
C ARG A 218 31.64 -4.71 18.29
N CYS A 219 31.48 -6.00 18.01
CA CYS A 219 31.85 -7.03 18.98
C CYS A 219 33.26 -7.58 18.76
N GLU A 220 34.11 -6.90 17.99
CA GLU A 220 35.40 -7.48 17.61
C GLU A 220 36.26 -7.89 18.81
N ASN A 221 36.31 -7.06 19.85
CA ASN A 221 37.15 -7.40 21.01
C ASN A 221 36.65 -8.66 21.71
N GLU A 222 35.34 -8.74 21.96
CA GLU A 222 34.77 -9.90 22.65
C GLU A 222 34.91 -11.17 21.82
N LEU A 223 34.71 -11.04 20.50
CA LEU A 223 34.84 -12.21 19.62
C LEU A 223 36.29 -12.71 19.59
N LYS A 224 37.24 -11.78 19.48
CA LYS A 224 38.65 -12.17 19.46
C LYS A 224 39.03 -12.88 20.75
N ALA A 225 38.59 -12.34 21.90
CA ALA A 225 38.95 -12.96 23.17
C ALA A 225 38.42 -14.38 23.26
N LEU A 226 37.18 -14.59 22.81
CA LEU A 226 36.60 -15.93 22.86
C LEU A 226 37.27 -16.87 21.88
N VAL A 227 37.38 -16.45 20.61
CA VAL A 227 37.99 -17.29 19.58
C VAL A 227 39.39 -17.70 19.98
N GLU A 228 40.17 -16.78 20.52
CA GLU A 228 41.57 -17.08 20.78
C GLU A 228 41.82 -17.78 22.10
N GLU A 229 40.93 -17.67 23.09
CA GLU A 229 41.17 -18.40 24.33
C GLU A 229 40.79 -19.87 24.19
N PHE A 230 39.74 -20.18 23.45
CA PHE A 230 39.26 -21.55 23.34
C PHE A 230 39.44 -22.13 21.94
N ASN A 231 40.17 -21.45 21.07
CA ASN A 231 40.43 -21.91 19.70
C ASN A 231 39.13 -22.32 19.00
N VAL A 232 38.22 -21.35 18.88
CA VAL A 232 36.90 -21.60 18.31
C VAL A 232 36.94 -21.20 16.84
N PRO A 233 36.78 -22.14 15.90
CA PRO A 233 36.70 -21.77 14.48
C PRO A 233 35.55 -20.81 14.21
N PHE A 234 35.80 -19.87 13.30
CA PHE A 234 34.81 -18.89 12.92
C PHE A 234 34.85 -18.71 11.40
N LEU A 235 33.75 -18.21 10.87
CA LEU A 235 33.55 -18.01 9.45
C LEU A 235 32.81 -16.68 9.25
N PRO A 236 33.44 -15.68 8.64
CA PRO A 236 32.74 -14.40 8.41
C PRO A 236 31.94 -14.37 7.11
N THR A 237 30.74 -13.76 7.19
CA THR A 237 30.04 -13.37 5.98
C THR A 237 30.83 -12.25 5.31
N PRO A 238 30.48 -11.89 4.05
CA PRO A 238 31.38 -11.01 3.28
C PRO A 238 31.66 -9.65 3.92
N MET A 239 30.67 -8.95 4.44
CA MET A 239 31.01 -7.66 5.04
C MET A 239 31.58 -7.81 6.45
N ALA A 240 31.47 -9.00 7.03
CA ALA A 240 32.12 -9.26 8.31
C ALA A 240 33.60 -9.62 8.16
N LYS A 241 34.08 -9.86 6.94
CA LYS A 241 35.50 -10.12 6.73
C LYS A 241 36.34 -9.01 7.35
N GLY A 242 37.35 -9.41 8.11
CA GLY A 242 38.21 -8.47 8.79
C GLY A 242 37.89 -8.27 10.26
N ILE A 243 36.71 -8.68 10.72
CA ILE A 243 36.39 -8.50 12.14
C ILE A 243 37.47 -9.15 13.00
N LEU A 244 37.91 -10.34 12.58
CA LEU A 244 39.25 -10.87 12.80
C LEU A 244 39.90 -11.00 11.41
N PRO A 245 41.22 -10.97 11.31
CA PRO A 245 41.84 -10.95 9.97
C PRO A 245 41.46 -12.19 9.15
N ASP A 246 41.49 -12.04 7.83
CA ASP A 246 41.21 -13.18 6.97
C ASP A 246 42.23 -14.30 7.14
N ASN A 247 43.46 -13.97 7.53
CA ASN A 247 44.48 -15.00 7.72
C ASN A 247 44.60 -15.43 9.17
N HIS A 248 43.58 -15.15 10.00
CA HIS A 248 43.61 -15.59 11.37
C HIS A 248 43.62 -17.12 11.42
N SER A 249 44.37 -17.66 12.38
CA SER A 249 44.58 -19.10 12.44
C SER A 249 43.28 -19.88 12.70
N LEU A 250 42.24 -19.24 13.21
CA LEU A 250 40.97 -19.92 13.45
C LEU A 250 39.92 -19.62 12.37
N ASN A 251 40.29 -18.89 11.32
CA ASN A 251 39.34 -18.53 10.25
C ASN A 251 39.13 -19.73 9.33
N ALA A 252 37.89 -20.21 9.25
CA ALA A 252 37.52 -21.31 8.37
C ALA A 252 37.04 -20.85 6.99
N GLY A 253 37.19 -19.56 6.68
CA GLY A 253 36.62 -19.02 5.45
C GLY A 253 37.03 -19.74 4.18
N SER A 254 38.26 -20.25 4.14
CA SER A 254 38.78 -20.90 2.94
C SER A 254 38.25 -22.33 2.75
N ALA A 255 37.50 -22.85 3.72
CA ALA A 255 36.83 -24.13 3.60
C ALA A 255 35.37 -23.98 4.02
N ARG A 256 34.71 -22.96 3.45
CA ARG A 256 33.42 -22.53 3.95
C ARG A 256 32.38 -23.65 3.87
N SER A 257 32.24 -24.26 2.68
CA SER A 257 31.19 -25.27 2.52
C SER A 257 31.45 -26.47 3.40
N LEU A 258 32.71 -26.89 3.52
CA LEU A 258 33.01 -28.06 4.35
C LEU A 258 32.80 -27.76 5.83
N ALA A 259 33.25 -26.59 6.30
CA ALA A 259 33.09 -26.25 7.70
C ALA A 259 31.62 -26.23 8.10
N LEU A 260 30.75 -25.72 7.21
CA LEU A 260 29.33 -25.65 7.54
C LEU A 260 28.68 -27.03 7.55
N ARG A 261 29.09 -27.92 6.63
CA ARG A 261 28.50 -29.25 6.58
C ARG A 261 28.91 -30.09 7.77
N LYS A 262 30.15 -29.95 8.22
CA LYS A 262 30.73 -30.85 9.21
C LYS A 262 30.61 -30.37 10.64
N ALA A 263 30.21 -29.11 10.87
CA ALA A 263 30.15 -28.61 12.23
C ALA A 263 28.99 -29.26 12.97
N ASP A 264 29.20 -29.55 14.25
CA ASP A 264 28.10 -30.11 15.05
C ASP A 264 27.36 -29.05 15.87
N VAL A 265 27.92 -27.85 15.98
CA VAL A 265 27.24 -26.71 16.60
C VAL A 265 27.58 -25.48 15.77
N ILE A 266 26.57 -24.69 15.44
CA ILE A 266 26.77 -23.43 14.73
C ILE A 266 26.19 -22.33 15.60
N VAL A 267 26.98 -21.29 15.85
CA VAL A 267 26.52 -20.11 16.58
C VAL A 267 26.41 -18.99 15.58
N LEU A 268 25.18 -18.58 15.25
CA LEU A 268 24.96 -17.49 14.30
C LEU A 268 25.04 -16.16 15.05
N LEU A 269 26.06 -15.37 14.74
CA LEU A 269 26.28 -14.08 15.41
C LEU A 269 25.98 -12.98 14.41
N GLY A 270 24.76 -12.44 14.47
CA GLY A 270 24.37 -11.38 13.57
C GLY A 270 24.36 -11.78 12.11
N ALA A 271 23.75 -12.92 11.81
CA ALA A 271 23.70 -13.42 10.45
C ALA A 271 22.41 -14.19 10.28
N ARG A 272 21.76 -14.03 9.14
CA ARG A 272 20.48 -14.68 8.91
C ARG A 272 20.66 -15.91 8.03
N LEU A 273 19.80 -16.91 8.25
CA LEU A 273 19.72 -18.05 7.37
C LEU A 273 18.83 -17.72 6.18
N ASN A 274 19.11 -16.60 5.51
CA ASN A 274 18.38 -16.23 4.30
C ASN A 274 19.11 -16.79 3.09
N TRP A 275 18.95 -16.16 1.92
CA TRP A 275 19.53 -16.73 0.71
C TRP A 275 21.04 -16.88 0.80
N MET A 276 21.72 -16.03 1.57
CA MET A 276 23.18 -16.07 1.63
C MET A 276 23.68 -17.35 2.29
N MET A 277 22.88 -17.96 3.17
CA MET A 277 23.19 -19.25 3.75
C MET A 277 22.37 -20.38 3.13
N GLN A 278 21.79 -20.14 1.94
CA GLN A 278 20.93 -21.13 1.28
C GLN A 278 19.84 -21.63 2.22
N PHE A 279 19.28 -20.70 3.00
CA PHE A 279 18.15 -20.96 3.91
C PHE A 279 18.46 -22.06 4.93
N GLY A 280 19.74 -22.40 5.11
CA GLY A 280 20.09 -23.50 5.99
C GLY A 280 19.93 -24.87 5.35
N ASN A 281 19.61 -24.93 4.06
CA ASN A 281 19.31 -26.20 3.41
C ASN A 281 20.51 -27.14 3.35
N ARG A 282 21.73 -26.62 3.39
CA ARG A 282 22.91 -27.47 3.26
C ARG A 282 23.49 -27.87 4.60
N LEU A 283 22.95 -27.37 5.71
CA LEU A 283 23.41 -27.79 7.02
C LEU A 283 22.98 -29.21 7.32
N ASN A 284 23.88 -29.97 7.94
CA ASN A 284 23.54 -31.29 8.46
C ASN A 284 22.38 -31.14 9.44
N PRO A 285 21.28 -31.87 9.28
CA PRO A 285 20.14 -31.72 10.19
C PRO A 285 20.48 -32.02 11.64
N GLN A 286 21.55 -32.77 11.90
CA GLN A 286 21.94 -33.05 13.28
C GLN A 286 22.77 -31.93 13.91
N THR A 287 23.16 -30.92 13.16
CA THR A 287 23.89 -29.81 13.75
C THR A 287 22.97 -29.01 14.67
N LYS A 288 23.45 -28.72 15.87
CA LYS A 288 22.70 -27.85 16.78
C LYS A 288 23.02 -26.39 16.46
N ILE A 289 21.99 -25.57 16.42
CA ILE A 289 22.11 -24.18 15.98
C ILE A 289 21.74 -23.26 17.12
N ILE A 290 22.66 -22.38 17.49
CA ILE A 290 22.41 -21.30 18.46
C ILE A 290 22.39 -20.00 17.68
N HIS A 291 21.30 -19.25 17.78
CA HIS A 291 21.09 -18.04 16.99
C HIS A 291 21.06 -16.84 17.91
N VAL A 292 21.99 -15.92 17.70
CA VAL A 292 22.07 -14.69 18.51
C VAL A 292 21.57 -13.55 17.63
N ASP A 293 20.40 -13.01 17.98
CA ASP A 293 19.84 -11.92 17.19
C ASP A 293 19.01 -11.03 18.10
N ILE A 294 18.91 -9.75 17.72
CA ILE A 294 18.05 -8.80 18.41
C ILE A 294 16.61 -8.81 17.89
N SER A 295 16.34 -9.50 16.78
CA SER A 295 15.00 -9.57 16.21
C SER A 295 14.43 -10.94 16.53
N PRO A 296 13.54 -11.05 17.53
CA PRO A 296 13.05 -12.39 17.92
C PRO A 296 12.18 -13.04 16.86
N GLU A 297 11.59 -12.26 15.95
CA GLU A 297 10.84 -12.85 14.85
C GLU A 297 11.74 -13.64 13.90
N GLU A 298 13.07 -13.56 14.06
CA GLU A 298 13.99 -14.25 13.18
C GLU A 298 14.20 -15.72 13.56
N PHE A 299 13.84 -16.12 14.78
CA PHE A 299 14.21 -17.44 15.30
C PHE A 299 13.30 -18.54 14.78
N ASN A 300 13.92 -19.63 14.31
CA ASN A 300 13.21 -20.87 14.00
C ASN A 300 12.19 -20.69 12.87
N ILE A 301 12.63 -20.05 11.77
CA ILE A 301 11.73 -19.80 10.64
C ILE A 301 12.12 -20.66 9.45
N ASN A 302 13.31 -20.40 8.87
CA ASN A 302 13.73 -21.18 7.70
C ASN A 302 14.27 -22.54 8.09
N LYS A 303 14.78 -22.68 9.30
N LYS A 303 14.80 -22.69 9.29
CA LYS A 303 15.54 -23.85 9.73
CA LYS A 303 15.46 -23.91 9.69
C LYS A 303 15.27 -24.05 11.21
C LYS A 303 15.32 -24.06 11.19
N LYS A 304 15.11 -25.30 11.64
CA LYS A 304 14.94 -25.57 13.06
C LYS A 304 16.23 -25.22 13.79
N ILE A 305 16.09 -24.46 14.88
CA ILE A 305 17.24 -24.13 15.71
C ILE A 305 16.99 -24.66 17.11
N ASP A 306 18.08 -24.83 17.85
CA ASP A 306 17.99 -25.33 19.22
C ASP A 306 17.73 -24.21 20.23
N ILE A 307 18.48 -23.12 20.12
CA ILE A 307 18.40 -22.03 21.09
C ILE A 307 18.41 -20.72 20.33
N GLY A 308 17.43 -19.86 20.63
CA GLY A 308 17.46 -18.48 20.20
C GLY A 308 17.91 -17.60 21.35
N LEU A 309 19.04 -16.93 21.16
CA LEU A 309 19.60 -16.04 22.17
C LEU A 309 19.18 -14.62 21.80
N PHE A 310 18.17 -14.11 22.48
CA PHE A 310 17.58 -12.81 22.23
C PHE A 310 18.40 -11.77 22.98
N GLY A 311 19.35 -11.14 22.30
CA GLY A 311 20.25 -10.26 23.02
C GLY A 311 21.27 -9.59 22.12
N ASN A 312 21.93 -8.60 22.70
CA ASN A 312 22.98 -7.86 22.02
C ASN A 312 24.21 -8.73 21.80
N ILE A 313 24.73 -8.74 20.58
CA ILE A 313 25.83 -9.64 20.24
C ILE A 313 27.06 -9.46 21.13
N PRO A 314 27.57 -8.23 21.36
CA PRO A 314 28.83 -8.13 22.13
C PRO A 314 28.72 -8.72 23.53
N GLU A 315 27.69 -8.34 24.27
CA GLU A 315 27.49 -8.88 25.60
C GLU A 315 27.19 -10.37 25.57
N THR A 316 26.49 -10.84 24.54
CA THR A 316 26.16 -12.26 24.49
C THR A 316 27.39 -13.12 24.26
N ILE A 317 28.30 -12.68 23.38
CA ILE A 317 29.57 -13.37 23.21
C ILE A 317 30.29 -13.46 24.56
N GLU A 318 30.34 -12.34 25.28
CA GLU A 318 31.07 -12.32 26.53
C GLU A 318 30.43 -13.26 27.55
N LEU A 319 29.09 -13.29 27.58
CA LEU A 319 28.40 -14.18 28.51
C LEU A 319 28.69 -15.64 28.19
N ILE A 320 28.72 -15.99 26.91
CA ILE A 320 29.09 -17.34 26.50
C ILE A 320 30.53 -17.64 26.87
N HIS A 321 31.42 -16.67 26.64
CA HIS A 321 32.83 -16.82 27.02
C HIS A 321 32.97 -17.04 28.53
N GLN A 322 32.26 -16.24 29.32
CA GLN A 322 32.29 -16.44 30.77
C GLN A 322 31.72 -17.81 31.15
N GLY A 323 30.65 -18.24 30.48
CA GLY A 323 30.10 -19.56 30.77
C GLY A 323 31.11 -20.67 30.59
N LEU A 324 31.90 -20.60 29.52
CA LEU A 324 32.93 -21.61 29.28
C LEU A 324 34.06 -21.52 30.29
N LYS A 325 34.36 -20.31 30.79
CA LYS A 325 35.43 -20.19 31.79
C LYS A 325 34.98 -20.70 33.15
N LYS A 326 33.68 -20.68 33.42
CA LYS A 326 33.19 -21.00 34.76
C LYS A 326 33.56 -22.41 35.17
N SER A 327 33.58 -23.35 34.22
CA SER A 327 33.89 -24.74 34.55
C SER A 327 35.35 -24.95 34.89
N GLY A 328 36.24 -24.03 34.50
CA GLY A 328 37.65 -24.21 34.69
C GLY A 328 38.30 -25.19 33.74
N LYS A 329 37.52 -25.86 32.90
CA LYS A 329 38.08 -26.77 31.91
C LYS A 329 38.77 -26.00 30.80
N SER A 330 39.71 -26.65 30.13
CA SER A 330 40.55 -26.02 29.13
C SER A 330 40.13 -26.47 27.74
N TYR A 331 38.98 -25.97 27.29
CA TYR A 331 38.45 -26.34 25.99
C TYR A 331 39.38 -25.84 24.88
N SER A 332 39.50 -26.63 23.82
CA SER A 332 40.17 -26.19 22.61
C SER A 332 39.57 -26.92 21.42
N TRP A 333 39.17 -26.17 20.40
CA TRP A 333 38.59 -26.76 19.21
C TRP A 333 39.47 -26.54 17.99
N ILE A 334 40.77 -26.33 18.19
CA ILE A 334 41.67 -26.15 17.06
C ILE A 334 41.68 -27.40 16.18
N HIS A 335 41.37 -28.56 16.76
CA HIS A 335 41.33 -29.80 15.99
C HIS A 335 40.36 -29.68 14.81
N PHE A 336 39.21 -29.04 15.01
CA PHE A 336 38.25 -28.89 13.91
C PHE A 336 38.85 -28.06 12.78
N LYS A 337 39.47 -26.92 13.12
CA LYS A 337 40.14 -26.11 12.11
C LYS A 337 41.24 -26.91 11.41
N ASN A 338 42.03 -27.67 12.19
CA ASN A 338 43.08 -28.47 11.58
C ASN A 338 42.51 -29.48 10.58
N GLU A 339 41.32 -30.01 10.86
CA GLU A 339 40.69 -30.97 9.95
C GLU A 339 40.30 -30.34 8.63
N LEU A 340 40.08 -29.02 8.60
CA LEU A 340 39.71 -28.34 7.37
C LEU A 340 40.93 -28.04 6.50
N GLN A 341 42.13 -28.32 6.98
CA GLN A 341 43.32 -27.92 6.23
C GLN A 341 43.42 -28.61 4.88
N PRO A 342 43.19 -29.92 4.75
CA PRO A 342 43.28 -30.52 3.40
C PRO A 342 42.34 -29.90 2.38
N ASN A 343 41.11 -29.56 2.78
CA ASN A 343 40.20 -28.91 1.85
C ASN A 343 40.66 -27.50 1.49
N ILE A 344 41.30 -26.80 2.43
CA ILE A 344 41.84 -25.47 2.14
C ILE A 344 42.94 -25.56 1.08
N GLU A 345 43.75 -26.61 1.12
CA GLU A 345 44.85 -26.74 0.16
C GLU A 345 44.36 -27.16 -1.22
N LYS A 346 43.29 -27.98 -1.29
CA LYS A 346 42.66 -28.25 -2.59
C LYS A 346 42.08 -26.98 -3.19
N ASN A 347 41.42 -26.15 -2.38
CA ASN A 347 40.85 -24.91 -2.91
C ASN A 347 41.95 -23.96 -3.35
N GLN A 348 43.05 -23.91 -2.61
CA GLN A 348 44.20 -23.12 -3.03
C GLN A 348 44.75 -23.63 -4.36
N GLU A 349 44.81 -24.95 -4.54
CA GLU A 349 45.34 -25.52 -5.78
C GLU A 349 44.43 -25.17 -6.96
N LYS A 350 43.11 -25.11 -6.73
CA LYS A 350 42.19 -24.71 -7.79
C LYS A 350 42.40 -23.26 -8.17
N LEU A 351 42.57 -22.39 -7.18
CA LEU A 351 42.85 -20.99 -7.47
C LEU A 351 44.14 -20.83 -8.27
N GLN A 352 45.16 -21.62 -7.96
CA GLN A 352 46.44 -21.50 -8.66
C GLN A 352 46.29 -21.79 -10.15
N LYS A 353 45.36 -22.66 -10.53
CA LYS A 353 45.12 -22.94 -11.94
C LYS A 353 44.64 -21.70 -12.68
N PHE A 354 43.81 -20.89 -12.04
CA PHE A 354 43.43 -19.61 -12.63
C PHE A 354 44.63 -18.68 -12.72
N LEU A 355 45.44 -18.63 -11.67
CA LEU A 355 46.55 -17.69 -11.62
C LEU A 355 47.60 -17.99 -12.68
N THR A 356 47.76 -19.25 -13.07
CA THR A 356 48.75 -19.64 -14.06
C THR A 356 48.14 -19.85 -15.45
N ALA A 357 46.87 -19.48 -15.66
CA ALA A 357 46.29 -19.60 -16.99
C ALA A 357 47.10 -18.75 -17.97
N PRO A 358 47.24 -19.19 -19.22
CA PRO A 358 47.96 -18.36 -20.19
C PRO A 358 47.22 -17.05 -20.42
N LEU A 359 47.98 -15.99 -20.70
CA LEU A 359 47.37 -14.71 -21.01
C LEU A 359 46.67 -14.80 -22.36
N SER A 360 45.60 -14.02 -22.49
CA SER A 360 44.66 -14.20 -23.60
C SER A 360 44.76 -13.25 -24.80
N PRO A 361 45.65 -12.24 -24.86
CA PRO A 361 46.81 -11.86 -24.03
C PRO A 361 46.44 -11.11 -22.76
N LEU A 362 45.16 -10.90 -22.48
CA LEU A 362 44.78 -10.19 -21.26
C LEU A 362 44.77 -11.14 -20.06
N MET A 363 44.77 -10.55 -18.87
CA MET A 363 44.58 -11.28 -17.61
C MET A 363 43.12 -11.71 -17.47
N ASN A 364 42.90 -12.71 -16.61
CA ASN A 364 41.55 -13.05 -16.18
C ASN A 364 41.29 -12.38 -14.84
N HIS A 365 40.05 -12.53 -14.35
CA HIS A 365 39.65 -11.89 -13.09
C HIS A 365 40.66 -12.17 -11.97
N GLN A 366 41.00 -13.46 -11.79
CA GLN A 366 41.85 -13.89 -10.68
C GLN A 366 43.26 -13.30 -10.80
N GLN A 367 43.83 -13.31 -12.02
CA GLN A 367 45.17 -12.76 -12.22
C GLN A 367 45.21 -11.27 -11.93
N ALA A 368 44.19 -10.53 -12.37
CA ALA A 368 44.17 -9.08 -12.13
C ALA A 368 43.99 -8.78 -10.65
N LEU A 369 43.08 -9.47 -9.99
CA LEU A 369 42.80 -9.15 -8.59
C LEU A 369 43.88 -9.68 -7.66
N ASN A 370 44.57 -10.76 -8.04
CA ASN A 370 45.71 -11.20 -7.26
C ASN A 370 46.83 -10.17 -7.29
N THR A 371 47.06 -9.54 -8.45
CA THR A 371 48.06 -8.47 -8.51
C THR A 371 47.65 -7.28 -7.65
N VAL A 372 46.36 -6.92 -7.68
CA VAL A 372 45.86 -5.85 -6.84
C VAL A 372 46.14 -6.15 -5.37
N GLU A 373 45.80 -7.36 -4.92
CA GLU A 373 46.01 -7.72 -3.52
C GLU A 373 47.48 -7.64 -3.13
N GLU A 374 48.38 -8.18 -3.96
CA GLU A 374 49.81 -8.05 -3.66
C GLU A 374 50.20 -6.59 -3.52
N VAL A 375 49.75 -5.73 -4.44
CA VAL A 375 50.13 -4.32 -4.38
C VAL A 375 49.55 -3.67 -3.12
N LEU A 376 48.26 -3.88 -2.86
CA LEU A 376 47.61 -3.23 -1.72
C LEU A 376 48.14 -3.76 -0.38
N SER A 377 48.41 -5.06 -0.30
CA SER A 377 48.97 -5.62 0.93
C SER A 377 50.32 -4.99 1.28
N LYS A 378 51.22 -4.91 0.29
CA LYS A 378 52.53 -4.33 0.54
C LYS A 378 52.41 -2.87 0.96
N GLN A 379 51.49 -2.13 0.36
CA GLN A 379 51.43 -0.69 0.61
C GLN A 379 50.74 -0.37 1.94
N PHE A 380 49.65 -1.07 2.29
CA PHE A 380 48.82 -0.69 3.41
C PHE A 380 48.83 -1.67 4.58
N ASN A 381 49.32 -2.89 4.37
CA ASN A 381 49.42 -3.90 5.42
C ASN A 381 48.08 -4.08 6.14
N GLY A 382 47.02 -4.17 5.35
CA GLY A 382 45.68 -4.37 5.86
C GLY A 382 44.93 -3.12 6.26
N ASP A 383 45.59 -1.97 6.34
CA ASP A 383 44.96 -0.75 6.88
C ASP A 383 44.51 0.17 5.75
N TYR A 384 43.34 -0.13 5.20
CA TYR A 384 42.67 0.77 4.25
C TYR A 384 41.20 0.40 4.24
N PHE A 385 40.45 0.93 3.29
CA PHE A 385 39.01 0.72 3.21
C PHE A 385 38.66 0.26 1.81
N LEU A 386 37.89 -0.83 1.72
CA LEU A 386 37.57 -1.50 0.47
C LEU A 386 36.08 -1.43 0.18
N VAL A 387 35.73 -1.02 -1.04
CA VAL A 387 34.37 -1.16 -1.56
C VAL A 387 34.43 -2.15 -2.72
N SER A 388 33.46 -3.05 -2.78
CA SER A 388 33.52 -4.16 -3.73
C SER A 388 32.16 -4.37 -4.36
N GLU A 389 32.09 -4.38 -5.69
CA GLU A 389 30.79 -4.46 -6.34
C GLU A 389 30.94 -5.00 -7.75
N GLY A 390 30.02 -5.86 -8.15
CA GLY A 390 30.09 -6.53 -9.42
C GLY A 390 29.52 -7.92 -9.27
N ALA A 391 29.70 -8.74 -10.30
CA ALA A 391 29.32 -10.14 -10.19
C ALA A 391 30.57 -10.99 -10.04
N ARG A 392 31.22 -11.35 -11.15
CA ARG A 392 32.45 -12.13 -11.03
C ARG A 392 33.55 -11.32 -10.36
N THR A 393 33.63 -10.01 -10.67
CA THR A 393 34.59 -9.15 -9.98
C THR A 393 34.41 -9.20 -8.47
N MET A 394 33.16 -9.17 -7.99
CA MET A 394 32.95 -9.14 -6.54
C MET A 394 33.30 -10.49 -5.90
N ASP A 395 32.88 -11.60 -6.52
CA ASP A 395 33.18 -12.92 -5.97
C ASP A 395 34.68 -13.16 -5.92
N VAL A 396 35.40 -12.77 -6.96
CA VAL A 396 36.85 -13.00 -6.96
C VAL A 396 37.55 -12.04 -6.01
N THR A 397 37.01 -10.84 -5.85
CA THR A 397 37.56 -9.93 -4.84
C THR A 397 37.36 -10.48 -3.44
N ARG A 398 36.21 -11.13 -3.20
N ARG A 398 36.21 -11.13 -3.20
CA ARG A 398 35.96 -11.76 -1.92
CA ARG A 398 35.96 -11.77 -1.91
C ARG A 398 36.95 -12.89 -1.64
C ARG A 398 36.97 -12.88 -1.64
N MET A 399 37.37 -13.60 -2.69
CA MET A 399 38.32 -14.69 -2.50
C MET A 399 39.76 -14.20 -2.38
N LEU A 400 40.11 -13.11 -3.06
CA LEU A 400 41.52 -12.77 -3.24
C LEU A 400 41.96 -11.51 -2.50
N VAL A 401 41.07 -10.56 -2.24
CA VAL A 401 41.44 -9.29 -1.61
C VAL A 401 41.06 -9.37 -0.14
N SER A 402 42.06 -9.41 0.72
CA SER A 402 41.85 -9.77 2.13
C SER A 402 41.52 -8.55 2.98
N SER A 403 40.79 -8.80 4.06
CA SER A 403 40.48 -7.78 5.04
C SER A 403 41.13 -8.14 6.37
N HIS A 404 41.58 -7.12 7.10
CA HIS A 404 42.33 -7.36 8.32
C HIS A 404 41.82 -6.56 9.51
N LEU A 405 40.89 -5.63 9.31
CA LEU A 405 40.28 -4.80 10.35
C LEU A 405 38.77 -4.78 10.18
N PRO A 406 38.03 -4.54 11.27
CA PRO A 406 36.56 -4.55 11.20
C PRO A 406 36.01 -3.33 10.50
N ARG A 407 34.93 -3.55 9.74
CA ARG A 407 34.18 -2.47 9.09
C ARG A 407 35.08 -1.68 8.13
N ARG A 408 35.92 -2.40 7.38
CA ARG A 408 36.70 -1.79 6.33
C ARG A 408 36.33 -2.37 4.96
N ARG A 409 35.08 -2.82 4.82
CA ARG A 409 34.67 -3.55 3.62
C ARG A 409 33.16 -3.42 3.46
N LEU A 410 32.72 -2.93 2.30
CA LEU A 410 31.31 -2.87 1.95
C LEU A 410 31.13 -3.48 0.56
N ASP A 411 30.05 -4.22 0.36
CA ASP A 411 29.81 -4.82 -0.95
C ASP A 411 28.31 -4.79 -1.23
N ALA A 412 27.88 -5.57 -2.23
CA ALA A 412 26.51 -5.51 -2.73
C ALA A 412 25.48 -5.98 -1.71
N GLY A 413 25.91 -6.66 -0.65
CA GLY A 413 25.04 -6.88 0.49
C GLY A 413 23.83 -7.78 0.25
N THR A 414 22.85 -7.62 1.13
CA THR A 414 21.71 -8.55 1.16
C THR A 414 20.88 -8.46 -0.13
N LEU A 415 20.88 -7.32 -0.80
CA LEU A 415 20.16 -7.19 -2.06
C LEU A 415 20.95 -7.64 -3.28
N GLY A 416 22.27 -7.81 -3.16
CA GLY A 416 23.08 -7.95 -4.36
C GLY A 416 22.88 -6.80 -5.32
N VAL A 417 22.82 -5.58 -4.81
CA VAL A 417 22.47 -4.41 -5.61
C VAL A 417 23.73 -3.86 -6.28
N MET A 418 23.65 -3.66 -7.59
CA MET A 418 24.66 -2.86 -8.29
C MET A 418 24.28 -1.39 -8.19
N GLY A 419 25.30 -0.54 -8.09
CA GLY A 419 25.08 0.88 -7.98
C GLY A 419 25.42 1.48 -6.63
N ILE A 420 25.87 0.66 -5.68
CA ILE A 420 26.27 1.18 -4.37
C ILE A 420 27.73 1.63 -4.34
N GLY A 421 28.50 1.35 -5.38
CA GLY A 421 29.96 1.53 -5.36
C GLY A 421 30.43 2.89 -4.90
N LEU A 422 30.02 3.95 -5.61
CA LEU A 422 30.55 5.27 -5.30
C LEU A 422 29.92 5.85 -4.04
N GLY A 423 28.63 5.61 -3.80
CA GLY A 423 28.04 6.07 -2.56
C GLY A 423 28.71 5.47 -1.34
N TYR A 424 28.97 4.16 -1.38
CA TYR A 424 29.63 3.51 -0.26
C TYR A 424 31.05 4.04 -0.07
N ALA A 425 31.74 4.32 -1.18
CA ALA A 425 33.09 4.86 -1.11
C ALA A 425 33.10 6.26 -0.50
N LEU A 426 32.09 7.08 -0.82
CA LEU A 426 31.96 8.39 -0.18
C LEU A 426 31.79 8.22 1.32
N ALA A 427 30.86 7.36 1.74
CA ALA A 427 30.65 7.11 3.16
C ALA A 427 31.92 6.62 3.84
N GLY A 428 32.66 5.72 3.18
CA GLY A 428 33.87 5.19 3.80
C GLY A 428 34.93 6.26 3.96
N GLN A 429 35.14 7.07 2.92
CA GLN A 429 36.16 8.11 3.01
C GLN A 429 35.80 9.15 4.06
N LEU A 430 34.52 9.51 4.16
CA LEU A 430 34.11 10.49 5.16
C LEU A 430 34.26 9.95 6.58
N THR A 431 34.11 8.63 6.76
CA THR A 431 34.29 8.04 8.07
C THR A 431 35.77 7.87 8.41
N HIS A 432 36.61 7.70 7.41
CA HIS A 432 38.05 7.49 7.60
C HIS A 432 38.83 8.47 6.74
N PRO A 433 38.84 9.75 7.10
CA PRO A 433 39.52 10.74 6.26
C PRO A 433 41.01 10.53 6.17
N ASP A 434 41.60 9.82 7.12
CA ASP A 434 43.04 9.56 7.17
C ASP A 434 43.41 8.22 6.53
N LYS A 435 42.46 7.53 5.89
CA LYS A 435 42.73 6.25 5.26
C LYS A 435 42.42 6.33 3.77
N LYS A 436 43.06 5.45 3.01
CA LYS A 436 42.79 5.35 1.58
C LYS A 436 41.59 4.43 1.36
N VAL A 437 40.74 4.81 0.40
CA VAL A 437 39.55 4.04 0.04
C VAL A 437 39.75 3.52 -1.37
N VAL A 438 39.70 2.20 -1.51
CA VAL A 438 39.83 1.53 -2.80
C VAL A 438 38.47 0.92 -3.14
N ALA A 439 37.92 1.28 -4.30
CA ALA A 439 36.65 0.73 -4.75
C ALA A 439 36.93 -0.13 -5.97
N ILE A 440 36.77 -1.44 -5.82
CA ILE A 440 36.99 -2.42 -6.88
C ILE A 440 35.64 -2.78 -7.45
N MET A 441 35.41 -2.39 -8.70
CA MET A 441 34.09 -2.48 -9.31
C MET A 441 34.20 -3.13 -10.68
N GLY A 442 33.21 -3.96 -11.01
CA GLY A 442 33.04 -4.38 -12.39
C GLY A 442 32.66 -3.22 -13.28
N ASP A 443 32.94 -3.38 -14.59
CA ASP A 443 32.64 -2.30 -15.52
C ASP A 443 31.14 -2.02 -15.59
N SER A 444 30.31 -3.07 -15.58
CA SER A 444 28.87 -2.83 -15.54
C SER A 444 28.47 -2.14 -14.24
N ALA A 445 28.92 -2.66 -13.11
CA ALA A 445 28.57 -2.07 -11.82
C ALA A 445 28.93 -0.60 -11.77
N PHE A 446 30.11 -0.24 -12.29
CA PHE A 446 30.62 1.12 -12.18
C PHE A 446 29.70 2.11 -12.88
N GLY A 447 29.09 1.70 -14.00
CA GLY A 447 28.28 2.64 -14.76
C GLY A 447 27.00 3.05 -14.05
N PHE A 448 26.57 2.30 -13.03
CA PHE A 448 25.39 2.72 -12.29
C PHE A 448 25.62 4.04 -11.56
N SER A 449 26.85 4.29 -11.07
CA SER A 449 27.08 5.42 -10.18
C SER A 449 28.31 6.25 -10.55
N ALA A 450 28.84 6.10 -11.77
CA ALA A 450 30.15 6.64 -12.09
C ALA A 450 30.22 8.16 -11.93
N MET A 451 29.10 8.87 -12.12
CA MET A 451 29.24 10.33 -12.10
C MET A 451 29.50 10.89 -10.70
N GLU A 452 29.37 10.09 -9.65
CA GLU A 452 29.73 10.54 -8.32
C GLU A 452 31.23 10.80 -8.20
N ILE A 453 32.01 10.56 -9.26
CA ILE A 453 33.41 10.93 -9.19
C ILE A 453 33.55 12.44 -9.08
N GLU A 454 32.56 13.20 -9.56
CA GLU A 454 32.64 14.64 -9.37
C GLU A 454 32.32 15.00 -7.92
N THR A 455 31.38 14.28 -7.30
CA THR A 455 31.15 14.47 -5.87
C THR A 455 32.43 14.26 -5.06
N ALA A 456 33.14 13.16 -5.34
CA ALA A 456 34.38 12.87 -4.61
C ALA A 456 35.43 13.94 -4.85
N ALA A 457 35.64 14.32 -6.11
CA ALA A 457 36.61 15.38 -6.44
C ALA A 457 36.24 16.69 -5.75
N ARG A 458 34.96 17.08 -5.85
CA ARG A 458 34.49 18.33 -5.27
C ARG A 458 34.63 18.33 -3.74
N CYS A 459 34.33 17.21 -3.11
CA CYS A 459 34.35 17.13 -1.65
C CYS A 459 35.71 16.69 -1.10
N LYS A 460 36.76 16.70 -1.95
CA LYS A 460 38.12 16.34 -1.54
C LYS A 460 38.17 14.96 -0.91
N LEU A 461 37.55 14.00 -1.58
CA LEU A 461 37.58 12.59 -1.19
C LEU A 461 38.41 11.86 -2.25
N PRO A 462 39.70 11.59 -1.99
CA PRO A 462 40.62 11.10 -3.05
C PRO A 462 40.52 9.59 -3.26
N LEU A 463 39.37 9.15 -3.79
CA LEU A 463 39.09 7.73 -3.97
C LEU A 463 40.06 7.11 -4.97
N ILE A 464 40.35 5.82 -4.77
CA ILE A 464 41.06 5.01 -5.76
C ILE A 464 40.06 4.01 -6.33
N ILE A 465 39.78 4.13 -7.62
CA ILE A 465 38.78 3.32 -8.30
C ILE A 465 39.50 2.36 -9.24
N ILE A 466 39.26 1.06 -9.03
CA ILE A 466 39.82 0.02 -9.87
C ILE A 466 38.65 -0.66 -10.57
N ILE A 467 38.63 -0.58 -11.90
CA ILE A 467 37.55 -1.19 -12.69
C ILE A 467 38.11 -2.44 -13.35
N ILE A 468 37.47 -3.57 -13.08
CA ILE A 468 37.78 -4.83 -13.75
C ILE A 468 36.85 -4.93 -14.94
N ASN A 469 37.40 -4.77 -16.15
CA ASN A 469 36.64 -4.45 -17.35
C ASN A 469 36.69 -5.62 -18.33
N ASN A 470 35.60 -6.39 -18.43
CA ASN A 470 35.50 -7.48 -19.40
C ASN A 470 34.47 -7.17 -20.48
N ASN A 471 34.13 -5.90 -20.67
CA ASN A 471 33.21 -5.46 -21.72
C ASN A 471 31.80 -6.00 -21.50
N GLY A 472 31.35 -6.17 -20.26
CA GLY A 472 29.95 -6.47 -20.10
C GLY A 472 29.61 -7.07 -18.74
N ILE A 473 28.47 -7.74 -18.71
CA ILE A 473 27.84 -8.27 -17.50
C ILE A 473 28.20 -9.76 -17.42
N TYR A 474 29.13 -10.11 -16.52
CA TYR A 474 29.73 -11.44 -16.40
C TYR A 474 30.73 -11.73 -17.50
N HIS A 475 30.45 -11.24 -18.71
CA HIS A 475 31.32 -11.42 -19.87
C HIS A 475 30.90 -10.42 -20.93
N GLY A 476 31.65 -10.37 -22.02
CA GLY A 476 31.28 -9.43 -23.06
C GLY A 476 31.80 -9.89 -24.41
N LEU A 477 31.57 -9.04 -25.41
CA LEU A 477 32.15 -9.21 -26.74
C LEU A 477 33.43 -8.39 -26.82
N ASP A 478 34.33 -8.79 -27.71
CA ASP A 478 35.54 -8.00 -27.93
C ASP A 478 35.46 -7.21 -29.23
N ASP A 479 34.36 -7.35 -29.97
CA ASP A 479 34.12 -6.53 -31.16
C ASP A 479 32.61 -6.50 -31.42
N ILE A 480 32.04 -5.31 -31.48
CA ILE A 480 30.63 -5.15 -31.80
C ILE A 480 30.39 -4.43 -33.12
N LYS A 481 31.44 -3.92 -33.77
CA LYS A 481 31.23 -3.13 -34.98
C LYS A 481 30.62 -3.93 -36.12
N SER A 482 30.82 -5.25 -36.13
CA SER A 482 30.27 -6.10 -37.18
C SER A 482 28.95 -6.75 -36.79
N VAL A 483 28.47 -6.53 -35.57
CA VAL A 483 27.24 -7.16 -35.11
C VAL A 483 26.08 -6.28 -35.55
N PRO A 484 25.11 -6.81 -36.30
CA PRO A 484 23.90 -6.02 -36.61
C PRO A 484 23.26 -5.57 -35.31
N SER A 485 22.87 -4.29 -35.27
N SER A 485 22.87 -4.29 -35.27
CA SER A 485 22.46 -3.68 -34.01
CA SER A 485 22.46 -3.68 -34.02
C SER A 485 21.28 -4.40 -33.37
C SER A 485 21.28 -4.39 -33.38
N ASP A 486 20.35 -4.92 -34.18
CA ASP A 486 19.21 -5.65 -33.63
C ASP A 486 19.61 -6.94 -32.93
N LYS A 487 20.78 -7.50 -33.26
CA LYS A 487 21.25 -8.73 -32.65
C LYS A 487 22.32 -8.50 -31.59
N LEU A 488 22.59 -7.26 -31.21
CA LEU A 488 23.57 -7.01 -30.16
C LEU A 488 23.14 -7.70 -28.88
N PRO A 489 23.97 -8.56 -28.30
CA PRO A 489 23.56 -9.31 -27.10
C PRO A 489 23.36 -8.39 -25.90
N SER A 490 22.42 -8.78 -25.04
CA SER A 490 22.05 -7.95 -23.90
C SER A 490 23.17 -7.82 -22.86
N PHE A 491 24.11 -8.76 -22.80
CA PHE A 491 25.13 -8.73 -21.75
C PHE A 491 26.34 -7.88 -22.08
N THR A 492 26.55 -7.50 -23.34
CA THR A 492 27.79 -6.83 -23.69
C THR A 492 27.68 -5.32 -23.52
N LEU A 493 28.80 -4.72 -23.15
CA LEU A 493 29.00 -3.28 -23.22
C LEU A 493 29.96 -3.00 -24.36
N MET A 494 30.29 -1.74 -24.56
CA MET A 494 31.17 -1.40 -25.67
C MET A 494 32.60 -1.88 -25.36
N PRO A 495 33.25 -2.57 -26.29
CA PRO A 495 34.60 -3.09 -26.01
C PRO A 495 35.60 -1.98 -25.73
N GLU A 496 36.40 -2.20 -24.68
CA GLU A 496 37.45 -1.27 -24.24
C GLU A 496 36.89 0.14 -24.03
N THR A 497 35.76 0.22 -23.32
CA THR A 497 35.26 1.51 -22.89
C THR A 497 36.30 2.15 -21.98
N ARG A 498 36.59 3.43 -22.20
CA ARG A 498 37.75 4.08 -21.56
C ARG A 498 37.33 4.79 -20.29
N TYR A 499 36.91 3.98 -19.32
CA TYR A 499 36.51 4.52 -18.02
C TYR A 499 37.64 5.33 -17.38
N ASP A 500 38.89 4.96 -17.66
CA ASP A 500 40.03 5.72 -17.13
C ASP A 500 39.96 7.18 -17.54
N LEU A 501 39.49 7.46 -18.76
CA LEU A 501 39.48 8.86 -19.20
C LEU A 501 38.41 9.68 -18.48
N LEU A 502 37.44 9.04 -17.82
CA LEU A 502 36.46 9.78 -17.03
C LEU A 502 37.13 10.57 -15.93
N ALA A 503 38.30 10.10 -15.45
CA ALA A 503 39.00 10.80 -14.39
C ALA A 503 39.40 12.22 -14.80
N ASN A 504 39.52 12.48 -16.11
CA ASN A 504 39.98 13.79 -16.55
C ASN A 504 38.89 14.84 -16.48
N SER A 505 37.62 14.43 -16.51
CA SER A 505 36.51 15.35 -16.32
C SER A 505 36.53 16.02 -14.96
N VAL A 506 37.17 15.41 -13.97
CA VAL A 506 37.15 15.94 -12.61
C VAL A 506 38.57 16.21 -12.15
N TYR A 507 39.47 16.47 -13.10
CA TYR A 507 40.87 16.81 -12.83
C TYR A 507 41.58 15.71 -12.04
N GLY A 508 41.19 14.47 -12.25
CA GLY A 508 41.82 13.34 -11.61
C GLY A 508 42.91 12.76 -12.48
N GLN A 509 43.14 11.46 -12.32
CA GLN A 509 44.12 10.77 -13.15
C GLN A 509 43.57 9.39 -13.51
N GLY A 510 43.76 9.00 -14.76
CA GLY A 510 43.28 7.71 -15.23
C GLY A 510 44.39 6.90 -15.84
N PHE A 511 44.23 5.58 -15.79
CA PHE A 511 45.22 4.65 -16.31
C PHE A 511 44.50 3.52 -17.03
N LEU A 512 44.89 3.29 -18.29
CA LEU A 512 44.43 2.12 -19.02
C LEU A 512 45.45 1.01 -18.79
N VAL A 513 44.97 -0.14 -18.36
CA VAL A 513 45.83 -1.23 -17.90
C VAL A 513 45.48 -2.48 -18.66
N LYS A 514 46.49 -3.10 -19.29
CA LYS A 514 46.32 -4.39 -19.95
C LYS A 514 47.24 -5.48 -19.41
N ASP A 515 48.22 -5.15 -18.57
CA ASP A 515 49.13 -6.16 -18.09
C ASP A 515 49.50 -5.87 -16.64
N SER A 516 50.11 -6.87 -15.99
N SER A 516 50.11 -6.87 -16.00
CA SER A 516 50.45 -6.76 -14.58
CA SER A 516 50.42 -6.75 -14.58
C SER A 516 51.43 -5.63 -14.32
C SER A 516 51.46 -5.67 -14.30
N THR A 517 52.35 -5.40 -15.25
CA THR A 517 53.34 -4.34 -15.07
C THR A 517 52.66 -2.98 -15.04
N GLN A 518 51.75 -2.72 -15.99
CA GLN A 518 51.03 -1.44 -15.99
C GLN A 518 50.14 -1.33 -14.76
N LEU A 519 49.57 -2.45 -14.31
CA LEU A 519 48.71 -2.42 -13.12
C LEU A 519 49.49 -2.00 -11.88
N GLN A 520 50.66 -2.62 -11.68
CA GLN A 520 51.51 -2.25 -10.54
C GLN A 520 51.91 -0.79 -10.62
N SER A 521 52.33 -0.33 -11.80
CA SER A 521 52.80 1.06 -11.89
C SER A 521 51.65 2.05 -11.72
N ALA A 522 50.47 1.73 -12.26
CA ALA A 522 49.32 2.61 -12.08
C ALA A 522 48.95 2.73 -10.61
N LEU A 523 48.87 1.60 -9.91
CA LEU A 523 48.48 1.63 -8.51
C LEU A 523 49.48 2.41 -7.67
N GLN A 524 50.77 2.28 -7.97
CA GLN A 524 51.77 3.01 -7.18
C GLN A 524 51.58 4.52 -7.32
N LYS A 525 51.11 4.98 -8.48
CA LYS A 525 50.82 6.40 -8.66
C LYS A 525 49.51 6.85 -8.03
N CYS A 526 48.67 5.92 -7.54
CA CYS A 526 47.40 6.31 -6.94
C CYS A 526 47.48 6.56 -5.45
N PHE A 527 48.53 6.09 -4.78
CA PHE A 527 48.51 6.05 -3.33
C PHE A 527 48.57 7.45 -2.71
N ASN A 528 49.20 8.41 -3.38
CA ASN A 528 49.36 9.73 -2.80
C ASN A 528 48.80 10.83 -3.69
N PHE A 529 47.84 10.50 -4.55
CA PHE A 529 47.27 11.49 -5.46
C PHE A 529 46.13 12.22 -4.76
N ASP A 530 46.14 13.55 -4.81
CA ASP A 530 45.10 14.36 -4.17
C ASP A 530 43.96 14.58 -5.16
N GLY A 531 43.17 13.53 -5.33
CA GLY A 531 42.07 13.57 -6.26
C GLY A 531 41.65 12.15 -6.57
N VAL A 532 40.77 12.03 -7.57
CA VAL A 532 40.19 10.77 -7.98
C VAL A 532 41.10 10.08 -8.98
N SER A 533 41.43 8.81 -8.71
CA SER A 533 42.20 7.97 -9.62
C SER A 533 41.30 6.86 -10.13
N ILE A 534 41.35 6.61 -11.44
CA ILE A 534 40.61 5.51 -12.03
C ILE A 534 41.58 4.59 -12.75
N VAL A 535 41.64 3.33 -12.34
CA VAL A 535 42.48 2.32 -12.99
C VAL A 535 41.55 1.38 -13.75
N ASN A 536 41.56 1.49 -15.06
CA ASN A 536 40.66 0.77 -15.95
C ASN A 536 41.42 -0.48 -16.45
N VAL A 537 41.15 -1.62 -15.81
CA VAL A 537 41.91 -2.85 -16.05
C VAL A 537 41.13 -3.70 -17.06
N MET A 538 41.63 -3.76 -18.29
CA MET A 538 41.00 -4.62 -19.30
C MET A 538 41.37 -6.07 -19.02
N ILE A 539 40.36 -6.94 -18.95
CA ILE A 539 40.57 -8.37 -18.75
C ILE A 539 39.86 -9.14 -19.85
N ASP A 540 40.20 -10.43 -19.93
CA ASP A 540 39.58 -11.35 -20.88
C ASP A 540 38.06 -11.28 -20.79
N HIS A 541 37.42 -11.08 -21.96
CA HIS A 541 35.98 -10.86 -22.04
C HIS A 541 35.16 -12.14 -21.94
N ARG A 542 35.79 -13.32 -21.96
CA ARG A 542 35.07 -14.56 -22.13
C ARG A 542 34.46 -15.03 -20.81
N PRO A 543 33.45 -15.92 -20.87
CA PRO A 543 32.86 -16.48 -19.66
C PRO A 543 33.86 -17.35 -18.87
N LEU B 6 10.35 -24.36 -25.80
CA LEU B 6 9.56 -23.29 -25.21
C LEU B 6 9.83 -23.13 -23.72
N THR B 7 10.17 -21.91 -23.31
CA THR B 7 10.38 -21.55 -21.93
C THR B 7 9.48 -20.38 -21.57
N GLY B 8 9.41 -20.05 -20.28
CA GLY B 8 8.80 -18.79 -19.90
C GLY B 8 9.39 -17.62 -20.67
N SER B 9 10.70 -17.62 -20.86
CA SER B 9 11.36 -16.54 -21.59
C SER B 9 10.86 -16.43 -23.02
N SER B 10 10.78 -17.55 -23.73
CA SER B 10 10.38 -17.47 -25.13
C SER B 10 8.88 -17.26 -25.28
N ILE B 11 8.06 -17.74 -24.34
CA ILE B 11 6.63 -17.45 -24.43
C ILE B 11 6.38 -15.96 -24.18
N LEU B 12 7.10 -15.38 -23.22
CA LEU B 12 7.06 -13.94 -23.03
C LEU B 12 7.47 -13.21 -24.30
N ALA B 13 8.62 -13.61 -24.88
CA ALA B 13 9.14 -12.92 -26.04
C ALA B 13 8.21 -13.06 -27.24
N LYS B 14 7.67 -14.26 -27.46
CA LYS B 14 6.72 -14.42 -28.55
C LYS B 14 5.46 -13.61 -28.31
N SER B 15 5.06 -13.44 -27.05
CA SER B 15 3.86 -12.65 -26.78
C SER B 15 4.08 -11.19 -27.13
N LEU B 16 5.23 -10.63 -26.74
CA LEU B 16 5.54 -9.24 -27.06
C LEU B 16 5.63 -9.04 -28.57
N LYS B 17 6.26 -9.99 -29.28
CA LYS B 17 6.43 -9.85 -30.72
C LYS B 17 5.08 -9.90 -31.44
N SER B 18 4.17 -10.76 -30.99
CA SER B 18 2.88 -10.82 -31.65
C SER B 18 2.09 -9.52 -31.47
N LEU B 19 2.43 -8.73 -30.46
CA LEU B 19 1.83 -7.42 -30.26
C LEU B 19 2.67 -6.29 -30.86
N GLY B 20 3.68 -6.62 -31.67
CA GLY B 20 4.41 -5.61 -32.42
C GLY B 20 5.54 -4.92 -31.69
N VAL B 21 5.95 -5.40 -30.52
CA VAL B 21 7.08 -4.81 -29.80
C VAL B 21 8.34 -5.02 -30.61
N ASP B 22 9.09 -3.95 -30.84
CA ASP B 22 10.31 -4.06 -31.63
C ASP B 22 11.57 -3.57 -30.90
N VAL B 23 11.44 -2.89 -29.77
CA VAL B 23 12.61 -2.48 -28.99
C VAL B 23 12.26 -2.51 -27.50
N ILE B 24 13.22 -2.96 -26.70
CA ILE B 24 13.12 -3.05 -25.26
C ILE B 24 14.36 -2.39 -24.65
N PHE B 25 14.17 -1.57 -23.63
CA PHE B 25 15.27 -1.00 -22.84
C PHE B 25 15.37 -1.77 -21.54
N GLY B 26 16.59 -1.99 -21.05
CA GLY B 26 16.68 -2.62 -19.74
C GLY B 26 18.11 -2.92 -19.36
N ILE B 27 18.24 -3.68 -18.27
CA ILE B 27 19.54 -4.16 -17.80
C ILE B 27 19.34 -5.59 -17.30
N VAL B 28 20.22 -6.50 -17.71
CA VAL B 28 20.00 -7.92 -17.49
C VAL B 28 20.80 -8.39 -16.29
N GLY B 29 20.58 -9.64 -15.90
CA GLY B 29 21.26 -10.25 -14.75
C GLY B 29 20.59 -11.56 -14.39
N VAL B 30 20.65 -11.89 -13.09
N VAL B 30 20.59 -11.84 -13.09
CA VAL B 30 20.30 -13.21 -12.56
CA VAL B 30 19.66 -12.84 -12.53
C VAL B 30 19.04 -13.80 -13.18
C VAL B 30 18.30 -12.17 -12.34
N PRO B 31 17.87 -13.14 -13.10
N PRO B 31 17.21 -12.80 -12.77
CA PRO B 31 16.65 -13.82 -13.53
CA PRO B 31 17.14 -14.03 -13.56
C PRO B 31 16.37 -13.69 -15.02
C PRO B 31 16.68 -13.74 -14.99
N VAL B 32 16.71 -12.54 -15.61
N VAL B 32 16.98 -12.54 -15.50
CA VAL B 32 16.12 -12.11 -16.86
CA VAL B 32 16.27 -11.98 -16.66
C VAL B 32 17.09 -12.09 -18.02
C VAL B 32 17.11 -12.04 -17.93
N VAL B 33 18.35 -12.54 -17.83
CA VAL B 33 19.23 -12.64 -19.00
C VAL B 33 18.58 -13.48 -20.10
N GLU B 34 17.96 -14.60 -19.72
CA GLU B 34 17.36 -15.47 -20.72
C GLU B 34 16.14 -14.82 -21.37
N VAL B 35 15.49 -13.91 -20.65
CA VAL B 35 14.34 -13.22 -21.22
C VAL B 35 14.79 -12.27 -22.33
N ALA B 36 15.81 -11.45 -22.05
CA ALA B 36 16.31 -10.53 -23.06
C ALA B 36 16.82 -11.27 -24.28
N GLU B 37 17.55 -12.37 -24.07
CA GLU B 37 18.05 -13.15 -25.21
C GLU B 37 16.90 -13.79 -25.99
N ALA B 38 15.84 -14.22 -25.31
CA ALA B 38 14.68 -14.75 -26.02
C ALA B 38 14.00 -13.65 -26.83
N CYS B 39 13.95 -12.43 -26.29
CA CYS B 39 13.41 -11.33 -27.07
C CYS B 39 14.25 -11.07 -28.30
N ILE B 40 15.57 -11.05 -28.14
CA ILE B 40 16.46 -10.81 -29.28
C ILE B 40 16.29 -11.89 -30.33
N ALA B 41 16.13 -13.15 -29.89
CA ALA B 41 15.95 -14.23 -30.85
C ALA B 41 14.62 -14.12 -31.59
N GLU B 42 13.62 -13.46 -31.00
CA GLU B 42 12.38 -13.22 -31.72
C GLU B 42 12.44 -11.98 -32.61
N GLY B 43 13.58 -11.33 -32.72
CA GLY B 43 13.70 -10.15 -33.54
C GLY B 43 13.45 -8.83 -32.85
N ILE B 44 13.38 -8.82 -31.53
CA ILE B 44 13.17 -7.60 -30.77
C ILE B 44 14.54 -7.05 -30.38
N ARG B 45 14.81 -5.79 -30.73
CA ARG B 45 16.09 -5.18 -30.38
C ARG B 45 16.13 -4.86 -28.90
N PHE B 46 17.29 -5.08 -28.27
CA PHE B 46 17.46 -4.81 -26.85
C PHE B 46 18.48 -3.69 -26.66
N ILE B 47 18.10 -2.67 -25.91
CA ILE B 47 18.97 -1.56 -25.57
C ILE B 47 19.39 -1.74 -24.12
N GLY B 48 20.59 -2.26 -23.91
CA GLY B 48 21.11 -2.40 -22.54
C GLY B 48 21.56 -1.06 -22.01
N CYS B 49 21.00 -0.62 -20.89
CA CYS B 49 21.34 0.69 -20.37
C CYS B 49 22.33 0.55 -19.21
N ARG B 50 22.65 1.69 -18.59
CA ARG B 50 23.60 1.70 -17.49
C ARG B 50 22.95 1.90 -16.12
N ASN B 51 21.68 2.31 -16.09
CA ASN B 51 20.90 2.42 -14.86
C ASN B 51 19.45 2.23 -15.27
N GLU B 52 18.66 1.55 -14.41
CA GLU B 52 17.26 1.32 -14.78
C GLU B 52 16.43 2.59 -14.81
N GLN B 53 16.85 3.63 -14.07
CA GLN B 53 16.20 4.94 -14.20
C GLN B 53 16.08 5.33 -15.67
N SER B 54 17.22 5.41 -16.36
CA SER B 54 17.20 5.82 -17.77
C SER B 54 16.44 4.84 -18.64
N ALA B 55 16.59 3.54 -18.38
CA ALA B 55 15.89 2.56 -19.21
C ALA B 55 14.37 2.74 -19.09
N SER B 56 13.88 3.01 -17.88
CA SER B 56 12.44 3.18 -17.69
C SER B 56 11.96 4.54 -18.18
N PHE B 57 12.80 5.59 -18.08
CA PHE B 57 12.47 6.85 -18.73
C PHE B 57 12.44 6.70 -20.25
N ALA B 58 13.38 5.95 -20.83
CA ALA B 58 13.36 5.76 -22.28
C ALA B 58 12.10 5.05 -22.73
N ALA B 59 11.67 4.02 -21.99
CA ALA B 59 10.49 3.28 -22.39
C ALA B 59 9.26 4.19 -22.39
N GLY B 60 9.12 5.03 -21.37
CA GLY B 60 7.97 5.93 -21.31
C GLY B 60 7.99 6.97 -22.41
N ALA B 61 9.15 7.59 -22.64
CA ALA B 61 9.28 8.50 -23.76
C ALA B 61 8.98 7.81 -25.08
N TRP B 62 9.50 6.59 -25.26
CA TRP B 62 9.30 5.90 -26.52
C TRP B 62 7.82 5.61 -26.74
N GLY B 63 7.10 5.30 -25.66
CA GLY B 63 5.67 5.08 -25.77
C GLY B 63 4.91 6.33 -26.18
N TYR B 64 5.31 7.47 -25.62
CA TYR B 64 4.69 8.74 -26.01
C TYR B 64 4.92 9.03 -27.49
N LEU B 65 6.17 8.88 -27.94
CA LEU B 65 6.51 9.25 -29.31
C LEU B 65 5.84 8.32 -30.31
N ASN B 66 5.69 7.05 -29.96
CA ASN B 66 5.25 6.02 -30.90
C ASN B 66 3.78 5.65 -30.77
N LYS B 67 3.07 6.21 -29.78
CA LYS B 67 1.64 5.94 -29.57
C LYS B 67 1.35 4.45 -29.40
N ARG B 68 2.27 3.76 -28.74
CA ARG B 68 2.10 2.39 -28.30
C ARG B 68 3.12 2.13 -27.20
N PRO B 69 2.89 1.13 -26.35
CA PRO B 69 3.67 1.03 -25.11
C PRO B 69 5.16 0.76 -25.36
N GLY B 70 6.01 1.57 -24.75
CA GLY B 70 7.41 1.21 -24.63
C GLY B 70 7.59 0.10 -23.61
N VAL B 71 8.69 -0.64 -23.74
CA VAL B 71 8.92 -1.82 -22.90
C VAL B 71 10.28 -1.67 -22.21
N CYS B 72 10.28 -1.90 -20.89
CA CYS B 72 11.46 -1.87 -20.04
C CYS B 72 11.58 -3.20 -19.30
N LEU B 73 12.80 -3.74 -19.23
CA LEU B 73 13.05 -5.05 -18.63
C LEU B 73 14.10 -4.90 -17.54
N THR B 74 13.80 -5.38 -16.32
CA THR B 74 14.73 -5.26 -15.21
C THR B 74 14.81 -6.57 -14.41
N VAL B 75 15.84 -6.66 -13.58
CA VAL B 75 16.00 -7.79 -12.66
C VAL B 75 15.11 -7.59 -11.45
N SER B 76 15.00 -8.63 -10.62
CA SER B 76 14.23 -8.59 -9.38
C SER B 76 14.74 -7.50 -8.42
N GLY B 77 13.96 -7.27 -7.37
CA GLY B 77 14.36 -6.42 -6.27
C GLY B 77 14.79 -5.02 -6.68
N PRO B 78 16.08 -4.71 -6.48
CA PRO B 78 16.54 -3.33 -6.75
C PRO B 78 16.44 -2.94 -8.22
N GLY B 79 16.39 -3.90 -9.15
CA GLY B 79 16.16 -3.55 -10.54
C GLY B 79 14.79 -2.91 -10.74
N VAL B 80 13.75 -3.55 -10.21
CA VAL B 80 12.41 -2.98 -10.28
C VAL B 80 12.35 -1.66 -9.50
N VAL B 81 12.93 -1.63 -8.29
CA VAL B 81 12.83 -0.42 -7.47
C VAL B 81 13.43 0.79 -8.19
N ASN B 82 14.60 0.61 -8.83
CA ASN B 82 15.20 1.67 -9.63
C ASN B 82 14.26 2.14 -10.75
N ALA B 83 13.54 1.22 -11.37
CA ALA B 83 12.64 1.55 -12.47
C ALA B 83 11.33 2.19 -12.01
N ILE B 84 11.03 2.21 -10.70
CA ILE B 84 9.82 2.89 -10.24
C ILE B 84 9.89 4.39 -10.57
N SER B 85 11.09 4.96 -10.62
CA SER B 85 11.23 6.32 -11.11
C SER B 85 10.56 6.50 -12.48
N GLY B 86 10.76 5.57 -13.41
CA GLY B 86 10.13 5.69 -14.72
C GLY B 86 8.66 5.36 -14.73
N LEU B 87 8.22 4.46 -13.85
CA LEU B 87 6.79 4.23 -13.68
C LEU B 87 6.11 5.50 -13.23
N TYR B 88 6.59 6.07 -12.12
CA TYR B 88 6.08 7.33 -11.61
C TYR B 88 6.06 8.40 -12.72
N ASN B 89 7.13 8.48 -13.51
CA ASN B 89 7.22 9.46 -14.58
C ASN B 89 6.17 9.21 -15.66
N ALA B 90 6.02 7.96 -16.11
CA ALA B 90 5.03 7.66 -17.14
C ALA B 90 3.61 7.86 -16.63
N GLN B 91 3.34 7.46 -15.39
CA GLN B 91 2.01 7.71 -14.82
C GLN B 91 1.69 9.20 -14.80
N ALA B 92 2.66 10.01 -14.38
CA ALA B 92 2.43 11.45 -14.31
C ALA B 92 2.23 12.07 -15.68
N ASN B 93 2.99 11.61 -16.69
CA ASN B 93 2.88 12.16 -18.03
C ASN B 93 1.75 11.54 -18.83
N CYS B 94 1.09 10.50 -18.31
CA CYS B 94 0.09 9.71 -19.05
C CYS B 94 0.70 9.09 -20.31
N TRP B 95 1.82 8.37 -20.13
CA TRP B 95 2.52 7.71 -21.23
C TRP B 95 2.40 6.20 -21.10
N PRO B 96 2.15 5.49 -22.20
CA PRO B 96 2.02 4.03 -22.12
C PRO B 96 3.37 3.34 -22.06
N MET B 97 3.47 2.34 -21.20
CA MET B 97 4.66 1.51 -21.17
C MET B 97 4.37 0.26 -20.35
N ILE B 98 5.21 -0.75 -20.53
CA ILE B 98 5.19 -1.95 -19.70
C ILE B 98 6.57 -2.13 -19.08
N LEU B 99 6.61 -2.25 -17.76
CA LEU B 99 7.80 -2.70 -17.05
C LEU B 99 7.66 -4.20 -16.81
N ILE B 100 8.66 -4.95 -17.27
CA ILE B 100 8.71 -6.40 -17.08
C ILE B 100 9.84 -6.66 -16.10
N GLY B 101 9.51 -7.19 -14.93
CA GLY B 101 10.50 -7.50 -13.91
C GLY B 101 10.56 -9.00 -13.66
N GLY B 102 11.78 -9.54 -13.64
CA GLY B 102 11.98 -10.82 -13.01
C GLY B 102 11.76 -10.71 -11.52
N SER B 103 11.37 -11.83 -10.89
CA SER B 103 11.24 -11.87 -9.44
C SER B 103 11.81 -13.17 -8.93
N CYS B 104 11.92 -13.27 -7.60
CA CYS B 104 12.54 -14.43 -6.98
C CYS B 104 11.67 -15.67 -7.16
N GLU B 105 12.26 -16.84 -6.85
CA GLU B 105 11.52 -18.09 -6.90
C GLU B 105 10.27 -18.03 -6.03
N THR B 106 9.15 -18.49 -6.58
CA THR B 106 7.87 -18.31 -5.89
C THR B 106 7.84 -19.03 -4.55
N ASN B 107 8.36 -20.25 -4.48
CA ASN B 107 8.27 -20.98 -3.21
C ASN B 107 9.33 -20.56 -2.20
N GLN B 108 10.07 -19.47 -2.47
CA GLN B 108 11.01 -18.91 -1.52
C GLN B 108 10.52 -17.60 -0.93
N ILE B 109 9.34 -17.13 -1.33
CA ILE B 109 8.81 -15.90 -0.75
C ILE B 109 8.52 -16.14 0.72
N GLY B 110 8.91 -15.20 1.58
CA GLY B 110 8.86 -15.39 3.00
C GLY B 110 10.16 -15.85 3.64
N MET B 111 11.12 -16.32 2.84
CA MET B 111 12.35 -16.91 3.36
C MET B 111 13.54 -15.97 3.29
N GLY B 112 13.36 -14.74 2.83
CA GLY B 112 14.51 -13.91 2.56
C GLY B 112 15.26 -14.38 1.33
N ALA B 113 14.51 -14.60 0.25
CA ALA B 113 15.09 -15.02 -1.02
C ALA B 113 15.96 -13.90 -1.62
N PHE B 114 16.78 -14.28 -2.60
CA PHE B 114 17.60 -13.30 -3.29
C PHE B 114 16.75 -12.26 -4.02
N GLN B 115 16.92 -10.99 -3.62
CA GLN B 115 16.17 -9.87 -4.21
C GLN B 115 14.66 -10.09 -4.06
N GLU B 116 14.27 -10.65 -2.92
CA GLU B 116 12.87 -10.84 -2.61
C GLU B 116 12.20 -9.48 -2.42
N LEU B 117 11.11 -9.27 -3.15
CA LEU B 117 10.32 -8.06 -3.02
C LEU B 117 8.96 -8.37 -3.61
N ASP B 118 7.90 -7.90 -2.95
CA ASP B 118 6.56 -8.04 -3.53
C ASP B 118 6.43 -6.99 -4.63
N GLN B 119 6.86 -7.34 -5.84
CA GLN B 119 7.04 -6.31 -6.86
C GLN B 119 5.70 -5.87 -7.46
N VAL B 120 4.70 -6.75 -7.51
CA VAL B 120 3.36 -6.32 -7.91
C VAL B 120 2.88 -5.21 -6.98
N ASP B 121 3.06 -5.37 -5.67
CA ASP B 121 2.61 -4.35 -4.72
C ASP B 121 3.49 -3.11 -4.78
N ALA B 122 4.80 -3.30 -4.95
CA ALA B 122 5.70 -2.15 -5.04
C ALA B 122 5.34 -1.23 -6.20
N CYS B 123 4.81 -1.79 -7.28
CA CYS B 123 4.49 -1.03 -8.48
C CYS B 123 3.01 -0.68 -8.56
N ARG B 124 2.20 -1.14 -7.60
N ARG B 124 2.20 -1.15 -7.60
CA ARG B 124 0.74 -1.07 -7.73
CA ARG B 124 0.75 -1.07 -7.72
C ARG B 124 0.25 0.36 -7.89
C ARG B 124 0.27 0.37 -7.90
N ASN B 125 0.71 1.27 -7.02
CA ASN B 125 0.19 2.63 -7.04
C ASN B 125 0.85 3.52 -8.07
N TYR B 126 1.80 3.01 -8.85
CA TYR B 126 2.38 3.77 -9.94
C TYR B 126 1.86 3.32 -11.30
N THR B 127 0.87 2.43 -11.35
CA THR B 127 0.52 1.77 -12.61
C THR B 127 -0.99 1.64 -12.75
N LYS B 128 -1.41 1.46 -13.99
CA LYS B 128 -2.80 1.14 -14.31
C LYS B 128 -3.08 -0.34 -14.13
N PHE B 129 -2.07 -1.18 -14.27
CA PHE B 129 -2.21 -2.61 -14.04
C PHE B 129 -0.87 -3.14 -13.54
N SER B 130 -0.88 -3.90 -12.46
CA SER B 130 0.32 -4.58 -11.99
C SER B 130 -0.08 -6.03 -11.72
N GLY B 131 0.66 -6.97 -12.31
CA GLY B 131 0.23 -8.35 -12.23
C GLY B 131 1.38 -9.32 -12.41
N LYS B 132 1.14 -10.56 -11.98
CA LYS B 132 2.16 -11.60 -12.00
C LYS B 132 1.71 -12.74 -12.91
N CYS B 133 2.67 -13.35 -13.62
CA CYS B 133 2.38 -14.52 -14.44
C CYS B 133 2.35 -15.76 -13.54
N ALA B 134 1.19 -16.41 -13.44
CA ALA B 134 1.05 -17.54 -12.53
C ALA B 134 1.66 -18.82 -13.09
N ASP B 135 1.67 -18.99 -14.41
CA ASP B 135 2.22 -20.20 -15.02
C ASP B 135 2.50 -19.90 -16.49
N LEU B 136 3.08 -20.88 -17.19
CA LEU B 136 3.43 -20.68 -18.58
C LEU B 136 2.21 -20.35 -19.43
N GLU B 137 1.07 -20.96 -19.12
CA GLU B 137 -0.15 -20.76 -19.90
C GLU B 137 -0.70 -19.34 -19.81
N THR B 138 -0.48 -18.64 -18.69
CA THR B 138 -1.08 -17.33 -18.50
C THR B 138 -0.20 -16.18 -18.95
N ILE B 139 1.06 -16.45 -19.34
CA ILE B 139 1.94 -15.37 -19.78
C ILE B 139 1.30 -14.54 -20.89
N PRO B 140 0.75 -15.13 -21.96
CA PRO B 140 0.15 -14.27 -22.98
C PRO B 140 -0.98 -13.41 -22.43
N PHE B 141 -1.79 -13.94 -21.50
CA PHE B 141 -2.88 -13.14 -20.96
C PHE B 141 -2.37 -11.92 -20.21
N ILE B 142 -1.38 -12.13 -19.33
CA ILE B 142 -0.85 -11.04 -18.53
C ILE B 142 -0.15 -10.01 -19.40
N VAL B 143 0.67 -10.46 -20.34
CA VAL B 143 1.32 -9.55 -21.29
C VAL B 143 0.28 -8.76 -22.06
N ASN B 144 -0.73 -9.45 -22.61
CA ASN B 144 -1.76 -8.75 -23.38
C ASN B 144 -2.52 -7.77 -22.51
N LYS B 145 -2.86 -8.15 -21.28
CA LYS B 145 -3.57 -7.22 -20.41
C LYS B 145 -2.76 -5.94 -20.20
N ALA B 146 -1.49 -6.07 -19.80
CA ALA B 146 -0.64 -4.90 -19.62
C ALA B 146 -0.59 -4.05 -20.88
N TYR B 147 -0.41 -4.70 -22.04
CA TYR B 147 -0.34 -3.97 -23.29
C TYR B 147 -1.63 -3.18 -23.56
N GLN B 148 -2.79 -3.84 -23.49
CA GLN B 148 -4.05 -3.15 -23.82
C GLN B 148 -4.37 -2.06 -22.80
N VAL B 149 -4.13 -2.34 -21.52
CA VAL B 149 -4.46 -1.38 -20.47
C VAL B 149 -3.58 -0.14 -20.58
N SER B 150 -2.28 -0.31 -20.86
CA SER B 150 -1.38 0.83 -20.90
C SER B 150 -1.82 1.86 -21.95
N LYS B 151 -2.36 1.41 -23.08
CA LYS B 151 -2.68 2.33 -24.16
C LYS B 151 -4.14 2.75 -24.20
N ALA B 152 -5.02 2.12 -23.43
CA ALA B 152 -6.44 2.47 -23.44
C ALA B 152 -6.69 3.75 -22.64
N GLY B 153 -7.76 4.46 -23.01
CA GLY B 153 -8.18 5.64 -22.27
C GLY B 153 -7.05 6.64 -22.05
N ARG B 154 -6.90 7.10 -20.82
CA ARG B 154 -5.72 7.87 -20.44
C ARG B 154 -4.53 6.92 -20.34
N PRO B 155 -3.52 7.04 -21.20
CA PRO B 155 -2.43 6.05 -21.19
C PRO B 155 -1.61 6.15 -19.92
N GLY B 156 -0.98 5.03 -19.59
CA GLY B 156 -0.12 4.97 -18.43
C GLY B 156 0.68 3.70 -18.37
N PRO B 157 1.55 3.59 -17.36
CA PRO B 157 2.42 2.42 -17.25
C PRO B 157 1.73 1.24 -16.61
N THR B 158 2.27 0.06 -16.92
CA THR B 158 1.83 -1.21 -16.33
C THR B 158 3.07 -1.99 -15.90
N TYR B 159 2.87 -3.00 -15.05
CA TYR B 159 3.97 -3.84 -14.58
C TYR B 159 3.62 -5.32 -14.75
N VAL B 160 4.55 -6.08 -15.32
CA VAL B 160 4.39 -7.53 -15.51
C VAL B 160 5.50 -8.23 -14.76
N ASP B 161 5.12 -9.12 -13.85
CA ASP B 161 6.06 -9.85 -13.01
C ASP B 161 6.29 -11.24 -13.58
N LEU B 162 7.55 -11.61 -13.75
CA LEU B 162 7.91 -12.94 -14.24
C LEU B 162 8.79 -13.64 -13.21
N PRO B 163 8.24 -14.53 -12.39
CA PRO B 163 9.06 -15.20 -11.38
C PRO B 163 10.11 -16.10 -11.98
N ALA B 164 11.21 -16.27 -11.24
CA ALA B 164 12.37 -17.00 -11.74
C ALA B 164 12.04 -18.45 -12.07
N ASP B 165 11.11 -19.06 -11.32
CA ASP B 165 10.74 -20.44 -11.62
C ASP B 165 9.93 -20.56 -12.91
N LEU B 166 9.37 -19.47 -13.40
CA LEU B 166 8.67 -19.50 -14.69
C LEU B 166 9.60 -19.19 -15.85
N ILE B 167 10.54 -18.26 -15.65
CA ILE B 167 11.52 -17.92 -16.67
C ILE B 167 12.20 -19.19 -17.18
N GLN B 168 12.51 -20.10 -16.26
CA GLN B 168 13.25 -21.32 -16.55
C GLN B 168 12.35 -22.51 -16.87
N ALA B 169 11.04 -22.40 -16.61
CA ALA B 169 10.11 -23.49 -16.88
C ALA B 169 10.03 -23.78 -18.37
N THR B 170 9.95 -25.07 -18.71
CA THR B 170 9.81 -25.49 -20.10
C THR B 170 8.45 -26.12 -20.33
N THR B 171 8.01 -26.08 -21.58
CA THR B 171 6.81 -26.79 -22.02
C THR B 171 6.93 -27.08 -23.51
N SER B 172 6.08 -28.00 -23.97
CA SER B 172 5.99 -28.32 -25.38
C SER B 172 4.72 -27.78 -26.02
N LYS B 173 3.86 -27.13 -25.26
CA LYS B 173 2.59 -26.59 -25.72
C LYS B 173 2.69 -25.07 -25.84
N LEU B 174 2.58 -24.56 -27.06
CA LEU B 174 2.60 -23.12 -27.25
C LEU B 174 1.25 -22.54 -26.86
N PRO B 175 1.18 -21.68 -25.84
CA PRO B 175 -0.10 -21.07 -25.49
C PRO B 175 -0.55 -20.13 -26.60
N LYS B 176 -1.86 -19.89 -26.65
CA LYS B 176 -2.42 -18.96 -27.63
C LYS B 176 -1.80 -17.58 -27.43
N LEU B 177 -1.24 -17.03 -28.49
CA LEU B 177 -0.53 -15.77 -28.35
C LEU B 177 -1.48 -14.60 -28.50
N PRO B 178 -1.14 -13.44 -27.93
CA PRO B 178 -1.99 -12.24 -28.12
C PRO B 178 -2.08 -11.86 -29.59
N GLU B 179 -3.26 -11.35 -29.98
CA GLU B 179 -3.46 -10.75 -31.30
C GLU B 179 -3.67 -9.26 -31.15
N PRO B 180 -3.10 -8.46 -32.05
CA PRO B 180 -3.25 -7.00 -31.92
C PRO B 180 -4.70 -6.58 -31.95
N PHE B 181 -5.00 -5.51 -31.22
CA PHE B 181 -6.36 -5.00 -31.10
C PHE B 181 -6.28 -3.48 -31.15
N GLU B 182 -6.98 -2.87 -32.10
CA GLU B 182 -6.95 -1.42 -32.23
C GLU B 182 -7.68 -0.76 -31.05
N THR B 183 -7.01 0.18 -30.40
CA THR B 183 -7.54 0.92 -29.26
C THR B 183 -8.82 1.66 -29.64
N PRO B 184 -9.96 1.39 -28.99
CA PRO B 184 -11.19 2.10 -29.33
C PRO B 184 -11.15 3.54 -28.81
N TYR B 185 -11.55 4.47 -29.68
CA TYR B 185 -11.73 5.87 -29.33
C TYR B 185 -13.19 6.16 -29.06
N CYS B 186 -13.44 7.36 -28.54
CA CYS B 186 -14.79 7.81 -28.27
C CYS B 186 -14.91 9.27 -28.69
N LEU B 187 -16.15 9.73 -28.81
CA LEU B 187 -16.47 11.07 -29.26
C LEU B 187 -17.34 11.77 -28.24
N PRO B 188 -17.30 13.09 -28.18
CA PRO B 188 -18.15 13.82 -27.23
C PRO B 188 -19.62 13.66 -27.56
N HIS B 189 -20.43 13.71 -26.51
CA HIS B 189 -21.87 13.73 -26.66
C HIS B 189 -22.29 14.93 -27.52
N THR B 190 -23.27 14.70 -28.40
CA THR B 190 -23.65 15.73 -29.35
C THR B 190 -24.19 16.98 -28.64
N LYS B 191 -24.85 16.81 -27.49
CA LYS B 191 -25.36 17.97 -26.76
C LYS B 191 -24.22 18.84 -26.24
N ASP B 192 -23.20 18.22 -25.64
CA ASP B 192 -22.04 18.98 -25.18
C ASP B 192 -21.29 19.62 -26.35
N LEU B 193 -21.18 18.90 -27.46
N LEU B 193 -21.15 18.88 -27.45
CA LEU B 193 -20.49 19.45 -28.62
CA LEU B 193 -20.52 19.42 -28.65
C LEU B 193 -21.21 20.69 -29.16
C LEU B 193 -21.21 20.71 -29.10
N SER B 194 -22.53 20.65 -29.25
CA SER B 194 -23.27 21.81 -29.77
C SER B 194 -23.16 22.99 -28.82
N ALA B 195 -23.19 22.73 -27.51
CA ALA B 195 -23.02 23.83 -26.57
C ALA B 195 -21.63 24.45 -26.68
N ALA B 196 -20.59 23.63 -26.89
CA ALA B 196 -19.25 24.16 -27.05
C ALA B 196 -19.11 24.97 -28.34
N ILE B 197 -19.75 24.52 -29.42
CA ILE B 197 -19.67 25.27 -30.67
C ILE B 197 -20.34 26.64 -30.51
N GLU B 198 -21.48 26.67 -29.83
CA GLU B 198 -22.18 27.94 -29.63
C GLU B 198 -21.36 28.88 -28.75
N ILE B 199 -20.68 28.35 -27.73
CA ILE B 199 -19.79 29.18 -26.92
C ILE B 199 -18.72 29.82 -27.81
N LEU B 200 -18.10 29.02 -28.68
CA LEU B 200 -17.07 29.56 -29.56
C LEU B 200 -17.64 30.57 -30.55
N LYS B 201 -18.84 30.32 -31.09
CA LYS B 201 -19.42 31.26 -32.05
C LYS B 201 -19.67 32.62 -31.40
N ASN B 202 -20.00 32.64 -30.12
CA ASN B 202 -20.23 33.90 -29.44
C ASN B 202 -18.96 34.50 -28.85
N SER B 203 -17.80 33.87 -29.05
CA SER B 203 -16.58 34.34 -28.41
C SER B 203 -15.95 35.50 -29.18
N LYS B 204 -15.30 36.38 -28.44
CA LYS B 204 -14.49 37.44 -29.05
C LYS B 204 -12.99 37.19 -28.93
N ARG B 205 -12.53 36.44 -27.92
N ARG B 205 -12.53 36.46 -27.91
CA ARG B 205 -11.11 36.19 -27.72
CA ARG B 205 -11.11 36.19 -27.71
C ARG B 205 -10.89 34.75 -27.30
C ARG B 205 -10.92 34.74 -27.29
N PRO B 206 -11.16 33.80 -28.19
CA PRO B 206 -10.93 32.39 -27.87
C PRO B 206 -9.45 32.05 -27.91
N LEU B 207 -9.06 31.09 -27.07
CA LEU B 207 -7.67 30.64 -27.01
C LEU B 207 -7.67 29.12 -26.88
N LEU B 208 -7.00 28.44 -27.80
CA LEU B 208 -6.80 27.01 -27.69
C LEU B 208 -5.51 26.75 -26.93
N VAL B 209 -5.62 26.09 -25.78
CA VAL B 209 -4.47 25.66 -24.98
C VAL B 209 -4.19 24.21 -25.36
N VAL B 210 -3.05 23.98 -26.00
CA VAL B 210 -2.73 22.70 -26.61
C VAL B 210 -1.66 22.03 -25.77
N GLY B 211 -1.99 20.90 -25.15
CA GLY B 211 -1.06 20.17 -24.32
C GLY B 211 -0.55 18.90 -25.00
N LYS B 212 0.23 18.13 -24.25
CA LYS B 212 0.87 16.95 -24.82
C LYS B 212 -0.08 15.77 -24.98
N GLY B 213 -1.28 15.82 -24.40
CA GLY B 213 -2.32 14.89 -24.82
C GLY B 213 -2.69 15.10 -26.27
N ALA B 214 -2.68 16.36 -26.72
CA ALA B 214 -3.01 16.66 -28.11
C ALA B 214 -1.92 16.17 -29.07
N THR B 215 -0.63 16.30 -28.69
CA THR B 215 0.41 15.77 -29.56
C THR B 215 0.45 14.25 -29.50
N TYR B 216 0.21 13.67 -28.32
CA TYR B 216 0.19 12.22 -28.21
C TYR B 216 -0.91 11.63 -29.11
N SER B 217 -2.07 12.27 -29.13
CA SER B 217 -3.19 11.80 -29.94
C SER B 217 -3.01 12.15 -31.40
N ARG B 218 -1.96 12.92 -31.74
CA ARG B 218 -1.57 13.20 -33.12
C ARG B 218 -2.64 14.01 -33.86
N CYS B 219 -3.01 15.14 -33.27
CA CYS B 219 -4.09 15.96 -33.84
C CYS B 219 -3.58 17.15 -34.64
N GLU B 220 -2.29 17.17 -35.01
CA GLU B 220 -1.71 18.35 -35.64
C GLU B 220 -2.45 18.75 -36.93
N ASN B 221 -2.89 17.77 -37.73
CA ASN B 221 -3.60 18.09 -38.97
C ASN B 221 -4.93 18.78 -38.70
N GLU B 222 -5.73 18.21 -37.78
CA GLU B 222 -7.00 18.83 -37.42
C GLU B 222 -6.79 20.19 -36.77
N LEU B 223 -5.81 20.28 -35.87
CA LEU B 223 -5.55 21.55 -35.20
C LEU B 223 -5.16 22.63 -36.19
N LYS B 224 -4.22 22.31 -37.09
CA LYS B 224 -3.83 23.27 -38.11
C LYS B 224 -5.02 23.75 -38.91
N ALA B 225 -5.85 22.81 -39.39
CA ALA B 225 -6.99 23.21 -40.22
C ALA B 225 -7.89 24.19 -39.47
N LEU B 226 -8.14 23.93 -38.20
CA LEU B 226 -9.01 24.81 -37.42
C LEU B 226 -8.37 26.17 -37.20
N VAL B 227 -7.13 26.18 -36.69
CA VAL B 227 -6.45 27.43 -36.38
C VAL B 227 -6.38 28.32 -37.62
N GLU B 228 -6.08 27.73 -38.78
CA GLU B 228 -5.82 28.58 -39.94
C GLU B 228 -7.10 29.03 -40.64
N GLU B 229 -8.17 28.23 -40.62
CA GLU B 229 -9.39 28.67 -41.32
C GLU B 229 -10.06 29.81 -40.56
N PHE B 230 -10.11 29.74 -39.24
CA PHE B 230 -10.81 30.75 -38.44
C PHE B 230 -9.87 31.68 -37.68
N ASN B 231 -8.56 31.56 -37.86
CA ASN B 231 -7.59 32.44 -37.20
C ASN B 231 -7.78 32.41 -35.67
N VAL B 232 -7.67 31.22 -35.10
CA VAL B 232 -7.91 31.00 -33.67
C VAL B 232 -6.56 30.99 -32.96
N PRO B 233 -6.29 31.94 -32.07
CA PRO B 233 -5.01 31.93 -31.35
C PRO B 233 -4.86 30.66 -30.52
N PHE B 234 -3.64 30.14 -30.47
CA PHE B 234 -3.36 28.93 -29.72
C PHE B 234 -2.11 29.14 -28.89
N LEU B 235 -1.95 28.28 -27.89
CA LEU B 235 -0.86 28.37 -26.93
C LEU B 235 -0.41 26.96 -26.58
N PRO B 236 0.79 26.53 -26.97
CA PRO B 236 1.24 25.18 -26.62
C PRO B 236 1.88 25.12 -25.24
N THR B 237 1.61 24.03 -24.52
CA THR B 237 2.43 23.67 -23.36
C THR B 237 3.79 23.19 -23.85
N PRO B 238 4.78 23.07 -22.94
CA PRO B 238 6.18 22.87 -23.40
C PRO B 238 6.39 21.71 -24.37
N MET B 239 5.86 20.52 -24.09
CA MET B 239 6.10 19.43 -25.04
C MET B 239 5.12 19.45 -26.21
N ALA B 240 4.10 20.29 -26.18
CA ALA B 240 3.28 20.51 -27.37
C ALA B 240 3.89 21.51 -28.33
N LYS B 241 4.94 22.22 -27.92
CA LYS B 241 5.62 23.14 -28.81
C LYS B 241 6.00 22.44 -30.11
N GLY B 242 5.72 23.09 -31.23
CA GLY B 242 5.98 22.52 -32.53
C GLY B 242 4.77 21.89 -33.19
N ILE B 243 3.71 21.56 -32.42
CA ILE B 243 2.52 20.95 -33.04
C ILE B 243 2.06 21.80 -34.21
N LEU B 244 2.05 23.11 -34.04
CA LEU B 244 2.25 24.12 -35.06
C LEU B 244 3.55 24.84 -34.74
N PRO B 245 4.22 25.44 -35.73
CA PRO B 245 5.53 26.07 -35.46
C PRO B 245 5.44 27.14 -34.39
N ASP B 246 6.53 27.28 -33.63
CA ASP B 246 6.61 28.34 -32.63
C ASP B 246 6.42 29.73 -33.24
N ASN B 247 6.78 29.93 -34.51
CA ASN B 247 6.60 31.22 -35.17
C ASN B 247 5.34 31.26 -36.02
N HIS B 248 4.40 30.35 -35.79
CA HIS B 248 3.14 30.40 -36.52
C HIS B 248 2.40 31.69 -36.18
N SER B 249 1.74 32.28 -37.18
CA SER B 249 1.22 33.64 -36.98
C SER B 249 0.12 33.69 -35.91
N LEU B 250 -0.46 32.56 -35.53
CA LEU B 250 -1.50 32.53 -34.51
C LEU B 250 -1.01 32.00 -33.16
N ASN B 251 0.30 31.79 -33.02
CA ASN B 251 0.87 31.29 -31.78
C ASN B 251 0.97 32.43 -30.77
N ALA B 252 0.29 32.28 -29.63
CA ALA B 252 0.29 33.28 -28.58
C ALA B 252 1.33 33.02 -27.50
N GLY B 253 2.29 32.11 -27.76
CA GLY B 253 3.22 31.70 -26.73
C GLY B 253 4.09 32.83 -26.18
N SER B 254 4.35 33.84 -26.97
CA SER B 254 5.22 34.95 -26.54
C SER B 254 4.48 35.98 -25.70
N ALA B 255 3.18 35.84 -25.54
CA ALA B 255 2.37 36.69 -24.67
C ALA B 255 1.52 35.82 -23.78
N ARG B 256 2.12 34.76 -23.23
CA ARG B 256 1.37 33.66 -22.65
C ARG B 256 0.45 34.12 -21.53
N SER B 257 1.01 34.84 -20.55
N SER B 257 1.00 34.85 -20.55
CA SER B 257 0.22 35.27 -19.40
CA SER B 257 0.20 35.25 -19.39
C SER B 257 -0.91 36.20 -19.81
C SER B 257 -0.91 36.22 -19.80
N LEU B 258 -0.64 37.11 -20.74
CA LEU B 258 -1.67 38.04 -21.19
C LEU B 258 -2.77 37.32 -21.96
N ALA B 259 -2.40 36.36 -22.81
CA ALA B 259 -3.39 35.61 -23.57
C ALA B 259 -4.34 34.86 -22.65
N LEU B 260 -3.79 34.17 -21.64
CA LEU B 260 -4.62 33.43 -20.70
C LEU B 260 -5.50 34.36 -19.87
N ARG B 261 -4.95 35.50 -19.47
CA ARG B 261 -5.68 36.48 -18.66
C ARG B 261 -6.87 37.08 -19.41
N LYS B 262 -6.73 37.28 -20.72
CA LYS B 262 -7.67 38.07 -21.51
C LYS B 262 -8.64 37.24 -22.35
N ALA B 263 -8.39 35.94 -22.51
CA ALA B 263 -9.30 35.13 -23.30
C ALA B 263 -10.68 35.13 -22.66
N ASP B 264 -11.73 35.16 -23.50
CA ASP B 264 -13.07 34.97 -22.98
C ASP B 264 -13.55 33.54 -23.12
N VAL B 265 -12.85 32.72 -23.92
CA VAL B 265 -13.11 31.28 -24.00
C VAL B 265 -11.76 30.59 -24.06
N ILE B 266 -11.58 29.55 -23.24
CA ILE B 266 -10.40 28.72 -23.31
C ILE B 266 -10.82 27.30 -23.65
N VAL B 267 -10.20 26.73 -24.69
CA VAL B 267 -10.40 25.34 -25.05
C VAL B 267 -9.14 24.59 -24.65
N LEU B 268 -9.26 23.71 -23.65
CA LEU B 268 -8.17 22.89 -23.17
C LEU B 268 -8.16 21.61 -23.99
N LEU B 269 -7.11 21.42 -24.78
CA LEU B 269 -6.98 20.27 -25.66
C LEU B 269 -5.82 19.42 -25.15
N GLY B 270 -6.15 18.38 -24.38
CA GLY B 270 -5.13 17.50 -23.83
C GLY B 270 -4.16 18.22 -22.91
N ALA B 271 -4.67 19.05 -22.02
CA ALA B 271 -3.84 19.74 -21.02
C ALA B 271 -4.64 19.86 -19.73
N ARG B 272 -3.96 19.70 -18.60
CA ARG B 272 -4.62 19.69 -17.31
C ARG B 272 -4.46 21.04 -16.61
N LEU B 273 -5.45 21.38 -15.79
CA LEU B 273 -5.34 22.54 -14.93
C LEU B 273 -4.65 22.13 -13.64
N ASN B 274 -3.47 21.52 -13.77
CA ASN B 274 -2.67 21.14 -12.63
C ASN B 274 -1.68 22.27 -12.33
N TRP B 275 -0.55 21.95 -11.69
CA TRP B 275 0.40 22.99 -11.30
C TRP B 275 0.91 23.79 -12.49
N MET B 276 0.98 23.19 -13.67
CA MET B 276 1.54 23.90 -14.84
C MET B 276 0.65 25.05 -15.28
N MET B 277 -0.65 25.00 -14.99
CA MET B 277 -1.58 26.09 -15.26
C MET B 277 -1.95 26.85 -13.99
N GLN B 278 -1.16 26.69 -12.91
CA GLN B 278 -1.47 27.30 -11.62
C GLN B 278 -2.88 26.94 -11.17
N PHE B 279 -3.31 25.72 -11.48
CA PHE B 279 -4.62 25.19 -11.08
C PHE B 279 -5.79 26.01 -11.65
N GLY B 280 -5.55 26.82 -12.67
CA GLY B 280 -6.55 27.72 -13.18
C GLY B 280 -6.76 28.97 -12.35
N ASN B 281 -5.91 29.22 -11.37
CA ASN B 281 -6.11 30.30 -10.41
C ASN B 281 -5.94 31.69 -11.02
N ARG B 282 -5.24 31.80 -12.14
CA ARG B 282 -5.00 33.11 -12.73
C ARG B 282 -5.94 33.43 -13.88
N LEU B 283 -6.77 32.47 -14.29
CA LEU B 283 -7.76 32.72 -15.32
C LEU B 283 -8.83 33.68 -14.79
N ASN B 284 -9.34 34.50 -15.69
CA ASN B 284 -10.49 35.33 -15.35
C ASN B 284 -11.67 34.41 -15.03
N PRO B 285 -12.36 34.61 -13.90
CA PRO B 285 -13.49 33.73 -13.58
C PRO B 285 -14.64 33.84 -14.56
N GLN B 286 -14.68 34.89 -15.38
CA GLN B 286 -15.71 35.02 -16.40
C GLN B 286 -15.34 34.30 -17.69
N THR B 287 -14.11 33.82 -17.82
CA THR B 287 -13.70 33.10 -19.02
C THR B 287 -14.41 31.75 -19.06
N LYS B 288 -15.02 31.43 -20.20
CA LYS B 288 -15.67 30.14 -20.37
C LYS B 288 -14.64 29.08 -20.74
N ILE B 289 -14.76 27.89 -20.14
CA ILE B 289 -13.76 26.85 -20.31
C ILE B 289 -14.40 25.62 -20.94
N ILE B 290 -13.85 25.20 -22.07
CA ILE B 290 -14.20 23.95 -22.72
C ILE B 290 -13.00 23.02 -22.55
N HIS B 291 -13.23 21.85 -21.95
CA HIS B 291 -12.15 20.91 -21.64
C HIS B 291 -12.34 19.64 -22.43
N VAL B 292 -11.37 19.31 -23.29
CA VAL B 292 -11.40 18.09 -24.08
C VAL B 292 -10.44 17.10 -23.43
N ASP B 293 -10.98 16.01 -22.87
CA ASP B 293 -10.12 14.99 -22.28
C ASP B 293 -10.79 13.63 -22.43
N ILE B 294 -9.97 12.58 -22.46
CA ILE B 294 -10.43 11.20 -22.44
C ILE B 294 -10.68 10.69 -21.03
N SER B 295 -10.27 11.44 -20.00
CA SER B 295 -10.43 11.04 -18.60
C SER B 295 -11.56 11.88 -17.99
N PRO B 296 -12.77 11.34 -17.86
CA PRO B 296 -13.88 12.18 -17.39
C PRO B 296 -13.73 12.61 -15.94
N GLU B 297 -12.94 11.88 -15.15
CA GLU B 297 -12.63 12.29 -13.79
C GLU B 297 -11.86 13.61 -13.73
N GLU B 298 -11.33 14.09 -14.86
CA GLU B 298 -10.55 15.33 -14.88
C GLU B 298 -11.44 16.58 -14.93
N PHE B 299 -12.73 16.42 -15.26
CA PHE B 299 -13.59 17.57 -15.52
C PHE B 299 -14.10 18.19 -14.22
N ASN B 300 -13.93 19.51 -14.11
CA ASN B 300 -14.63 20.33 -13.11
C ASN B 300 -14.16 20.00 -11.69
N ILE B 301 -12.84 19.90 -11.53
CA ILE B 301 -12.21 19.53 -10.27
C ILE B 301 -11.53 20.76 -9.68
N ASN B 302 -10.46 21.23 -10.34
CA ASN B 302 -9.71 22.37 -9.84
C ASN B 302 -10.37 23.71 -10.14
N LYS B 303 -11.09 23.79 -11.26
CA LYS B 303 -11.67 25.03 -11.76
C LYS B 303 -13.06 24.69 -12.28
N LYS B 304 -14.00 25.60 -12.05
CA LYS B 304 -15.31 25.47 -12.70
C LYS B 304 -15.12 25.60 -14.20
N ILE B 305 -15.65 24.63 -14.95
CA ILE B 305 -15.59 24.68 -16.41
C ILE B 305 -17.02 24.72 -16.92
N ASP B 306 -17.17 25.09 -18.19
CA ASP B 306 -18.51 25.16 -18.75
C ASP B 306 -18.91 23.86 -19.43
N ILE B 307 -18.01 23.23 -20.18
CA ILE B 307 -18.32 22.04 -20.95
C ILE B 307 -17.15 21.08 -20.83
N GLY B 308 -17.44 19.83 -20.46
CA GLY B 308 -16.49 18.75 -20.59
C GLY B 308 -16.81 17.98 -21.86
N LEU B 309 -15.88 17.98 -22.79
CA LEU B 309 -16.02 17.23 -24.02
C LEU B 309 -15.21 15.95 -23.83
N PHE B 310 -15.93 14.87 -23.57
CA PHE B 310 -15.37 13.57 -23.25
C PHE B 310 -15.16 12.87 -24.59
N GLY B 311 -13.94 12.93 -25.13
CA GLY B 311 -13.71 12.44 -26.48
C GLY B 311 -12.26 12.58 -26.93
N ASN B 312 -11.95 11.85 -27.99
CA ASN B 312 -10.62 11.87 -28.60
C ASN B 312 -10.34 13.24 -29.21
N ILE B 313 -9.15 13.79 -28.94
CA ILE B 313 -8.88 15.18 -29.32
C ILE B 313 -8.98 15.41 -30.83
N PRO B 314 -8.35 14.61 -31.71
CA PRO B 314 -8.40 14.95 -33.15
C PRO B 314 -9.82 15.01 -33.69
N GLU B 315 -10.63 14.00 -33.41
CA GLU B 315 -12.00 14.01 -33.92
C GLU B 315 -12.80 15.15 -33.31
N THR B 316 -12.56 15.45 -32.04
CA THR B 316 -13.30 16.54 -31.39
C THR B 316 -12.95 17.90 -32.00
N ILE B 317 -11.68 18.12 -32.33
CA ILE B 317 -11.30 19.36 -33.00
C ILE B 317 -12.03 19.50 -34.33
N GLU B 318 -12.07 18.40 -35.09
CA GLU B 318 -12.68 18.44 -36.42
C GLU B 318 -14.19 18.68 -36.32
N LEU B 319 -14.84 18.05 -35.33
CA LEU B 319 -16.27 18.27 -35.12
C LEU B 319 -16.56 19.73 -34.78
N ILE B 320 -15.73 20.33 -33.94
CA ILE B 320 -15.88 21.75 -33.61
C ILE B 320 -15.70 22.60 -34.87
N HIS B 321 -14.67 22.28 -35.66
CA HIS B 321 -14.40 22.97 -36.91
C HIS B 321 -15.58 22.86 -37.86
N GLN B 322 -16.08 21.64 -38.10
CA GLN B 322 -17.24 21.49 -38.95
C GLN B 322 -18.43 22.27 -38.40
N GLY B 323 -18.56 22.35 -37.07
CA GLY B 323 -19.67 23.08 -36.49
C GLY B 323 -19.60 24.57 -36.77
N LEU B 324 -18.41 25.15 -36.66
CA LEU B 324 -18.26 26.56 -37.00
C LEU B 324 -18.46 26.80 -38.48
N LYS B 325 -17.99 25.87 -39.32
CA LYS B 325 -18.06 26.05 -40.76
C LYS B 325 -19.49 25.95 -41.27
N LYS B 326 -20.36 25.23 -40.54
CA LYS B 326 -21.74 25.06 -40.97
C LYS B 326 -22.54 26.36 -40.89
N SER B 327 -22.21 27.25 -39.95
CA SER B 327 -23.05 28.41 -39.71
C SER B 327 -23.08 29.36 -40.90
N GLY B 328 -22.15 29.24 -41.83
CA GLY B 328 -22.08 30.19 -42.94
C GLY B 328 -21.47 31.51 -42.54
N LYS B 329 -22.00 32.13 -41.48
CA LYS B 329 -21.40 33.33 -40.92
C LYS B 329 -19.91 33.10 -40.69
N SER B 330 -19.10 34.02 -41.19
CA SER B 330 -17.66 33.82 -41.19
C SER B 330 -17.06 34.26 -39.86
N TYR B 331 -16.04 33.53 -39.42
CA TYR B 331 -15.37 33.78 -38.15
C TYR B 331 -13.89 34.03 -38.39
N SER B 332 -13.35 35.01 -37.68
CA SER B 332 -11.91 35.25 -37.67
C SER B 332 -11.56 35.92 -36.35
N TRP B 333 -10.64 35.33 -35.62
CA TRP B 333 -10.22 35.90 -34.34
C TRP B 333 -8.78 36.40 -34.40
N ILE B 334 -8.33 36.84 -35.58
CA ILE B 334 -6.99 37.41 -35.70
C ILE B 334 -6.87 38.67 -34.85
N HIS B 335 -7.99 39.36 -34.59
CA HIS B 335 -7.93 40.58 -33.78
C HIS B 335 -7.36 40.30 -32.39
N PHE B 336 -7.72 39.14 -31.81
CA PHE B 336 -7.19 38.79 -30.49
C PHE B 336 -5.67 38.65 -30.53
N LYS B 337 -5.15 37.89 -31.51
CA LYS B 337 -3.71 37.77 -31.68
C LYS B 337 -3.06 39.14 -31.86
N ASN B 338 -3.65 40.00 -32.68
CA ASN B 338 -3.07 41.32 -32.92
C ASN B 338 -3.04 42.14 -31.63
N GLU B 339 -4.06 41.99 -30.77
CA GLU B 339 -4.07 42.67 -29.48
C GLU B 339 -2.92 42.24 -28.57
N LEU B 340 -2.31 41.08 -28.84
CA LEU B 340 -1.19 40.59 -28.05
C LEU B 340 0.16 41.17 -28.49
N GLN B 341 0.22 41.82 -29.65
CA GLN B 341 1.50 42.22 -30.21
C GLN B 341 2.28 43.20 -29.33
N PRO B 342 1.68 44.24 -28.73
CA PRO B 342 2.50 45.11 -27.87
C PRO B 342 3.14 44.37 -26.71
N ASN B 343 2.48 43.34 -26.18
CA ASN B 343 3.09 42.55 -25.11
C ASN B 343 4.18 41.63 -25.66
N ILE B 344 3.97 41.08 -26.86
CA ILE B 344 5.03 40.30 -27.51
C ILE B 344 6.28 41.16 -27.67
N GLU B 345 6.11 42.40 -28.13
CA GLU B 345 7.25 43.28 -28.32
C GLU B 345 7.92 43.62 -27.00
N LYS B 346 7.15 43.96 -25.97
CA LYS B 346 7.74 44.26 -24.68
C LYS B 346 8.52 43.08 -24.12
N ASN B 347 8.07 41.85 -24.39
CA ASN B 347 8.81 40.68 -23.94
C ASN B 347 10.09 40.49 -24.75
N GLN B 348 10.05 40.79 -26.04
CA GLN B 348 11.26 40.66 -26.84
C GLN B 348 12.32 41.68 -26.44
N GLU B 349 11.90 42.87 -26.01
CA GLU B 349 12.86 43.87 -25.57
C GLU B 349 13.47 43.48 -24.22
N LYS B 350 12.69 42.85 -23.35
CA LYS B 350 13.25 42.34 -22.11
C LYS B 350 14.27 41.25 -22.39
N LEU B 351 13.97 40.35 -23.33
CA LEU B 351 14.94 39.34 -23.72
C LEU B 351 16.21 39.98 -24.26
N GLN B 352 16.05 41.07 -25.02
CA GLN B 352 17.19 41.73 -25.65
C GLN B 352 18.15 42.30 -24.62
N LYS B 353 17.66 42.65 -23.43
CA LYS B 353 18.54 43.14 -22.37
C LYS B 353 19.46 42.04 -21.87
N PHE B 354 18.96 40.80 -21.78
CA PHE B 354 19.83 39.68 -21.45
C PHE B 354 20.86 39.43 -22.56
N LEU B 355 20.42 39.50 -23.82
CA LEU B 355 21.31 39.14 -24.94
C LEU B 355 22.45 40.13 -25.08
N THR B 356 22.28 41.37 -24.64
CA THR B 356 23.34 42.36 -24.76
C THR B 356 24.02 42.65 -23.43
N ALA B 357 23.79 41.83 -22.40
CA ALA B 357 24.39 42.07 -21.09
C ALA B 357 25.91 41.93 -21.18
N PRO B 358 26.66 42.62 -20.32
CA PRO B 358 28.12 42.49 -20.34
C PRO B 358 28.52 41.04 -20.11
N LEU B 359 29.58 40.63 -20.80
CA LEU B 359 30.14 39.30 -20.62
C LEU B 359 31.09 39.29 -19.42
N SER B 360 31.17 38.14 -18.75
CA SER B 360 31.73 38.06 -17.40
C SER B 360 33.20 37.64 -17.26
N PRO B 361 33.93 37.15 -18.29
CA PRO B 361 33.74 37.14 -19.75
C PRO B 361 32.86 36.02 -20.30
N LEU B 362 32.28 35.18 -19.45
CA LEU B 362 31.42 34.11 -19.95
C LEU B 362 30.03 34.65 -20.28
N MET B 363 29.31 33.88 -21.12
CA MET B 363 27.94 34.23 -21.49
C MET B 363 26.98 33.91 -20.33
N ASN B 364 25.78 34.48 -20.40
CA ASN B 364 24.69 34.04 -19.55
C ASN B 364 23.86 32.97 -20.30
N HIS B 365 22.86 32.42 -19.62
CA HIS B 365 21.99 31.39 -20.20
C HIS B 365 21.41 31.84 -21.53
N GLN B 366 20.92 33.08 -21.58
CA GLN B 366 20.21 33.54 -22.77
C GLN B 366 21.17 33.68 -23.96
N GLN B 367 22.34 34.29 -23.72
CA GLN B 367 23.31 34.45 -24.79
C GLN B 367 23.75 33.10 -25.35
N ALA B 368 24.04 32.14 -24.47
CA ALA B 368 24.46 30.82 -24.94
C ALA B 368 23.37 30.16 -25.76
N LEU B 369 22.14 30.15 -25.25
CA LEU B 369 21.09 29.41 -25.93
C LEU B 369 20.56 30.16 -27.15
N ASN B 370 20.68 31.48 -27.17
CA ASN B 370 20.33 32.21 -28.39
C ASN B 370 21.29 31.82 -29.52
N THR B 371 22.57 31.69 -29.20
CA THR B 371 23.53 31.21 -30.19
C THR B 371 23.20 29.79 -30.65
N VAL B 372 22.92 28.90 -29.70
CA VAL B 372 22.55 27.53 -30.06
C VAL B 372 21.38 27.54 -31.04
N GLU B 373 20.40 28.40 -30.79
CA GLU B 373 19.21 28.43 -31.64
C GLU B 373 19.55 28.91 -33.04
N GLU B 374 20.40 29.94 -33.16
CA GLU B 374 20.81 30.40 -34.49
C GLU B 374 21.51 29.28 -35.26
N VAL B 375 22.41 28.56 -34.61
CA VAL B 375 23.16 27.51 -35.28
C VAL B 375 22.24 26.36 -35.65
N LEU B 376 21.39 25.93 -34.72
CA LEU B 376 20.47 24.83 -35.00
C LEU B 376 19.47 25.22 -36.08
N SER B 377 18.97 26.45 -36.05
CA SER B 377 17.98 26.87 -37.03
C SER B 377 18.57 26.89 -38.43
N LYS B 378 19.79 27.39 -38.57
CA LYS B 378 20.44 27.42 -39.88
C LYS B 378 20.68 26.00 -40.39
N GLN B 379 21.10 25.09 -39.51
CA GLN B 379 21.48 23.76 -39.96
C GLN B 379 20.27 22.89 -40.32
N PHE B 380 19.21 22.92 -39.51
CA PHE B 380 18.14 21.94 -39.64
C PHE B 380 16.82 22.52 -40.09
N ASN B 381 16.67 23.84 -40.09
CA ASN B 381 15.40 24.50 -40.42
C ASN B 381 14.23 23.85 -39.68
N GLY B 382 14.44 23.53 -38.41
CA GLY B 382 13.42 22.97 -37.55
C GLY B 382 13.29 21.46 -37.59
N ASP B 383 14.00 20.78 -38.48
CA ASP B 383 13.81 19.34 -38.67
C ASP B 383 14.91 18.57 -37.93
N TYR B 384 14.73 18.45 -36.61
CA TYR B 384 15.59 17.63 -35.75
C TYR B 384 14.77 17.26 -34.51
N PHE B 385 15.44 16.73 -33.49
CA PHE B 385 14.77 16.27 -32.27
C PHE B 385 15.48 16.86 -31.05
N LEU B 386 14.71 17.42 -30.12
CA LEU B 386 15.24 18.18 -29.00
C LEU B 386 14.84 17.57 -27.66
N VAL B 387 15.82 17.37 -26.78
CA VAL B 387 15.59 17.02 -25.38
C VAL B 387 16.08 18.18 -24.53
N SER B 388 15.31 18.54 -23.51
CA SER B 388 15.59 19.75 -22.73
C SER B 388 15.40 19.47 -21.24
N GLU B 389 16.42 19.74 -20.44
CA GLU B 389 16.40 19.35 -19.04
C GLU B 389 17.30 20.26 -18.22
N GLY B 390 16.83 20.63 -17.04
CA GLY B 390 17.51 21.57 -16.18
C GLY B 390 16.48 22.46 -15.51
N ALA B 391 16.97 23.53 -14.90
CA ALA B 391 16.08 24.49 -14.27
C ALA B 391 16.12 25.74 -15.12
N ARG B 392 17.06 26.67 -14.88
CA ARG B 392 17.13 27.86 -15.73
C ARG B 392 17.46 27.47 -17.17
N THR B 393 18.36 26.49 -17.34
CA THR B 393 18.69 26.02 -18.69
C THR B 393 17.43 25.58 -19.44
N MET B 394 16.53 24.85 -18.76
CA MET B 394 15.33 24.37 -19.43
C MET B 394 14.36 25.53 -19.72
N ASP B 395 14.20 26.43 -18.76
CA ASP B 395 13.29 27.56 -18.97
C ASP B 395 13.74 28.43 -20.14
N VAL B 396 15.04 28.73 -20.20
CA VAL B 396 15.55 29.57 -21.28
C VAL B 396 15.50 28.83 -22.61
N THR B 397 15.73 27.51 -22.60
CA THR B 397 15.59 26.74 -23.82
C THR B 397 14.15 26.78 -24.32
N ARG B 398 13.18 26.68 -23.41
N ARG B 398 13.18 26.67 -23.42
CA ARG B 398 11.78 26.79 -23.82
CA ARG B 398 11.78 26.79 -23.82
C ARG B 398 11.52 28.14 -24.48
C ARG B 398 11.52 28.14 -24.48
N MET B 399 12.15 29.20 -23.96
CA MET B 399 11.92 30.54 -24.50
C MET B 399 12.64 30.75 -25.83
N LEU B 400 13.86 30.23 -25.97
CA LEU B 400 14.73 30.60 -27.09
C LEU B 400 14.88 29.55 -28.17
N VAL B 401 14.83 28.26 -27.85
CA VAL B 401 15.06 27.20 -28.82
C VAL B 401 13.71 26.75 -29.35
N SER B 402 13.45 27.03 -30.62
CA SER B 402 12.12 26.87 -31.19
C SER B 402 11.89 25.45 -31.71
N SER B 403 10.62 25.06 -31.73
CA SER B 403 10.17 23.81 -32.30
C SER B 403 9.23 24.09 -33.47
N HIS B 404 9.29 23.23 -34.49
CA HIS B 404 8.54 23.44 -35.72
C HIS B 404 7.75 22.24 -36.18
N LEU B 405 7.94 21.08 -35.58
CA LEU B 405 7.22 19.87 -35.94
C LEU B 405 6.70 19.21 -34.68
N PRO B 406 5.58 18.48 -34.77
CA PRO B 406 5.02 17.86 -33.57
C PRO B 406 5.88 16.71 -33.06
N ARG B 407 5.88 16.55 -31.74
CA ARG B 407 6.58 15.45 -31.06
C ARG B 407 8.07 15.41 -31.42
N ARG B 408 8.70 16.58 -31.46
CA ARG B 408 10.14 16.68 -31.64
C ARG B 408 10.80 17.33 -30.43
N ARG B 409 10.14 17.28 -29.27
CA ARG B 409 10.60 17.96 -28.08
C ARG B 409 10.17 17.19 -26.83
N LEU B 410 11.13 16.89 -25.95
CA LEU B 410 10.84 16.23 -24.69
C LEU B 410 11.55 16.98 -23.58
N ASP B 411 10.86 17.19 -22.45
CA ASP B 411 11.49 17.91 -21.34
C ASP B 411 11.08 17.27 -20.02
N ALA B 412 11.33 17.99 -18.91
CA ALA B 412 11.17 17.44 -17.57
C ALA B 412 9.72 17.12 -17.23
N GLY B 413 8.75 17.64 -18.00
CA GLY B 413 7.40 17.12 -17.94
C GLY B 413 6.59 17.43 -16.69
N THR B 414 5.62 16.57 -16.43
CA THR B 414 4.68 16.82 -15.35
C THR B 414 5.35 16.72 -13.97
N LEU B 415 6.39 15.91 -13.85
CA LEU B 415 7.14 15.79 -12.59
C LEU B 415 8.23 16.83 -12.42
N GLY B 416 8.61 17.57 -13.47
CA GLY B 416 9.79 18.40 -13.35
C GLY B 416 11.00 17.60 -12.93
N VAL B 417 11.12 16.37 -13.45
CA VAL B 417 12.11 15.41 -12.98
C VAL B 417 13.42 15.61 -13.73
N MET B 418 14.53 15.67 -12.97
CA MET B 418 15.88 15.63 -13.55
C MET B 418 16.31 14.17 -13.71
N GLY B 419 17.05 13.90 -14.78
CA GLY B 419 17.53 12.56 -15.05
C GLY B 419 16.89 11.89 -16.24
N ILE B 420 15.99 12.58 -16.94
CA ILE B 420 15.35 11.99 -18.11
C ILE B 420 16.15 12.24 -19.38
N GLY B 421 17.16 13.10 -19.34
CA GLY B 421 17.86 13.59 -20.50
C GLY B 421 18.34 12.54 -21.48
N LEU B 422 19.20 11.64 -21.03
CA LEU B 422 19.79 10.69 -21.97
C LEU B 422 18.82 9.57 -22.32
N GLY B 423 17.98 9.15 -21.38
CA GLY B 423 16.96 8.17 -21.71
C GLY B 423 15.99 8.69 -22.77
N TYR B 424 15.60 9.96 -22.66
CA TYR B 424 14.73 10.54 -23.67
C TYR B 424 15.45 10.68 -25.01
N ALA B 425 16.74 10.98 -24.96
CA ALA B 425 17.52 11.10 -26.19
C ALA B 425 17.63 9.76 -26.92
N LEU B 426 17.86 8.67 -26.18
CA LEU B 426 17.88 7.35 -26.80
C LEU B 426 16.56 7.02 -27.48
N ALA B 427 15.44 7.23 -26.78
CA ALA B 427 14.14 6.93 -27.36
C ALA B 427 13.89 7.80 -28.58
N GLY B 428 14.27 9.08 -28.51
CA GLY B 428 14.08 9.94 -29.67
C GLY B 428 14.93 9.52 -30.85
N GLN B 429 16.18 9.15 -30.59
CA GLN B 429 17.06 8.73 -31.69
C GLN B 429 16.61 7.41 -32.28
N LEU B 430 16.12 6.50 -31.44
CA LEU B 430 15.61 5.23 -31.96
C LEU B 430 14.33 5.41 -32.75
N THR B 431 13.52 6.41 -32.39
CA THR B 431 12.30 6.69 -33.15
C THR B 431 12.60 7.41 -34.46
N HIS B 432 13.69 8.19 -34.51
CA HIS B 432 14.03 8.98 -35.70
C HIS B 432 15.47 8.73 -36.09
N PRO B 433 15.80 7.53 -36.57
CA PRO B 433 17.21 7.24 -36.87
C PRO B 433 17.79 8.10 -37.98
N ASP B 434 16.95 8.75 -38.78
CA ASP B 434 17.39 9.61 -39.87
C ASP B 434 17.48 11.08 -39.47
N LYS B 435 17.26 11.41 -38.20
CA LYS B 435 17.30 12.78 -37.72
C LYS B 435 18.38 12.95 -36.67
N LYS B 436 18.79 14.20 -36.46
CA LYS B 436 19.74 14.52 -35.40
C LYS B 436 19.01 14.79 -34.09
N VAL B 437 19.57 14.29 -32.99
CA VAL B 437 18.99 14.44 -31.66
C VAL B 437 19.94 15.32 -30.86
N VAL B 438 19.43 16.47 -30.42
CA VAL B 438 20.19 17.43 -29.62
C VAL B 438 19.58 17.43 -28.21
N ALA B 439 20.43 17.22 -27.21
CA ALA B 439 20.01 17.21 -25.80
C ALA B 439 20.67 18.39 -25.10
N ILE B 440 19.87 19.38 -24.72
CA ILE B 440 20.37 20.57 -24.05
C ILE B 440 20.05 20.41 -22.56
N MET B 441 21.09 20.23 -21.76
CA MET B 441 20.97 19.89 -20.35
C MET B 441 21.79 20.84 -19.50
N GLY B 442 21.24 21.22 -18.35
CA GLY B 442 22.06 21.85 -17.33
C GLY B 442 23.13 20.91 -16.82
N ASP B 443 24.18 21.48 -16.21
CA ASP B 443 25.25 20.63 -15.69
C ASP B 443 24.74 19.72 -14.58
N SER B 444 23.90 20.22 -13.69
CA SER B 444 23.36 19.33 -12.64
C SER B 444 22.50 18.25 -13.27
N ALA B 445 21.56 18.64 -14.14
CA ALA B 445 20.69 17.66 -14.79
C ALA B 445 21.50 16.55 -15.46
N PHE B 446 22.55 16.93 -16.20
CA PHE B 446 23.36 15.96 -16.95
C PHE B 446 23.91 14.85 -16.06
N GLY B 447 24.37 15.20 -14.84
CA GLY B 447 25.01 14.23 -13.96
C GLY B 447 24.10 13.09 -13.51
N PHE B 448 22.78 13.28 -13.58
CA PHE B 448 21.86 12.21 -13.19
C PHE B 448 21.97 11.00 -14.13
N SER B 449 22.22 11.22 -15.42
CA SER B 449 22.14 10.14 -16.40
C SER B 449 23.34 10.10 -17.35
N ALA B 450 24.45 10.75 -17.01
CA ALA B 450 25.53 10.97 -17.98
C ALA B 450 26.13 9.68 -18.52
N MET B 451 26.17 8.61 -17.71
CA MET B 451 26.87 7.41 -18.20
C MET B 451 26.16 6.73 -19.37
N GLU B 452 24.91 7.09 -19.65
CA GLU B 452 24.26 6.53 -20.84
C GLU B 452 24.92 6.96 -22.14
N ILE B 453 25.92 7.85 -22.11
CA ILE B 453 26.68 8.09 -23.34
C ILE B 453 27.32 6.82 -23.84
N GLU B 454 27.67 5.89 -22.93
CA GLU B 454 28.18 4.61 -23.42
C GLU B 454 27.08 3.81 -24.11
N THR B 455 25.85 3.85 -23.59
CA THR B 455 24.75 3.18 -24.28
C THR B 455 24.58 3.77 -25.69
N ALA B 456 24.62 5.10 -25.79
CA ALA B 456 24.45 5.75 -27.07
C ALA B 456 25.56 5.36 -28.05
N ALA B 457 26.82 5.39 -27.58
CA ALA B 457 27.95 4.99 -28.43
C ALA B 457 27.81 3.53 -28.87
N ARG B 458 27.51 2.64 -27.92
CA ARG B 458 27.43 1.21 -28.20
C ARG B 458 26.32 0.89 -29.20
N CYS B 459 25.17 1.53 -29.07
CA CYS B 459 24.02 1.24 -29.90
C CYS B 459 23.96 2.10 -31.16
N LYS B 460 25.05 2.81 -31.49
CA LYS B 460 25.16 3.59 -32.72
C LYS B 460 24.12 4.71 -32.78
N LEU B 461 23.93 5.42 -31.67
CA LEU B 461 22.99 6.54 -31.62
C LEU B 461 23.80 7.82 -31.46
N PRO B 462 24.02 8.59 -32.55
CA PRO B 462 25.02 9.69 -32.54
C PRO B 462 24.50 10.99 -31.91
N LEU B 463 24.29 10.96 -30.60
CA LEU B 463 23.67 12.09 -29.91
C LEU B 463 24.58 13.31 -29.90
N ILE B 464 23.97 14.49 -29.98
CA ILE B 464 24.64 15.77 -29.81
C ILE B 464 24.20 16.34 -28.46
N ILE B 465 25.14 16.47 -27.54
CA ILE B 465 24.84 16.82 -26.16
C ILE B 465 25.43 18.20 -25.89
N ILE B 466 24.58 19.15 -25.49
CA ILE B 466 24.98 20.50 -25.13
C ILE B 466 24.73 20.67 -23.64
N ILE B 467 25.80 20.95 -22.88
CA ILE B 467 25.70 21.15 -21.43
C ILE B 467 25.84 22.64 -21.16
N ILE B 468 24.84 23.24 -20.52
CA ILE B 468 24.93 24.63 -20.10
C ILE B 468 25.44 24.62 -18.67
N ASN B 469 26.70 25.00 -18.48
CA ASN B 469 27.46 24.67 -17.27
C ASN B 469 27.72 25.93 -16.45
N ASN B 470 26.96 26.12 -15.38
CA ASN B 470 27.15 27.24 -14.46
C ASN B 470 27.68 26.81 -13.09
N ASN B 471 28.31 25.63 -13.03
CA ASN B 471 28.91 25.11 -11.79
C ASN B 471 27.87 24.80 -10.72
N GLY B 472 26.63 24.46 -11.07
CA GLY B 472 25.73 24.02 -10.01
C GLY B 472 24.25 24.09 -10.37
N ILE B 473 23.44 24.12 -9.33
CA ILE B 473 21.99 24.00 -9.41
C ILE B 473 21.44 25.41 -9.34
N TYR B 474 21.02 25.94 -10.50
CA TYR B 474 20.56 27.32 -10.70
C TYR B 474 21.74 28.29 -10.76
N HIS B 475 22.75 28.02 -9.94
CA HIS B 475 23.94 28.85 -9.87
C HIS B 475 25.02 28.06 -9.14
N GLY B 476 26.24 28.59 -9.15
CA GLY B 476 27.33 27.88 -8.52
C GLY B 476 28.41 28.84 -8.07
N LEU B 477 29.45 28.29 -7.47
CA LEU B 477 30.66 29.05 -7.14
C LEU B 477 31.66 28.90 -8.29
N ASP B 478 32.54 29.88 -8.42
CA ASP B 478 33.63 29.76 -9.37
C ASP B 478 34.93 29.34 -8.71
N ASP B 479 34.91 29.13 -7.39
CA ASP B 479 36.10 28.67 -6.67
C ASP B 479 35.66 27.99 -5.38
N ILE B 480 36.00 26.71 -5.23
CA ILE B 480 35.76 25.97 -4.01
C ILE B 480 37.03 25.58 -3.30
N LYS B 481 38.19 25.91 -3.86
CA LYS B 481 39.45 25.51 -3.25
C LYS B 481 39.63 26.12 -1.87
N SER B 482 39.18 27.36 -1.68
CA SER B 482 39.36 28.08 -0.43
C SER B 482 38.22 27.88 0.56
N VAL B 483 37.18 27.15 0.19
CA VAL B 483 35.99 27.01 1.02
C VAL B 483 36.21 25.83 1.96
N PRO B 484 36.13 26.02 3.28
CA PRO B 484 36.21 24.87 4.19
C PRO B 484 35.12 23.87 3.84
N SER B 485 35.49 22.59 3.82
N SER B 485 35.49 22.59 3.85
CA SER B 485 34.59 21.56 3.30
CA SER B 485 34.60 21.54 3.33
C SER B 485 33.26 21.51 4.05
C SER B 485 33.27 21.52 4.06
N ASP B 486 33.26 21.81 5.36
CA ASP B 486 32.01 21.81 6.12
C ASP B 486 31.05 22.91 5.68
N LYS B 487 31.56 23.98 5.09
CA LYS B 487 30.74 25.12 4.70
C LYS B 487 30.47 25.16 3.19
N LEU B 488 30.81 24.11 2.47
CA LEU B 488 30.58 24.11 1.03
C LEU B 488 29.08 24.17 0.77
N PRO B 489 28.60 25.09 -0.07
CA PRO B 489 27.16 25.26 -0.25
C PRO B 489 26.55 24.13 -1.05
N SER B 490 25.27 23.86 -0.77
CA SER B 490 24.61 22.68 -1.29
C SER B 490 24.30 22.79 -2.78
N PHE B 491 24.23 23.99 -3.32
CA PHE B 491 23.88 24.18 -4.72
C PHE B 491 25.08 24.08 -5.66
N THR B 492 26.30 24.12 -5.16
CA THR B 492 27.41 24.21 -6.10
C THR B 492 27.91 22.83 -6.49
N LEU B 493 28.41 22.76 -7.72
CA LEU B 493 29.18 21.65 -8.25
C LEU B 493 30.61 22.13 -8.44
N MET B 494 31.47 21.25 -8.92
CA MET B 494 32.89 21.62 -9.04
C MET B 494 33.07 22.63 -10.18
N PRO B 495 33.77 23.74 -9.95
CA PRO B 495 33.97 24.73 -11.01
C PRO B 495 34.64 24.11 -12.24
N GLU B 496 34.05 24.39 -13.41
CA GLU B 496 34.55 23.93 -14.70
C GLU B 496 34.81 22.43 -14.70
N THR B 497 33.81 21.67 -14.24
CA THR B 497 33.80 20.24 -14.48
C THR B 497 33.82 20.00 -15.98
N ARG B 498 34.72 19.11 -16.42
CA ARG B 498 35.00 18.98 -17.85
C ARG B 498 34.17 17.84 -18.45
N TYR B 499 32.86 18.09 -18.49
CA TYR B 499 31.93 17.13 -19.07
C TYR B 499 32.30 16.80 -20.51
N ASP B 500 32.87 17.77 -21.23
CA ASP B 500 33.31 17.53 -22.60
C ASP B 500 34.27 16.34 -22.68
N LEU B 501 35.14 16.17 -21.67
CA LEU B 501 36.12 15.09 -21.73
C LEU B 501 35.50 13.71 -21.51
N LEU B 502 34.28 13.63 -20.96
CA LEU B 502 33.58 12.36 -20.86
C LEU B 502 33.41 11.69 -22.22
N ALA B 503 33.24 12.49 -23.28
CA ALA B 503 33.04 11.96 -24.62
C ALA B 503 34.18 11.05 -25.05
N ASN B 504 35.40 11.30 -24.57
CA ASN B 504 36.52 10.46 -24.94
C ASN B 504 36.43 9.06 -24.34
N SER B 505 35.70 8.90 -23.24
CA SER B 505 35.54 7.56 -22.67
C SER B 505 34.84 6.60 -23.62
N VAL B 506 34.03 7.12 -24.54
CA VAL B 506 33.24 6.32 -25.46
C VAL B 506 33.62 6.61 -26.91
N TYR B 507 34.84 7.10 -27.13
CA TYR B 507 35.39 7.34 -28.45
C TYR B 507 34.59 8.39 -29.21
N GLY B 508 33.98 9.31 -28.49
CA GLY B 508 33.23 10.40 -29.09
C GLY B 508 34.11 11.62 -29.28
N GLN B 509 33.48 12.79 -29.25
CA GLN B 509 34.23 14.03 -29.35
C GLN B 509 33.66 15.04 -28.37
N GLY B 510 34.55 15.80 -27.73
CA GLY B 510 34.14 16.79 -26.75
C GLY B 510 34.73 18.15 -27.08
N PHE B 511 33.98 19.18 -26.70
CA PHE B 511 34.41 20.56 -26.90
C PHE B 511 34.19 21.36 -25.64
N LEU B 512 35.24 22.05 -25.18
CA LEU B 512 35.09 23.04 -24.13
C LEU B 512 34.87 24.40 -24.80
N VAL B 513 33.83 25.10 -24.37
CA VAL B 513 33.36 26.28 -25.08
C VAL B 513 33.13 27.40 -24.07
N LYS B 514 33.67 28.58 -24.36
CA LYS B 514 33.57 29.70 -23.43
C LYS B 514 33.08 31.00 -24.08
N ASP B 515 32.90 31.04 -25.39
CA ASP B 515 32.29 32.20 -26.01
C ASP B 515 31.45 31.74 -27.19
N SER B 516 30.70 32.68 -27.77
CA SER B 516 29.75 32.31 -28.84
C SER B 516 30.47 31.85 -30.11
N THR B 517 31.67 32.36 -30.37
CA THR B 517 32.43 31.91 -31.54
C THR B 517 32.80 30.44 -31.42
N GLN B 518 33.35 30.04 -30.27
CA GLN B 518 33.72 28.64 -30.07
C GLN B 518 32.50 27.74 -30.03
N LEU B 519 31.37 28.23 -29.53
CA LEU B 519 30.14 27.44 -29.50
C LEU B 519 29.67 27.13 -30.92
N GLN B 520 29.61 28.15 -31.77
N GLN B 520 29.62 28.16 -31.78
CA GLN B 520 29.22 27.93 -33.16
CA GLN B 520 29.22 27.94 -33.17
C GLN B 520 30.16 26.96 -33.85
C GLN B 520 30.17 26.97 -33.86
N SER B 521 31.48 27.17 -33.68
CA SER B 521 32.46 26.30 -34.31
C SER B 521 32.34 24.85 -33.81
N ALA B 522 32.16 24.65 -32.50
CA ALA B 522 32.03 23.30 -31.97
C ALA B 522 30.78 22.62 -32.50
N LEU B 523 29.64 23.33 -32.45
CA LEU B 523 28.38 22.77 -32.92
C LEU B 523 28.45 22.34 -34.39
N GLN B 524 29.10 23.14 -35.23
CA GLN B 524 29.22 22.78 -36.63
C GLN B 524 29.98 21.45 -36.82
N LYS B 525 30.82 21.08 -35.87
CA LYS B 525 31.56 19.83 -35.96
C LYS B 525 30.77 18.63 -35.45
N CYS B 526 29.61 18.86 -34.81
CA CYS B 526 28.77 17.79 -34.28
C CYS B 526 27.75 17.26 -35.28
N PHE B 527 27.49 17.99 -36.36
CA PHE B 527 26.33 17.67 -37.20
C PHE B 527 26.47 16.35 -37.93
N ASN B 528 27.67 15.95 -38.31
CA ASN B 528 27.81 14.71 -39.09
C ASN B 528 28.83 13.77 -38.46
N PHE B 529 29.02 13.85 -37.15
CA PHE B 529 29.98 13.01 -36.45
C PHE B 529 29.33 11.68 -36.08
N ASP B 530 30.03 10.58 -36.37
CA ASP B 530 29.50 9.23 -36.12
C ASP B 530 29.89 8.78 -34.72
N GLY B 531 29.16 9.29 -33.74
CA GLY B 531 29.44 9.01 -32.34
C GLY B 531 28.78 10.07 -31.48
N VAL B 532 29.12 10.02 -30.18
CA VAL B 532 28.56 10.95 -29.21
C VAL B 532 29.40 12.22 -29.18
N SER B 533 28.73 13.37 -29.24
CA SER B 533 29.38 14.68 -29.16
C SER B 533 28.93 15.37 -27.89
N ILE B 534 29.87 15.93 -27.13
CA ILE B 534 29.53 16.70 -25.93
C ILE B 534 30.15 18.08 -26.03
N VAL B 535 29.30 19.11 -26.03
CA VAL B 535 29.71 20.51 -26.05
C VAL B 535 29.46 21.06 -24.65
N ASN B 536 30.53 21.36 -23.92
CA ASN B 536 30.48 21.82 -22.53
C ASN B 536 30.58 23.35 -22.53
N VAL B 537 29.44 24.02 -22.37
CA VAL B 537 29.37 25.48 -22.48
C VAL B 537 29.48 26.08 -21.09
N MET B 538 30.65 26.67 -20.78
CA MET B 538 30.84 27.37 -19.51
C MET B 538 30.12 28.71 -19.55
N ILE B 539 29.16 28.91 -18.66
CA ILE B 539 28.44 30.18 -18.59
C ILE B 539 28.65 30.80 -17.21
N ASP B 540 28.28 32.07 -17.10
CA ASP B 540 28.38 32.81 -15.85
C ASP B 540 27.69 32.03 -14.71
N HIS B 541 28.39 31.89 -13.59
CA HIS B 541 27.94 31.07 -12.47
C HIS B 541 26.95 31.78 -11.54
N ARG B 542 26.78 33.09 -11.70
N ARG B 542 26.77 33.09 -11.71
CA ARG B 542 26.04 33.88 -10.73
CA ARG B 542 26.00 33.88 -10.75
C ARG B 542 24.53 33.69 -10.89
C ARG B 542 24.52 33.56 -10.86
N PRO B 543 23.75 33.88 -9.80
CA PRO B 543 22.29 33.73 -9.87
C PRO B 543 21.61 34.93 -10.54
N GLN C 5 -18.46 31.97 12.03
CA GLN C 5 -19.58 31.31 12.69
C GLN C 5 -19.75 29.88 12.16
N LEU C 6 -18.98 29.54 11.13
CA LEU C 6 -19.00 28.23 10.54
C LEU C 6 -17.94 27.33 11.18
N THR C 7 -18.19 26.02 11.14
CA THR C 7 -17.25 25.01 11.61
C THR C 7 -16.88 24.09 10.45
N GLY C 8 -15.90 23.23 10.68
CA GLY C 8 -15.62 22.18 9.70
C GLY C 8 -16.85 21.33 9.42
N SER C 9 -17.58 20.98 10.48
CA SER C 9 -18.83 20.24 10.32
C SER C 9 -19.78 20.94 9.37
N SER C 10 -20.01 22.24 9.60
CA SER C 10 -21.01 22.93 8.79
C SER C 10 -20.51 23.24 7.38
N ILE C 11 -19.21 23.44 7.18
CA ILE C 11 -18.72 23.61 5.82
C ILE C 11 -18.86 22.30 5.05
N LEU C 12 -18.53 21.18 5.69
CA LEU C 12 -18.79 19.87 5.10
C LEU C 12 -20.29 19.71 4.77
N ALA C 13 -21.16 20.01 5.73
CA ALA C 13 -22.59 19.81 5.53
C ALA C 13 -23.11 20.66 4.37
N LYS C 14 -22.75 21.95 4.36
CA LYS C 14 -23.22 22.83 3.29
C LYS C 14 -22.66 22.40 1.94
N SER C 15 -21.46 21.82 1.93
CA SER C 15 -20.87 21.34 0.69
C SER C 15 -21.65 20.14 0.15
N LEU C 16 -21.98 19.19 1.02
CA LEU C 16 -22.83 18.08 0.58
C LEU C 16 -24.19 18.58 0.10
N LYS C 17 -24.79 19.51 0.84
CA LYS C 17 -26.13 19.97 0.50
C LYS C 17 -26.16 20.68 -0.84
N SER C 18 -25.11 21.44 -1.18
CA SER C 18 -25.10 22.12 -2.46
C SER C 18 -24.95 21.14 -3.62
N LEU C 19 -24.43 19.94 -3.35
CA LEU C 19 -24.33 18.92 -4.39
C LEU C 19 -25.53 17.97 -4.39
N GLY C 20 -26.61 18.32 -3.68
CA GLY C 20 -27.84 17.55 -3.77
C GLY C 20 -27.94 16.36 -2.83
N VAL C 21 -26.97 16.17 -1.93
CA VAL C 21 -27.04 15.06 -0.98
C VAL C 21 -28.25 15.25 -0.09
N ASP C 22 -29.08 14.23 0.02
CA ASP C 22 -30.26 14.31 0.88
C ASP C 22 -30.37 13.20 1.91
N VAL C 23 -29.51 12.19 1.88
CA VAL C 23 -29.51 11.17 2.92
C VAL C 23 -28.09 10.64 3.08
N ILE C 24 -27.72 10.38 4.34
CA ILE C 24 -26.42 9.84 4.72
C ILE C 24 -26.66 8.65 5.65
N PHE C 25 -25.95 7.54 5.41
CA PHE C 25 -25.94 6.39 6.29
C PHE C 25 -24.68 6.46 7.15
N GLY C 26 -24.76 6.08 8.42
CA GLY C 26 -23.53 6.06 9.20
C GLY C 26 -23.77 5.75 10.66
N ILE C 27 -22.69 5.84 11.44
CA ILE C 27 -22.72 5.70 12.90
C ILE C 27 -21.79 6.75 13.48
N VAL C 28 -22.27 7.49 14.48
N VAL C 28 -22.27 7.49 14.48
CA VAL C 28 -21.56 8.63 15.00
CA VAL C 28 -21.56 8.64 15.01
C VAL C 28 -20.76 8.24 16.24
C VAL C 28 -20.76 8.24 16.24
N GLY C 29 -19.94 9.17 16.73
CA GLY C 29 -19.08 8.95 17.88
C GLY C 29 -18.24 10.20 18.11
N VAL C 30 -16.99 10.03 18.52
N VAL C 30 -16.99 10.02 18.57
CA VAL C 30 -16.04 11.14 18.59
CA VAL C 30 -16.19 11.05 19.24
C VAL C 30 -15.35 11.31 17.24
C VAL C 30 -16.22 12.38 18.50
N PRO C 31 -15.26 12.55 16.72
N PRO C 31 -15.67 12.51 17.28
CA PRO C 31 -16.06 13.73 17.09
CA PRO C 31 -15.67 13.84 16.66
C PRO C 31 -17.15 13.92 16.03
C PRO C 31 -16.81 14.06 15.68
N VAL C 32 -17.37 12.87 15.23
N VAL C 32 -17.37 12.95 15.17
CA VAL C 32 -18.16 13.01 14.01
CA VAL C 32 -18.20 13.00 13.98
C VAL C 32 -19.64 13.26 14.28
C VAL C 32 -19.66 13.28 14.27
N VAL C 33 -20.10 13.17 15.53
CA VAL C 33 -21.50 13.48 15.82
C VAL C 33 -21.80 14.94 15.45
N GLU C 34 -20.84 15.84 15.63
CA GLU C 34 -21.03 17.22 15.19
C GLU C 34 -21.21 17.30 13.67
N VAL C 35 -20.58 16.39 12.92
CA VAL C 35 -20.72 16.40 11.47
C VAL C 35 -22.12 15.93 11.08
N ALA C 36 -22.58 14.83 11.67
CA ALA C 36 -23.92 14.36 11.36
C ALA C 36 -24.97 15.38 11.77
N GLU C 37 -24.77 16.03 12.91
CA GLU C 37 -25.75 17.01 13.36
C GLU C 37 -25.76 18.24 12.45
N ALA C 38 -24.59 18.65 11.93
CA ALA C 38 -24.59 19.76 10.96
C ALA C 38 -25.29 19.36 9.67
N CYS C 39 -25.15 18.10 9.27
CA CYS C 39 -25.83 17.63 8.07
C CYS C 39 -27.33 17.64 8.26
N ILE C 40 -27.80 17.18 9.42
CA ILE C 40 -29.23 17.23 9.73
C ILE C 40 -29.72 18.66 9.75
N ALA C 41 -28.90 19.58 10.27
CA ALA C 41 -29.28 20.99 10.28
C ALA C 41 -29.39 21.59 8.88
N GLU C 42 -28.72 21.01 7.88
CA GLU C 42 -28.82 21.50 6.52
C GLU C 42 -29.97 20.87 5.72
N GLY C 43 -30.77 20.02 6.35
CA GLY C 43 -31.84 19.33 5.66
C GLY C 43 -31.47 17.96 5.14
N ILE C 44 -30.34 17.40 5.54
CA ILE C 44 -29.89 16.10 5.08
C ILE C 44 -30.33 15.07 6.11
N ARG C 45 -31.06 14.06 5.67
CA ARG C 45 -31.51 13.01 6.57
C ARG C 45 -30.35 12.07 6.91
N PHE C 46 -30.24 11.71 8.19
CA PHE C 46 -29.21 10.80 8.65
C PHE C 46 -29.82 9.47 9.07
N ILE C 47 -29.30 8.38 8.51
CA ILE C 47 -29.74 7.03 8.84
C ILE C 47 -28.67 6.41 9.72
N GLY C 48 -28.88 6.40 11.03
CA GLY C 48 -27.94 5.78 11.93
C GLY C 48 -28.12 4.28 11.96
N CYS C 49 -27.06 3.54 11.63
CA CYS C 49 -27.10 2.10 11.50
C CYS C 49 -26.52 1.44 12.76
N ARG C 50 -26.48 0.11 12.74
CA ARG C 50 -25.94 -0.66 13.85
C ARG C 50 -24.56 -1.23 13.59
N ASN C 51 -24.12 -1.28 12.34
CA ASN C 51 -22.74 -1.64 12.01
C ASN C 51 -22.35 -0.90 10.73
N GLU C 52 -21.10 -0.43 10.67
CA GLU C 52 -20.65 0.33 9.48
C GLU C 52 -20.67 -0.52 8.23
N GLN C 53 -20.56 -1.85 8.36
CA GLN C 53 -20.74 -2.72 7.22
C GLN C 53 -22.02 -2.37 6.47
N SER C 54 -23.15 -2.41 7.17
CA SER C 54 -24.44 -2.16 6.54
C SER C 54 -24.56 -0.72 6.06
N ALA C 55 -24.02 0.24 6.81
CA ALA C 55 -24.10 1.63 6.40
C ALA C 55 -23.39 1.86 5.07
N SER C 56 -22.21 1.25 4.89
CA SER C 56 -21.46 1.46 3.66
C SER C 56 -22.05 0.65 2.51
N PHE C 57 -22.60 -0.53 2.80
CA PHE C 57 -23.38 -1.27 1.81
C PHE C 57 -24.60 -0.48 1.36
N ALA C 58 -25.34 0.09 2.31
CA ALA C 58 -26.51 0.89 1.95
C ALA C 58 -26.14 2.08 1.09
N ALA C 59 -25.02 2.74 1.41
CA ALA C 59 -24.64 3.92 0.66
C ALA C 59 -24.33 3.56 -0.79
N GLY C 60 -23.66 2.43 -1.00
CA GLY C 60 -23.32 2.04 -2.36
C GLY C 60 -24.55 1.65 -3.16
N ALA C 61 -25.47 0.89 -2.53
CA ALA C 61 -26.70 0.53 -3.23
C ALA C 61 -27.55 1.75 -3.52
N TRP C 62 -27.66 2.67 -2.55
CA TRP C 62 -28.37 3.92 -2.79
C TRP C 62 -27.79 4.66 -3.99
N GLY C 63 -26.46 4.64 -4.11
CA GLY C 63 -25.82 5.26 -5.26
C GLY C 63 -26.23 4.64 -6.57
N TYR C 64 -26.18 3.31 -6.64
CA TYR C 64 -26.64 2.58 -7.82
C TYR C 64 -28.08 2.93 -8.17
N LEU C 65 -28.99 2.85 -7.17
CA LEU C 65 -30.40 3.07 -7.42
C LEU C 65 -30.68 4.49 -7.88
N ASN C 66 -29.94 5.47 -7.37
CA ASN C 66 -30.26 6.86 -7.62
C ASN C 66 -29.38 7.53 -8.65
N LYS C 67 -28.39 6.83 -9.22
CA LYS C 67 -27.51 7.40 -10.24
C LYS C 67 -26.85 8.68 -9.74
N ARG C 68 -26.47 8.67 -8.47
CA ARG C 68 -25.64 9.71 -7.90
C ARG C 68 -25.04 9.17 -6.60
N PRO C 69 -23.91 9.72 -6.15
CA PRO C 69 -23.17 9.10 -5.04
C PRO C 69 -24.02 8.97 -3.77
N GLY C 70 -24.04 7.77 -3.20
CA GLY C 70 -24.48 7.63 -1.82
C GLY C 70 -23.39 8.10 -0.86
N VAL C 71 -23.76 8.42 0.37
CA VAL C 71 -22.82 9.00 1.32
C VAL C 71 -22.87 8.21 2.62
N CYS C 72 -21.68 7.84 3.13
CA CYS C 72 -21.52 7.11 4.37
C CYS C 72 -20.61 7.92 5.29
N LEU C 73 -20.95 7.98 6.58
CA LEU C 73 -20.18 8.74 7.55
C LEU C 73 -19.81 7.82 8.70
N THR C 74 -18.50 7.72 9.01
CA THR C 74 -18.07 6.88 10.13
C THR C 74 -17.08 7.64 11.02
N VAL C 75 -16.80 7.04 12.18
CA VAL C 75 -15.77 7.53 13.08
C VAL C 75 -14.39 7.08 12.59
N SER C 76 -13.35 7.48 13.31
CA SER C 76 -11.98 7.20 12.94
C SER C 76 -11.66 5.73 13.15
N GLY C 77 -10.50 5.32 12.65
CA GLY C 77 -9.94 4.02 12.94
C GLY C 77 -10.90 2.89 12.61
N PRO C 78 -11.46 2.23 13.64
CA PRO C 78 -12.28 1.04 13.38
C PRO C 78 -13.58 1.36 12.68
N GLY C 79 -14.07 2.59 12.77
CA GLY C 79 -15.23 2.96 11.97
C GLY C 79 -14.95 2.85 10.49
N VAL C 80 -13.82 3.42 10.05
CA VAL C 80 -13.45 3.37 8.64
C VAL C 80 -13.10 1.96 8.22
N VAL C 81 -12.34 1.24 9.04
CA VAL C 81 -11.98 -0.14 8.71
C VAL C 81 -13.23 -0.99 8.50
N ASN C 82 -14.25 -0.84 9.36
CA ASN C 82 -15.50 -1.58 9.15
C ASN C 82 -16.14 -1.24 7.81
N ALA C 83 -16.06 0.01 7.38
CA ALA C 83 -16.64 0.45 6.12
C ALA C 83 -15.82 0.07 4.89
N ILE C 84 -14.61 -0.46 5.06
CA ILE C 84 -13.85 -0.91 3.89
C ILE C 84 -14.61 -2.03 3.17
N SER C 85 -15.41 -2.80 3.90
CA SER C 85 -16.26 -3.81 3.27
C SER C 85 -17.16 -3.18 2.21
N GLY C 86 -17.78 -2.04 2.52
CA GLY C 86 -18.64 -1.39 1.57
C GLY C 86 -17.89 -0.69 0.45
N LEU C 87 -16.68 -0.21 0.73
CA LEU C 87 -15.85 0.34 -0.33
C LEU C 87 -15.47 -0.74 -1.33
N TYR C 88 -15.01 -1.88 -0.82
CA TYR C 88 -14.67 -3.00 -1.67
C TYR C 88 -15.88 -3.43 -2.49
N ASN C 89 -17.06 -3.49 -1.86
CA ASN C 89 -18.29 -3.84 -2.56
C ASN C 89 -18.62 -2.83 -3.67
N ALA C 90 -18.63 -1.53 -3.34
CA ALA C 90 -18.98 -0.52 -4.34
C ALA C 90 -17.95 -0.50 -5.48
N GLN C 91 -16.67 -0.68 -5.16
CA GLN C 91 -15.65 -0.77 -6.20
C GLN C 91 -15.94 -1.93 -7.14
N ALA C 92 -16.19 -3.11 -6.58
CA ALA C 92 -16.42 -4.29 -7.40
C ALA C 92 -17.67 -4.16 -8.26
N ASN C 93 -18.73 -3.53 -7.71
CA ASN C 93 -20.00 -3.36 -8.42
C ASN C 93 -20.01 -2.15 -9.34
N CYS C 94 -19.00 -1.29 -9.22
CA CYS C 94 -18.94 -0.01 -9.93
C CYS C 94 -20.09 0.91 -9.53
N TRP C 95 -20.25 1.11 -8.23
CA TRP C 95 -21.31 1.93 -7.66
C TRP C 95 -20.73 3.22 -7.07
N PRO C 96 -21.38 4.37 -7.29
CA PRO C 96 -20.81 5.64 -6.80
C PRO C 96 -21.18 5.86 -5.33
N MET C 97 -20.18 6.21 -4.52
CA MET C 97 -20.47 6.58 -3.14
C MET C 97 -19.29 7.36 -2.59
N ILE C 98 -19.53 8.06 -1.49
CA ILE C 98 -18.48 8.74 -0.74
C ILE C 98 -18.53 8.23 0.69
N LEU C 99 -17.40 7.70 1.17
CA LEU C 99 -17.21 7.44 2.58
C LEU C 99 -16.53 8.66 3.20
N ILE C 100 -17.15 9.22 4.24
CA ILE C 100 -16.60 10.36 4.95
C ILE C 100 -16.20 9.84 6.32
N GLY C 101 -14.90 9.85 6.61
CA GLY C 101 -14.37 9.37 7.87
C GLY C 101 -13.76 10.51 8.67
N GLY C 102 -14.16 10.60 9.94
CA GLY C 102 -13.39 11.37 10.88
C GLY C 102 -12.04 10.73 11.10
N SER C 103 -11.04 11.53 11.45
CA SER C 103 -9.72 11.00 11.78
C SER C 103 -9.17 11.73 12.99
N CYS C 104 -8.08 11.19 13.53
CA CYS C 104 -7.51 11.75 14.74
C CYS C 104 -6.92 13.14 14.47
N GLU C 105 -6.63 13.83 15.56
CA GLU C 105 -5.96 15.12 15.51
C GLU C 105 -4.67 15.03 14.71
N THR C 106 -4.48 15.96 13.80
CA THR C 106 -3.37 15.88 12.84
C THR C 106 -2.01 15.93 13.54
N ASN C 107 -1.86 16.82 14.54
CA ASN C 107 -0.57 16.94 15.19
C ASN C 107 -0.30 15.86 16.22
N GLN C 108 -1.19 14.88 16.37
CA GLN C 108 -0.94 13.71 17.21
C GLN C 108 -0.56 12.48 16.39
N ILE C 109 -0.52 12.59 15.06
CA ILE C 109 -0.18 11.43 14.26
C ILE C 109 1.26 11.03 14.56
N GLY C 110 1.50 9.73 14.70
CA GLY C 110 2.80 9.24 15.13
C GLY C 110 2.97 9.09 16.63
N MET C 111 1.99 9.53 17.43
CA MET C 111 2.07 9.49 18.89
C MET C 111 1.21 8.40 19.51
N GLY C 112 0.48 7.64 18.71
CA GLY C 112 -0.45 6.68 19.25
C GLY C 112 -1.74 7.34 19.66
N ALA C 113 -2.26 8.19 18.78
CA ALA C 113 -3.48 8.93 19.06
C ALA C 113 -4.67 7.98 19.09
N PHE C 114 -5.77 8.48 19.63
CA PHE C 114 -6.98 7.67 19.73
C PHE C 114 -7.49 7.35 18.34
N GLN C 115 -7.55 6.05 18.03
CA GLN C 115 -8.02 5.57 16.73
C GLN C 115 -7.16 6.12 15.59
N GLU C 116 -5.87 6.30 15.85
CA GLU C 116 -4.94 6.73 14.82
C GLU C 116 -4.85 5.68 13.73
N LEU C 117 -5.02 6.13 12.49
CA LEU C 117 -4.97 5.27 11.31
C LEU C 117 -4.76 6.18 10.12
N ASP C 118 -3.84 5.81 9.22
CA ASP C 118 -3.69 6.54 7.97
C ASP C 118 -4.84 6.09 7.09
N GLN C 119 -5.99 6.76 7.23
CA GLN C 119 -7.22 6.30 6.59
C GLN C 119 -7.23 6.58 5.10
N VAL C 120 -6.57 7.64 4.66
CA VAL C 120 -6.39 7.89 3.23
C VAL C 120 -5.71 6.68 2.58
N ASP C 121 -4.60 6.21 3.18
N ASP C 121 -4.63 6.20 3.20
CA ASP C 121 -3.92 5.04 2.66
CA ASP C 121 -3.91 5.05 2.65
C ASP C 121 -4.76 3.78 2.83
C ASP C 121 -4.68 3.75 2.88
N ALA C 122 -5.44 3.65 3.98
CA ALA C 122 -6.26 2.47 4.22
C ALA C 122 -7.28 2.27 3.10
N CYS C 123 -7.85 3.36 2.58
CA CYS C 123 -8.92 3.28 1.59
C CYS C 123 -8.44 3.41 0.15
N ARG C 124 -7.16 3.68 -0.05
N ARG C 124 -7.15 3.68 -0.07
CA ARG C 124 -6.64 4.05 -1.37
CA ARG C 124 -6.66 4.07 -1.39
C ARG C 124 -6.93 2.99 -2.43
C ARG C 124 -6.91 2.99 -2.44
N ASN C 125 -6.60 1.74 -2.14
CA ASN C 125 -6.74 0.69 -3.14
C ASN C 125 -8.19 0.26 -3.36
N TYR C 126 -9.13 0.73 -2.55
CA TYR C 126 -10.54 0.41 -2.71
C TYR C 126 -11.34 1.54 -3.35
N THR C 127 -10.71 2.66 -3.68
CA THR C 127 -11.44 3.85 -4.10
C THR C 127 -10.86 4.41 -5.40
N LYS C 128 -11.67 5.23 -6.07
CA LYS C 128 -11.22 6.03 -7.20
C LYS C 128 -10.49 7.28 -6.75
N PHE C 129 -10.77 7.74 -5.53
CA PHE C 129 -10.14 8.92 -4.97
C PHE C 129 -10.20 8.82 -3.45
N SER C 130 -9.06 9.05 -2.80
CA SER C 130 -8.97 9.06 -1.35
C SER C 130 -8.16 10.28 -0.98
N GLY C 131 -8.75 11.18 -0.20
CA GLY C 131 -8.08 12.43 0.12
C GLY C 131 -8.48 12.96 1.48
N LYS C 132 -7.67 13.90 1.97
CA LYS C 132 -7.86 14.52 3.27
C LYS C 132 -8.11 16.02 3.09
N CYS C 133 -9.01 16.57 3.89
CA CYS C 133 -9.21 18.01 3.96
C CYS C 133 -8.08 18.61 4.79
N ALA C 134 -7.29 19.49 4.17
CA ALA C 134 -6.14 20.05 4.88
C ALA C 134 -6.51 21.24 5.74
N ASP C 135 -7.52 22.02 5.35
CA ASP C 135 -7.99 23.14 6.15
C ASP C 135 -9.45 23.42 5.81
N LEU C 136 -10.04 24.40 6.49
CA LEU C 136 -11.45 24.69 6.28
C LEU C 136 -11.69 25.16 4.85
N GLU C 137 -10.78 25.95 4.29
CA GLU C 137 -10.95 26.49 2.95
C GLU C 137 -10.95 25.41 1.88
N THR C 138 -10.39 24.22 2.15
CA THR C 138 -10.32 23.19 1.12
C THR C 138 -11.38 22.11 1.25
N ILE C 139 -12.25 22.18 2.27
CA ILE C 139 -13.32 21.18 2.39
C ILE C 139 -14.18 21.12 1.14
N PRO C 140 -14.67 22.24 0.58
CA PRO C 140 -15.48 22.14 -0.64
C PRO C 140 -14.75 21.50 -1.81
N PHE C 141 -13.44 21.75 -1.95
CA PHE C 141 -12.71 21.16 -3.08
C PHE C 141 -12.65 19.65 -2.97
N ILE C 142 -12.36 19.15 -1.77
CA ILE C 142 -12.20 17.72 -1.54
C ILE C 142 -13.53 17.01 -1.69
N VAL C 143 -14.59 17.58 -1.11
CA VAL C 143 -15.92 17.00 -1.23
C VAL C 143 -16.35 16.98 -2.70
N ASN C 144 -16.16 18.10 -3.39
CA ASN C 144 -16.53 18.17 -4.80
C ASN C 144 -15.74 17.17 -5.64
N LYS C 145 -14.45 17.01 -5.37
CA LYS C 145 -13.65 16.06 -6.15
C LYS C 145 -14.13 14.65 -5.92
N ALA C 146 -14.41 14.28 -4.67
CA ALA C 146 -14.93 12.94 -4.38
C ALA C 146 -16.26 12.71 -5.08
N TYR C 147 -17.13 13.72 -5.05
CA TYR C 147 -18.45 13.60 -5.65
C TYR C 147 -18.36 13.46 -7.16
N GLN C 148 -17.55 14.29 -7.81
CA GLN C 148 -17.42 14.25 -9.27
C GLN C 148 -16.74 12.96 -9.73
N VAL C 149 -15.68 12.54 -9.03
CA VAL C 149 -14.93 11.35 -9.43
C VAL C 149 -15.77 10.09 -9.26
N SER C 150 -16.59 10.03 -8.19
CA SER C 150 -17.32 8.79 -7.94
C SER C 150 -18.30 8.50 -9.07
N LYS C 151 -18.86 9.52 -9.71
CA LYS C 151 -19.95 9.30 -10.67
C LYS C 151 -19.48 9.34 -12.11
N ALA C 152 -18.26 9.83 -12.37
CA ALA C 152 -17.76 9.93 -13.72
C ALA C 152 -17.24 8.58 -14.19
N GLY C 153 -17.27 8.39 -15.51
CA GLY C 153 -16.62 7.23 -16.10
C GLY C 153 -17.24 5.95 -15.57
N ARG C 154 -16.38 4.99 -15.23
CA ARG C 154 -16.84 3.85 -14.46
C ARG C 154 -17.06 4.30 -13.03
N PRO C 155 -18.30 4.31 -12.53
CA PRO C 155 -18.55 4.81 -11.17
C PRO C 155 -17.84 3.97 -10.13
N GLY C 156 -17.58 4.59 -8.98
CA GLY C 156 -16.92 3.90 -7.91
C GLY C 156 -16.88 4.71 -6.63
N PRO C 157 -16.41 4.08 -5.56
CA PRO C 157 -16.38 4.76 -4.25
C PRO C 157 -15.17 5.68 -4.12
N THR C 158 -15.34 6.66 -3.24
CA THR C 158 -14.30 7.62 -2.88
C THR C 158 -14.27 7.75 -1.36
N TYR C 159 -13.17 8.30 -0.84
CA TYR C 159 -13.01 8.48 0.60
C TYR C 159 -12.60 9.92 0.87
N VAL C 160 -13.29 10.57 1.80
CA VAL C 160 -12.96 11.91 2.27
C VAL C 160 -12.62 11.84 3.75
N ASP C 161 -11.45 12.35 4.10
CA ASP C 161 -10.95 12.31 5.47
C ASP C 161 -11.12 13.67 6.14
N LEU C 162 -11.75 13.68 7.31
CA LEU C 162 -12.00 14.91 8.07
C LEU C 162 -11.33 14.82 9.45
N PRO C 163 -10.15 15.41 9.63
CA PRO C 163 -9.46 15.30 10.93
C PRO C 163 -10.19 16.03 12.05
N ALA C 164 -10.02 15.52 13.27
CA ALA C 164 -10.75 16.07 14.42
C ALA C 164 -10.48 17.56 14.61
N ASP C 165 -9.24 18.00 14.35
CA ASP C 165 -8.94 19.42 14.55
C ASP C 165 -9.64 20.29 13.51
N LEU C 166 -10.03 19.72 12.38
CA LEU C 166 -10.75 20.47 11.37
C LEU C 166 -12.25 20.48 11.67
N ILE C 167 -12.80 19.33 12.07
CA ILE C 167 -14.21 19.23 12.45
C ILE C 167 -14.58 20.34 13.43
N GLN C 168 -13.68 20.64 14.37
CA GLN C 168 -13.97 21.60 15.43
C GLN C 168 -13.49 23.01 15.14
N ALA C 169 -12.74 23.22 14.06
CA ALA C 169 -12.22 24.55 13.76
C ALA C 169 -13.34 25.46 13.26
N THR C 170 -13.19 26.76 13.52
CA THR C 170 -14.21 27.75 13.18
C THR C 170 -13.62 28.83 12.27
N THR C 171 -14.48 29.39 11.42
CA THR C 171 -14.10 30.54 10.62
C THR C 171 -15.32 31.41 10.37
N SER C 172 -15.08 32.71 10.14
CA SER C 172 -16.15 33.64 9.82
C SER C 172 -16.38 33.80 8.33
N LYS C 173 -15.53 33.25 7.47
CA LYS C 173 -15.69 33.38 6.03
C LYS C 173 -16.17 32.05 5.46
N LEU C 174 -17.23 32.10 4.67
CA LEU C 174 -17.75 30.91 4.00
C LEU C 174 -16.91 30.62 2.76
N PRO C 175 -16.30 29.44 2.64
CA PRO C 175 -15.63 29.09 1.38
C PRO C 175 -16.65 28.91 0.27
N LYS C 176 -16.18 29.06 -0.96
CA LYS C 176 -17.03 28.85 -2.12
C LYS C 176 -17.53 27.41 -2.14
N LEU C 177 -18.85 27.24 -2.18
CA LEU C 177 -19.42 25.89 -2.15
C LEU C 177 -19.40 25.26 -3.54
N PRO C 178 -19.39 23.93 -3.61
CA PRO C 178 -19.45 23.27 -4.92
C PRO C 178 -20.77 23.55 -5.62
N GLU C 179 -20.71 23.63 -6.96
CA GLU C 179 -21.93 23.72 -7.75
C GLU C 179 -22.15 22.43 -8.52
N PRO C 180 -23.40 21.99 -8.68
CA PRO C 180 -23.64 20.75 -9.43
C PRO C 180 -23.10 20.84 -10.85
N PHE C 181 -22.63 19.70 -11.36
CA PHE C 181 -22.01 19.61 -12.67
C PHE C 181 -22.48 18.31 -13.29
N GLU C 182 -23.15 18.42 -14.43
CA GLU C 182 -23.68 17.24 -15.10
C GLU C 182 -22.54 16.39 -15.65
N THR C 183 -22.56 15.10 -15.32
CA THR C 183 -21.53 14.16 -15.73
C THR C 183 -21.43 14.10 -17.24
N PRO C 184 -20.28 14.48 -17.83
CA PRO C 184 -20.10 14.32 -19.28
C PRO C 184 -20.00 12.86 -19.67
N TYR C 185 -20.66 12.49 -20.76
CA TYR C 185 -20.51 11.16 -21.32
C TYR C 185 -19.96 11.24 -22.74
N CYS C 186 -19.47 10.10 -23.22
CA CYS C 186 -18.97 9.98 -24.57
C CYS C 186 -19.86 9.05 -25.38
N LEU C 187 -19.68 9.11 -26.70
CA LEU C 187 -20.31 8.22 -27.66
C LEU C 187 -19.22 7.41 -28.36
N PRO C 188 -19.54 6.22 -28.85
CA PRO C 188 -18.53 5.45 -29.58
C PRO C 188 -18.11 6.14 -30.86
N HIS C 189 -16.91 5.81 -31.32
CA HIS C 189 -16.40 6.31 -32.58
C HIS C 189 -17.24 5.78 -33.74
N THR C 190 -17.41 6.61 -34.77
CA THR C 190 -18.30 6.26 -35.86
C THR C 190 -17.82 5.01 -36.60
N LYS C 191 -16.51 4.84 -36.75
CA LYS C 191 -15.98 3.66 -37.41
C LYS C 191 -16.39 2.38 -36.67
N ASP C 192 -16.20 2.36 -35.35
CA ASP C 192 -16.58 1.21 -34.54
C ASP C 192 -18.08 1.00 -34.57
N LEU C 193 -18.84 2.09 -34.49
CA LEU C 193 -20.30 1.99 -34.50
C LEU C 193 -20.80 1.41 -35.82
N SER C 194 -20.30 1.90 -36.96
CA SER C 194 -20.74 1.34 -38.25
C SER C 194 -20.36 -0.12 -38.37
N ALA C 195 -19.20 -0.51 -37.87
CA ALA C 195 -18.78 -1.90 -37.95
C ALA C 195 -19.67 -2.79 -37.10
N ALA C 196 -20.07 -2.31 -35.92
CA ALA C 196 -20.99 -3.07 -35.07
C ALA C 196 -22.36 -3.22 -35.72
N ILE C 197 -22.87 -2.15 -36.33
CA ILE C 197 -24.15 -2.23 -37.01
C ILE C 197 -24.09 -3.26 -38.15
N GLU C 198 -22.99 -3.27 -38.89
CA GLU C 198 -22.87 -4.21 -40.01
C GLU C 198 -22.81 -5.65 -39.51
N ILE C 199 -22.10 -5.90 -38.41
CA ILE C 199 -22.08 -7.22 -37.80
C ILE C 199 -23.50 -7.65 -37.42
N LEU C 200 -24.24 -6.77 -36.75
CA LEU C 200 -25.62 -7.12 -36.39
C LEU C 200 -26.48 -7.33 -37.63
N LYS C 201 -26.32 -6.50 -38.66
CA LYS C 201 -27.12 -6.65 -39.87
C LYS C 201 -26.97 -8.03 -40.49
N ASN C 202 -25.79 -8.64 -40.37
CA ASN C 202 -25.55 -9.93 -40.99
C ASN C 202 -25.75 -11.09 -40.03
N SER C 203 -26.15 -10.83 -38.79
CA SER C 203 -26.34 -11.88 -37.81
C SER C 203 -27.62 -12.68 -38.09
N LYS C 204 -27.56 -13.96 -37.75
CA LYS C 204 -28.73 -14.81 -37.70
C LYS C 204 -29.23 -15.05 -36.28
N ARG C 205 -28.34 -15.05 -35.30
N ARG C 205 -28.34 -15.05 -35.30
CA ARG C 205 -28.67 -15.35 -33.91
CA ARG C 205 -28.68 -15.35 -33.91
C ARG C 205 -27.98 -14.36 -32.99
C ARG C 205 -27.98 -14.36 -32.99
N PRO C 206 -28.43 -13.11 -32.97
CA PRO C 206 -27.83 -12.12 -32.08
C PRO C 206 -28.40 -12.21 -30.67
N LEU C 207 -27.58 -11.81 -29.69
CA LEU C 207 -28.00 -11.84 -28.29
C LEU C 207 -27.49 -10.60 -27.60
N LEU C 208 -28.39 -9.83 -27.00
CA LEU C 208 -28.02 -8.70 -26.16
C LEU C 208 -27.86 -9.21 -24.74
N VAL C 209 -26.66 -9.12 -24.19
CA VAL C 209 -26.43 -9.49 -22.79
C VAL C 209 -26.44 -8.19 -22.00
N VAL C 210 -27.45 -8.04 -21.13
CA VAL C 210 -27.77 -6.77 -20.48
C VAL C 210 -27.33 -6.89 -19.02
N GLY C 211 -26.31 -6.13 -18.63
CA GLY C 211 -25.80 -6.16 -17.27
C GLY C 211 -26.24 -4.96 -16.44
N LYS C 212 -25.72 -4.90 -15.20
CA LYS C 212 -26.19 -3.86 -14.30
C LYS C 212 -25.60 -2.50 -14.60
N GLY C 213 -24.56 -2.42 -15.44
CA GLY C 213 -24.20 -1.13 -16.01
C GLY C 213 -25.32 -0.57 -16.88
N ALA C 214 -26.02 -1.44 -17.59
CA ALA C 214 -27.15 -0.99 -18.40
C ALA C 214 -28.29 -0.45 -17.53
N THR C 215 -28.60 -1.14 -16.42
CA THR C 215 -29.66 -0.67 -15.54
C THR C 215 -29.22 0.59 -14.80
N TYR C 216 -27.92 0.68 -14.41
CA TYR C 216 -27.45 1.88 -13.75
C TYR C 216 -27.59 3.11 -14.66
N SER C 217 -27.21 2.97 -15.94
CA SER C 217 -27.29 4.07 -16.88
C SER C 217 -28.71 4.38 -17.32
N ARG C 218 -29.69 3.54 -16.93
CA ARG C 218 -31.12 3.79 -17.13
C ARG C 218 -31.48 3.77 -18.61
N CYS C 219 -31.07 2.71 -19.28
CA CYS C 219 -31.31 2.57 -20.72
C CYS C 219 -32.58 1.77 -21.02
N GLU C 220 -33.48 1.59 -20.05
CA GLU C 220 -34.60 0.66 -20.27
C GLU C 220 -35.46 1.04 -21.48
N ASN C 221 -35.70 2.33 -21.69
CA ASN C 221 -36.56 2.72 -22.81
C ASN C 221 -35.87 2.50 -24.15
N GLU C 222 -34.58 2.84 -24.26
CA GLU C 222 -33.85 2.59 -25.49
C GLU C 222 -33.75 1.10 -25.79
N LEU C 223 -33.45 0.30 -24.75
CA LEU C 223 -33.37 -1.15 -24.92
C LEU C 223 -34.69 -1.73 -25.39
N LYS C 224 -35.79 -1.32 -24.75
CA LYS C 224 -37.12 -1.82 -25.12
C LYS C 224 -37.44 -1.50 -26.58
N ALA C 225 -37.16 -0.25 -26.99
CA ALA C 225 -37.43 0.16 -28.36
C ALA C 225 -36.70 -0.71 -29.35
N LEU C 226 -35.42 -1.00 -29.10
CA LEU C 226 -34.63 -1.82 -30.01
C LEU C 226 -35.09 -3.27 -30.00
N VAL C 227 -35.23 -3.85 -28.80
CA VAL C 227 -35.64 -5.25 -28.69
C VAL C 227 -36.98 -5.47 -29.39
N GLU C 228 -37.91 -4.54 -29.23
CA GLU C 228 -39.27 -4.81 -29.70
C GLU C 228 -39.44 -4.47 -31.18
N GLU C 229 -38.72 -3.48 -31.69
CA GLU C 229 -38.85 -3.18 -33.12
C GLU C 229 -38.28 -4.32 -33.97
N PHE C 230 -37.17 -4.91 -33.56
CA PHE C 230 -36.49 -5.87 -34.42
C PHE C 230 -36.47 -7.27 -33.81
N ASN C 231 -37.19 -7.51 -32.72
CA ASN C 231 -37.29 -8.83 -32.11
C ASN C 231 -35.90 -9.41 -31.82
N VAL C 232 -35.12 -8.66 -31.03
CA VAL C 232 -33.75 -9.03 -30.70
C VAL C 232 -33.75 -9.78 -29.37
N PRO C 233 -33.33 -11.04 -29.35
CA PRO C 233 -33.23 -11.76 -28.07
C PRO C 233 -32.26 -11.06 -27.13
N PHE C 234 -32.58 -11.12 -25.83
CA PHE C 234 -31.74 -10.51 -24.82
C PHE C 234 -31.70 -11.44 -23.62
N LEU C 235 -30.77 -11.16 -22.73
CA LEU C 235 -30.50 -11.99 -21.57
C LEU C 235 -29.96 -11.09 -20.47
N PRO C 236 -30.66 -10.95 -19.35
CA PRO C 236 -30.17 -10.11 -18.24
C PRO C 236 -29.30 -10.87 -17.25
N THR C 237 -28.32 -10.15 -16.72
CA THR C 237 -27.58 -10.59 -15.54
C THR C 237 -28.47 -10.39 -14.32
N PRO C 238 -28.13 -10.99 -13.17
CA PRO C 238 -29.09 -11.01 -12.05
C PRO C 238 -29.65 -9.66 -11.64
N MET C 239 -28.84 -8.62 -11.50
CA MET C 239 -29.44 -7.35 -11.11
C MET C 239 -30.04 -6.58 -12.28
N ALA C 240 -29.76 -7.00 -13.51
CA ALA C 240 -30.48 -6.43 -14.65
C ALA C 240 -31.83 -7.06 -14.89
N LYS C 241 -32.17 -8.14 -14.17
CA LYS C 241 -33.49 -8.74 -14.35
C LYS C 241 -34.56 -7.68 -14.12
N GLY C 242 -35.55 -7.66 -14.99
CA GLY C 242 -36.61 -6.68 -14.92
C GLY C 242 -36.42 -5.47 -15.79
N ILE C 243 -35.22 -5.25 -16.34
CA ILE C 243 -35.04 -4.09 -17.21
C ILE C 243 -36.03 -4.16 -18.36
N LEU C 244 -36.26 -5.36 -18.88
CA LEU C 244 -37.51 -5.81 -19.51
C LEU C 244 -37.98 -7.00 -18.69
N PRO C 245 -39.28 -7.28 -18.64
CA PRO C 245 -39.77 -8.33 -17.73
C PRO C 245 -39.12 -9.68 -18.00
N ASP C 246 -39.00 -10.47 -16.94
CA ASP C 246 -38.51 -11.84 -17.06
C ASP C 246 -39.34 -12.66 -18.06
N ASN C 247 -40.61 -12.32 -18.23
CA ASN C 247 -41.45 -13.07 -19.16
C ASN C 247 -41.64 -12.36 -20.48
N HIS C 248 -40.80 -11.37 -20.78
CA HIS C 248 -40.84 -10.76 -22.11
C HIS C 248 -40.62 -11.83 -23.18
N SER C 249 -41.32 -11.68 -24.31
CA SER C 249 -41.24 -12.71 -25.33
C SER C 249 -39.84 -12.85 -25.92
N LEU C 250 -38.98 -11.84 -25.79
CA LEU C 250 -37.62 -11.93 -26.32
C LEU C 250 -36.59 -12.26 -25.24
N ASN C 251 -37.04 -12.55 -24.01
CA ASN C 251 -36.11 -12.89 -22.93
C ASN C 251 -35.64 -14.33 -23.07
N ALA C 252 -34.33 -14.51 -23.23
CA ALA C 252 -33.73 -15.83 -23.36
C ALA C 252 -33.24 -16.39 -22.03
N GLY C 253 -33.59 -15.74 -20.91
CA GLY C 253 -33.02 -16.10 -19.62
C GLY C 253 -33.28 -17.53 -19.21
N SER C 254 -34.40 -18.11 -19.66
CA SER C 254 -34.72 -19.50 -19.33
C SER C 254 -33.88 -20.50 -20.09
N ALA C 255 -33.12 -20.06 -21.09
CA ALA C 255 -32.20 -20.92 -21.82
C ALA C 255 -30.83 -20.26 -21.92
N ARG C 256 -30.33 -19.76 -20.78
CA ARG C 256 -29.13 -18.93 -20.75
C ARG C 256 -27.94 -19.62 -21.41
N SER C 257 -27.60 -20.83 -20.96
CA SER C 257 -26.38 -21.47 -21.43
C SER C 257 -26.44 -21.71 -22.93
N LEU C 258 -27.56 -22.23 -23.42
CA LEU C 258 -27.70 -22.51 -24.85
C LEU C 258 -27.67 -21.24 -25.67
N ALA C 259 -28.34 -20.18 -25.20
CA ALA C 259 -28.35 -18.92 -25.95
C ALA C 259 -26.94 -18.34 -26.07
N LEU C 260 -26.20 -18.32 -24.96
CA LEU C 260 -24.83 -17.82 -25.00
C LEU C 260 -23.97 -18.63 -25.97
N ARG C 261 -24.10 -19.95 -25.93
CA ARG C 261 -23.25 -20.81 -26.76
C ARG C 261 -23.65 -20.75 -28.23
N LYS C 262 -24.93 -20.52 -28.52
CA LYS C 262 -25.38 -20.60 -29.91
C LYS C 262 -25.44 -19.25 -30.62
N ALA C 263 -25.40 -18.13 -29.89
CA ALA C 263 -25.43 -16.83 -30.55
C ALA C 263 -24.27 -16.69 -31.53
N ASP C 264 -24.53 -16.09 -32.70
CA ASP C 264 -23.42 -15.74 -33.59
C ASP C 264 -22.93 -14.31 -33.38
N VAL C 265 -23.69 -13.48 -32.68
CA VAL C 265 -23.27 -12.15 -32.27
C VAL C 265 -23.74 -11.95 -30.83
N ILE C 266 -22.87 -11.44 -29.98
CA ILE C 266 -23.23 -11.05 -28.61
C ILE C 266 -22.91 -9.57 -28.47
N VAL C 267 -23.89 -8.79 -28.02
CA VAL C 267 -23.67 -7.40 -27.65
C VAL C 267 -23.69 -7.35 -26.13
N LEU C 268 -22.55 -7.03 -25.53
CA LEU C 268 -22.44 -6.88 -24.08
C LEU C 268 -22.77 -5.44 -23.71
N LEU C 269 -23.83 -5.25 -22.94
CA LEU C 269 -24.32 -3.92 -22.57
C LEU C 269 -24.13 -3.75 -21.06
N GLY C 270 -22.99 -3.20 -20.66
CA GLY C 270 -22.74 -2.96 -19.24
C GLY C 270 -22.66 -4.25 -18.46
N ALA C 271 -21.89 -5.19 -18.99
CA ALA C 271 -21.64 -6.48 -18.40
C ALA C 271 -20.19 -6.84 -18.69
N ARG C 272 -19.50 -7.43 -17.73
CA ARG C 272 -18.12 -7.82 -17.95
C ARG C 272 -18.01 -9.33 -18.20
N LEU C 273 -16.96 -9.72 -18.92
CA LEU C 273 -16.62 -11.13 -19.04
C LEU C 273 -15.74 -11.58 -17.88
N ASN C 274 -16.21 -11.36 -16.65
CA ASN C 274 -15.47 -11.78 -15.47
C ASN C 274 -15.99 -13.15 -15.03
N TRP C 275 -15.81 -13.50 -13.75
CA TRP C 275 -16.22 -14.81 -13.27
C TRP C 275 -17.71 -15.10 -13.56
N MET C 276 -18.55 -14.07 -13.57
CA MET C 276 -19.98 -14.30 -13.78
C MET C 276 -20.29 -14.82 -15.17
N MET C 277 -19.39 -14.63 -16.13
CA MET C 277 -19.54 -15.16 -17.48
C MET C 277 -18.50 -16.23 -17.78
N GLN C 278 -17.95 -16.86 -16.73
CA GLN C 278 -16.86 -17.84 -16.87
C GLN C 278 -15.72 -17.30 -17.73
N PHE C 279 -15.47 -15.99 -17.67
CA PHE C 279 -14.40 -15.30 -18.39
C PHE C 279 -14.52 -15.43 -19.90
N GLY C 280 -15.72 -15.68 -20.42
CA GLY C 280 -15.89 -15.94 -21.84
C GLY C 280 -15.51 -17.33 -22.29
N ASN C 281 -15.07 -18.20 -21.37
CA ASN C 281 -14.50 -19.50 -21.72
C ASN C 281 -15.48 -20.45 -22.38
N ARG C 282 -16.79 -20.29 -22.18
CA ARG C 282 -17.77 -21.20 -22.75
C ARG C 282 -18.31 -20.69 -24.07
N LEU C 283 -17.92 -19.49 -24.48
CA LEU C 283 -18.43 -18.91 -25.71
C LEU C 283 -17.81 -19.60 -26.92
N ASN C 284 -18.62 -19.73 -27.97
CA ASN C 284 -18.11 -20.18 -29.26
C ASN C 284 -17.07 -19.16 -29.75
N PRO C 285 -15.85 -19.58 -30.09
CA PRO C 285 -14.86 -18.63 -30.62
C PRO C 285 -15.33 -17.94 -31.89
N GLN C 286 -16.21 -18.57 -32.67
CA GLN C 286 -16.72 -17.96 -33.90
C GLN C 286 -17.74 -16.85 -33.64
N THR C 287 -18.28 -16.76 -32.43
CA THR C 287 -19.24 -15.71 -32.12
C THR C 287 -18.57 -14.34 -32.14
N LYS C 288 -19.17 -13.38 -32.82
CA LYS C 288 -18.62 -12.04 -32.83
C LYS C 288 -19.12 -11.26 -31.62
N ILE C 289 -18.22 -10.55 -30.94
CA ILE C 289 -18.58 -9.88 -29.69
C ILE C 289 -18.46 -8.38 -29.87
N ILE C 290 -19.53 -7.67 -29.54
CA ILE C 290 -19.55 -6.21 -29.49
C ILE C 290 -19.70 -5.83 -28.03
N HIS C 291 -18.71 -5.12 -27.50
CA HIS C 291 -18.68 -4.77 -26.07
C HIS C 291 -18.92 -3.27 -25.89
N VAL C 292 -20.01 -2.91 -25.24
CA VAL C 292 -20.33 -1.51 -24.95
C VAL C 292 -19.94 -1.24 -23.50
N ASP C 293 -18.95 -0.37 -23.30
CA ASP C 293 -18.53 -0.06 -21.94
C ASP C 293 -17.92 1.34 -21.94
N ILE C 294 -17.99 1.98 -20.76
CA ILE C 294 -17.41 3.30 -20.55
C ILE C 294 -15.96 3.21 -20.05
N SER C 295 -15.49 2.00 -19.73
CA SER C 295 -14.12 1.79 -19.25
C SER C 295 -13.33 1.10 -20.36
N PRO C 296 -12.53 1.84 -21.14
CA PRO C 296 -11.88 1.22 -22.31
C PRO C 296 -10.86 0.17 -21.95
N GLU C 297 -10.31 0.20 -20.73
CA GLU C 297 -9.42 -0.86 -20.29
C GLU C 297 -10.10 -2.23 -20.22
N GLU C 298 -11.42 -2.27 -20.36
CA GLU C 298 -12.16 -3.54 -20.29
C GLU C 298 -12.12 -4.32 -21.60
N PHE C 299 -11.81 -3.69 -22.74
CA PHE C 299 -11.94 -4.34 -24.05
C PHE C 299 -10.78 -5.29 -24.34
N ASN C 300 -11.13 -6.52 -24.72
CA ASN C 300 -10.18 -7.47 -25.32
C ASN C 300 -9.12 -7.89 -24.30
N ILE C 301 -9.58 -8.27 -23.11
CA ILE C 301 -8.69 -8.68 -22.02
C ILE C 301 -8.86 -10.17 -21.77
N ASN C 302 -10.04 -10.58 -21.29
CA ASN C 302 -10.28 -12.00 -21.01
C ASN C 302 -10.62 -12.79 -22.25
N LYS C 303 -11.15 -12.12 -23.27
CA LYS C 303 -11.73 -12.80 -24.42
C LYS C 303 -11.56 -11.89 -25.63
N LYS C 304 -11.18 -12.48 -26.76
CA LYS C 304 -11.10 -11.72 -28.01
C LYS C 304 -12.48 -11.20 -28.40
N ILE C 305 -12.59 -9.89 -28.58
CA ILE C 305 -13.82 -9.27 -29.06
C ILE C 305 -13.58 -8.73 -30.47
N ASP C 306 -14.68 -8.41 -31.15
CA ASP C 306 -14.57 -7.81 -32.46
C ASP C 306 -14.60 -6.28 -32.41
N ILE C 307 -15.48 -5.69 -31.60
CA ILE C 307 -15.67 -4.25 -31.57
C ILE C 307 -15.81 -3.80 -30.13
N GLY C 308 -15.01 -2.80 -29.74
CA GLY C 308 -15.21 -2.09 -28.50
C GLY C 308 -15.96 -0.80 -28.78
N LEU C 309 -17.17 -0.70 -28.22
CA LEU C 309 -17.98 0.50 -28.34
C LEU C 309 -17.77 1.27 -27.03
N PHE C 310 -16.87 2.25 -27.09
CA PHE C 310 -16.49 3.11 -25.97
C PHE C 310 -17.51 4.23 -25.89
N GLY C 311 -18.55 4.05 -25.08
CA GLY C 311 -19.61 5.06 -25.04
C GLY C 311 -20.66 4.74 -24.00
N ASN C 312 -21.49 5.75 -23.73
CA ASN C 312 -22.59 5.61 -22.79
C ASN C 312 -23.63 4.64 -23.33
N ILE C 313 -24.11 3.72 -22.48
CA ILE C 313 -24.99 2.65 -22.96
C ILE C 313 -26.28 3.15 -23.59
N PRO C 314 -27.06 4.06 -22.97
CA PRO C 314 -28.36 4.43 -23.60
C PRO C 314 -28.20 5.00 -25.00
N GLU C 315 -27.32 6.00 -25.17
CA GLU C 315 -27.10 6.58 -26.50
C GLU C 315 -26.56 5.55 -27.48
N THR C 316 -25.72 4.63 -27.00
CA THR C 316 -25.12 3.65 -27.90
C THR C 316 -26.17 2.67 -28.42
N ILE C 317 -27.06 2.21 -27.56
CA ILE C 317 -28.21 1.41 -28.01
C ILE C 317 -29.02 2.17 -29.05
N GLU C 318 -29.29 3.45 -28.77
CA GLU C 318 -30.10 4.25 -29.69
C GLU C 318 -29.41 4.38 -31.03
N LEU C 319 -28.09 4.58 -31.04
CA LEU C 319 -27.33 4.72 -32.28
C LEU C 319 -27.31 3.42 -33.07
N ILE C 320 -27.15 2.28 -32.39
CA ILE C 320 -27.28 0.99 -33.07
C ILE C 320 -28.68 0.84 -33.67
N HIS C 321 -29.70 1.17 -32.88
CA HIS C 321 -31.09 1.09 -33.34
C HIS C 321 -31.29 1.95 -34.60
N GLN C 322 -30.82 3.20 -34.56
CA GLN C 322 -30.95 4.07 -35.72
C GLN C 322 -30.20 3.52 -36.92
N GLY C 323 -29.04 2.90 -36.69
CA GLY C 323 -28.28 2.33 -37.80
C GLY C 323 -29.03 1.21 -38.50
N LEU C 324 -29.72 0.37 -37.72
CA LEU C 324 -30.54 -0.67 -38.33
C LEU C 324 -31.76 -0.09 -39.03
N LYS C 325 -32.33 1.00 -38.49
CA LYS C 325 -33.48 1.63 -39.13
C LYS C 325 -33.12 2.22 -40.49
N LYS C 326 -31.85 2.63 -40.67
CA LYS C 326 -31.46 3.38 -41.86
C LYS C 326 -31.66 2.58 -43.14
N SER C 327 -31.48 1.26 -43.07
CA SER C 327 -31.55 0.45 -44.29
C SER C 327 -32.98 0.24 -44.76
N GLY C 328 -33.95 0.26 -43.85
CA GLY C 328 -35.31 -0.05 -44.24
C GLY C 328 -35.62 -1.52 -44.34
N LYS C 329 -34.70 -2.40 -43.96
CA LYS C 329 -35.01 -3.83 -43.87
C LYS C 329 -35.78 -4.11 -42.59
N SER C 330 -36.80 -4.96 -42.70
CA SER C 330 -37.57 -5.35 -41.51
C SER C 330 -36.88 -6.53 -40.80
N TYR C 331 -35.74 -6.22 -40.18
CA TYR C 331 -35.02 -7.22 -39.39
C TYR C 331 -35.91 -7.79 -38.30
N SER C 332 -35.79 -9.09 -38.08
CA SER C 332 -36.51 -9.76 -37.01
C SER C 332 -35.74 -11.00 -36.63
N TRP C 333 -35.34 -11.10 -35.37
CA TRP C 333 -34.57 -12.25 -34.92
C TRP C 333 -35.37 -13.13 -33.95
N ILE C 334 -36.69 -13.12 -34.08
CA ILE C 334 -37.52 -13.97 -33.23
C ILE C 334 -37.20 -15.44 -33.45
N HIS C 335 -36.68 -15.79 -34.62
CA HIS C 335 -36.40 -17.20 -34.91
C HIS C 335 -35.41 -17.79 -33.92
N PHE C 336 -34.37 -17.01 -33.55
CA PHE C 336 -33.38 -17.48 -32.60
C PHE C 336 -34.04 -17.76 -31.24
N LYS C 337 -34.95 -16.88 -30.79
CA LYS C 337 -35.70 -17.15 -29.57
C LYS C 337 -36.53 -18.42 -29.68
N ASN C 338 -37.19 -18.63 -30.82
CA ASN C 338 -37.99 -19.84 -31.02
C ASN C 338 -37.15 -21.10 -31.03
N GLU C 339 -35.93 -21.03 -31.58
CA GLU C 339 -35.01 -22.17 -31.54
C GLU C 339 -34.68 -22.58 -30.11
N LEU C 340 -34.84 -21.68 -29.13
CA LEU C 340 -34.53 -21.97 -27.74
C LEU C 340 -35.68 -22.64 -26.99
N GLN C 341 -36.84 -22.77 -27.62
CA GLN C 341 -37.99 -23.31 -26.91
C GLN C 341 -37.80 -24.72 -26.39
N PRO C 342 -37.24 -25.69 -27.15
CA PRO C 342 -37.03 -27.02 -26.56
C PRO C 342 -36.20 -26.98 -25.29
N ASN C 343 -35.16 -26.14 -25.25
CA ASN C 343 -34.33 -26.06 -24.07
C ASN C 343 -35.07 -25.39 -22.91
N ILE C 344 -35.87 -24.37 -23.22
CA ILE C 344 -36.65 -23.72 -22.17
C ILE C 344 -37.59 -24.73 -21.52
N GLU C 345 -38.30 -25.50 -22.35
CA GLU C 345 -39.22 -26.51 -21.81
C GLU C 345 -38.49 -27.59 -21.02
N LYS C 346 -37.31 -28.01 -21.49
CA LYS C 346 -36.53 -28.99 -20.74
C LYS C 346 -36.16 -28.47 -19.36
N ASN C 347 -35.78 -27.19 -19.26
CA ASN C 347 -35.43 -26.61 -17.97
C ASN C 347 -36.65 -26.48 -17.08
N GLN C 348 -37.80 -26.14 -17.67
CA GLN C 348 -39.02 -26.06 -16.87
C GLN C 348 -39.42 -27.43 -16.34
N GLU C 349 -39.19 -28.49 -17.11
CA GLU C 349 -39.48 -29.82 -16.58
C GLU C 349 -38.53 -30.20 -15.47
N LYS C 350 -37.27 -29.72 -15.52
CA LYS C 350 -36.34 -30.02 -14.44
C LYS C 350 -36.79 -29.35 -13.14
N LEU C 351 -37.26 -28.11 -13.23
CA LEU C 351 -37.75 -27.40 -12.05
C LEU C 351 -39.01 -28.04 -11.50
N GLN C 352 -39.92 -28.46 -12.38
CA GLN C 352 -41.16 -29.08 -11.92
C GLN C 352 -40.89 -30.34 -11.12
N LYS C 353 -39.79 -31.04 -11.42
CA LYS C 353 -39.41 -32.20 -10.62
C LYS C 353 -39.15 -31.80 -9.17
N PHE C 354 -38.54 -30.65 -8.96
CA PHE C 354 -38.31 -30.19 -7.59
C PHE C 354 -39.61 -29.76 -6.91
N LEU C 355 -40.54 -29.19 -7.68
CA LEU C 355 -41.77 -28.71 -7.07
C LEU C 355 -42.68 -29.85 -6.66
N THR C 356 -42.58 -30.99 -7.34
CA THR C 356 -43.39 -32.16 -7.02
C THR C 356 -42.68 -33.14 -6.10
N ALA C 357 -41.51 -32.79 -5.58
CA ALA C 357 -40.80 -33.67 -4.66
C ALA C 357 -41.64 -33.88 -3.40
N PRO C 358 -41.65 -35.10 -2.85
CA PRO C 358 -42.43 -35.33 -1.63
C PRO C 358 -41.91 -34.49 -0.48
N LEU C 359 -42.83 -34.00 0.35
CA LEU C 359 -42.43 -33.26 1.53
C LEU C 359 -41.70 -34.18 2.49
N SER C 360 -40.82 -33.58 3.31
CA SER C 360 -39.88 -34.38 4.08
C SER C 360 -40.03 -34.37 5.61
N PRO C 361 -41.07 -33.77 6.24
CA PRO C 361 -42.30 -33.13 5.76
C PRO C 361 -42.11 -31.68 5.36
N LEU C 362 -40.88 -31.15 5.38
CA LEU C 362 -40.67 -29.74 5.06
C LEU C 362 -40.52 -29.56 3.55
N MET C 363 -40.76 -28.32 3.11
CA MET C 363 -40.51 -27.95 1.70
C MET C 363 -39.02 -27.93 1.42
N ASN C 364 -38.67 -28.08 0.14
CA ASN C 364 -37.29 -27.80 -0.27
C ASN C 364 -37.19 -26.33 -0.67
N HIS C 365 -36.02 -25.90 -1.15
CA HIS C 365 -35.85 -24.50 -1.55
C HIS C 365 -36.85 -24.10 -2.61
N GLN C 366 -37.00 -24.95 -3.63
CA GLN C 366 -37.82 -24.59 -4.78
C GLN C 366 -39.28 -24.46 -4.39
N GLN C 367 -39.77 -25.37 -3.55
CA GLN C 367 -41.18 -25.33 -3.17
C GLN C 367 -41.49 -24.08 -2.35
N ALA C 368 -40.62 -23.75 -1.39
CA ALA C 368 -40.85 -22.56 -0.58
C ALA C 368 -40.79 -21.30 -1.42
N LEU C 369 -39.84 -21.21 -2.33
CA LEU C 369 -39.68 -19.98 -3.10
C LEU C 369 -40.71 -19.90 -4.21
N ASN C 370 -41.21 -21.04 -4.69
CA ASN C 370 -42.32 -21.02 -5.64
C ASN C 370 -43.59 -20.52 -4.98
N THR C 371 -43.84 -20.96 -3.75
CA THR C 371 -44.96 -20.39 -3.00
C THR C 371 -44.77 -18.90 -2.81
N VAL C 372 -43.56 -18.46 -2.47
CA VAL C 372 -43.29 -17.04 -2.29
C VAL C 372 -43.63 -16.28 -3.57
N GLU C 373 -43.20 -16.80 -4.72
CA GLU C 373 -43.48 -16.12 -5.98
C GLU C 373 -44.98 -16.06 -6.26
N GLU C 374 -45.71 -17.12 -5.96
CA GLU C 374 -47.16 -17.08 -6.16
C GLU C 374 -47.79 -15.96 -5.36
N VAL C 375 -47.35 -15.78 -4.10
CA VAL C 375 -47.93 -14.79 -3.21
C VAL C 375 -47.55 -13.38 -3.66
N LEU C 376 -46.28 -13.19 -4.02
CA LEU C 376 -45.80 -11.86 -4.43
C LEU C 376 -46.39 -11.46 -5.76
N SER C 377 -46.55 -12.43 -6.67
CA SER C 377 -47.17 -12.16 -7.96
C SER C 377 -48.62 -11.72 -7.80
N LYS C 378 -49.37 -12.40 -6.92
CA LYS C 378 -50.76 -12.00 -6.71
C LYS C 378 -50.86 -10.67 -6.00
N GLN C 379 -49.88 -10.34 -5.17
CA GLN C 379 -49.93 -9.13 -4.35
C GLN C 379 -49.41 -7.88 -5.08
N PHE C 380 -48.42 -8.04 -5.98
CA PHE C 380 -47.77 -6.90 -6.57
C PHE C 380 -47.80 -6.86 -8.08
N ASN C 381 -48.06 -7.98 -8.76
CA ASN C 381 -47.97 -8.05 -10.21
C ASN C 381 -46.65 -7.47 -10.71
N GLY C 382 -45.59 -7.65 -9.93
CA GLY C 382 -44.25 -7.23 -10.29
C GLY C 382 -43.78 -5.91 -9.72
N ASP C 383 -44.67 -5.09 -9.15
CA ASP C 383 -44.32 -3.74 -8.73
C ASP C 383 -43.99 -3.73 -7.23
N TYR C 384 -42.77 -4.16 -6.92
CA TYR C 384 -42.23 -4.06 -5.57
C TYR C 384 -40.71 -4.02 -5.71
N PHE C 385 -40.00 -4.19 -4.60
CA PHE C 385 -38.55 -4.11 -4.61
C PHE C 385 -38.00 -5.34 -3.90
N LEU C 386 -37.08 -6.04 -4.56
CA LEU C 386 -36.58 -7.32 -4.06
C LEU C 386 -35.09 -7.24 -3.69
N VAL C 387 -34.75 -7.73 -2.50
CA VAL C 387 -33.36 -7.96 -2.10
C VAL C 387 -33.16 -9.46 -1.90
N SER C 388 -32.08 -10.00 -2.47
CA SER C 388 -31.88 -11.44 -2.54
C SER C 388 -30.44 -11.77 -2.12
N GLU C 389 -30.29 -12.66 -1.14
CA GLU C 389 -28.98 -12.90 -0.58
C GLU C 389 -28.91 -14.30 0.03
N GLY C 390 -27.84 -15.02 -0.23
CA GLY C 390 -27.70 -16.38 0.25
C GLY C 390 -26.87 -17.18 -0.74
N ALA C 391 -26.87 -18.50 -0.55
CA ALA C 391 -26.25 -19.34 -1.57
C ALA C 391 -27.32 -20.00 -2.41
N ARG C 392 -27.76 -21.20 -1.99
CA ARG C 392 -28.85 -21.88 -2.68
C ARG C 392 -30.12 -21.04 -2.68
N THR C 393 -30.42 -20.39 -1.54
CA THR C 393 -31.58 -19.51 -1.50
C THR C 393 -31.51 -18.47 -2.60
N MET C 394 -30.33 -17.86 -2.79
CA MET C 394 -30.19 -16.82 -3.80
C MET C 394 -30.32 -17.38 -5.21
N ASP C 395 -29.73 -18.55 -5.47
CA ASP C 395 -29.81 -19.09 -6.82
C ASP C 395 -31.24 -19.49 -7.17
N VAL C 396 -31.95 -20.09 -6.22
CA VAL C 396 -33.34 -20.48 -6.46
C VAL C 396 -34.25 -19.26 -6.53
N THR C 397 -33.96 -18.22 -5.75
CA THR C 397 -34.72 -16.99 -5.90
C THR C 397 -34.55 -16.41 -7.31
N ARG C 398 -33.32 -16.47 -7.85
N ARG C 398 -33.32 -16.46 -7.84
CA ARG C 398 -33.07 -15.96 -9.19
CA ARG C 398 -33.08 -15.95 -9.18
C ARG C 398 -33.88 -16.72 -10.23
C ARG C 398 -33.88 -16.72 -10.23
N MET C 399 -34.06 -18.02 -10.02
CA MET C 399 -34.82 -18.83 -10.98
C MET C 399 -36.33 -18.66 -10.80
N LEU C 400 -36.81 -18.40 -9.59
CA LEU C 400 -38.23 -18.53 -9.29
C LEU C 400 -38.95 -17.22 -9.01
N VAL C 401 -38.27 -16.23 -8.45
CA VAL C 401 -38.89 -14.96 -8.10
C VAL C 401 -38.61 -13.99 -9.25
N SER C 402 -39.66 -13.57 -9.94
CA SER C 402 -39.51 -12.84 -11.18
C SER C 402 -39.44 -11.33 -10.95
N SER C 403 -38.76 -10.65 -11.87
CA SER C 403 -38.66 -9.20 -11.86
C SER C 403 -39.33 -8.65 -13.11
N HIS C 404 -39.94 -7.48 -12.98
CA HIS C 404 -40.75 -6.90 -14.04
C HIS C 404 -40.45 -5.43 -14.32
N LEU C 405 -39.67 -4.76 -13.48
CA LEU C 405 -39.33 -3.35 -13.61
C LEU C 405 -37.83 -3.17 -13.37
N PRO C 406 -37.22 -2.15 -13.98
CA PRO C 406 -35.77 -1.96 -13.82
C PRO C 406 -35.38 -1.44 -12.44
N ARG C 407 -34.21 -1.88 -11.97
CA ARG C 407 -33.63 -1.44 -10.70
C ARG C 407 -34.58 -1.69 -9.53
N ARG C 408 -35.18 -2.88 -9.53
CA ARG C 408 -36.03 -3.32 -8.43
C ARG C 408 -35.49 -4.60 -7.83
N ARG C 409 -34.20 -4.88 -8.05
CA ARG C 409 -33.58 -6.12 -7.57
C ARG C 409 -32.13 -5.85 -7.20
N LEU C 410 -31.74 -6.23 -5.98
CA LEU C 410 -30.35 -6.17 -5.54
C LEU C 410 -29.98 -7.53 -4.99
N ASP C 411 -28.77 -7.99 -5.29
CA ASP C 411 -28.32 -9.26 -4.73
C ASP C 411 -26.84 -9.16 -4.37
N ALA C 412 -26.21 -10.32 -4.17
CA ALA C 412 -24.85 -10.37 -3.65
C ALA C 412 -23.82 -9.87 -4.64
N GLY C 413 -24.18 -9.76 -5.92
CA GLY C 413 -23.38 -9.02 -6.87
C GLY C 413 -22.00 -9.58 -7.21
N THR C 414 -21.13 -8.67 -7.64
CA THR C 414 -19.83 -9.05 -8.17
C THR C 414 -18.97 -9.73 -7.10
N LEU C 415 -19.15 -9.35 -5.84
CA LEU C 415 -18.40 -9.98 -4.75
C LEU C 415 -19.00 -11.28 -4.26
N GLY C 416 -20.25 -11.59 -4.63
CA GLY C 416 -20.92 -12.69 -3.95
C GLY C 416 -20.89 -12.56 -2.44
N VAL C 417 -21.07 -11.33 -1.95
CA VAL C 417 -20.85 -11.03 -0.55
C VAL C 417 -22.12 -11.27 0.25
N MET C 418 -22.00 -12.00 1.35
CA MET C 418 -23.05 -12.13 2.35
C MET C 418 -22.96 -10.97 3.33
N GLY C 419 -24.12 -10.43 3.69
CA GLY C 419 -24.17 -9.32 4.63
C GLY C 419 -24.70 -8.03 4.05
N ILE C 420 -25.08 -8.00 2.78
CA ILE C 420 -25.64 -6.78 2.18
C ILE C 420 -27.14 -6.69 2.35
N GLY C 421 -27.77 -7.73 2.91
CA GLY C 421 -29.21 -7.86 2.79
C GLY C 421 -29.97 -6.68 3.36
N LEU C 422 -29.70 -6.32 4.62
CA LEU C 422 -30.49 -5.28 5.25
C LEU C 422 -30.05 -3.88 4.86
N GLY C 423 -28.75 -3.66 4.64
CA GLY C 423 -28.32 -2.37 4.12
C GLY C 423 -28.93 -2.06 2.76
N TYR C 424 -28.97 -3.07 1.88
CA TYR C 424 -29.60 -2.89 0.57
C TYR C 424 -31.10 -2.62 0.72
N ALA C 425 -31.76 -3.35 1.63
CA ALA C 425 -33.19 -3.13 1.85
C ALA C 425 -33.46 -1.71 2.35
N LEU C 426 -32.60 -1.21 3.24
CA LEU C 426 -32.71 0.18 3.70
C LEU C 426 -32.61 1.15 2.54
N ALA C 427 -31.62 0.97 1.66
CA ALA C 427 -31.47 1.85 0.51
C ALA C 427 -32.68 1.74 -0.42
N GLY C 428 -33.16 0.51 -0.66
CA GLY C 428 -34.30 0.34 -1.55
C GLY C 428 -35.58 0.95 -0.99
N GLN C 429 -35.79 0.84 0.33
CA GLN C 429 -36.98 1.42 0.91
C GLN C 429 -36.90 2.94 0.97
N LEU C 430 -35.71 3.49 1.19
CA LEU C 430 -35.56 4.94 1.19
C LEU C 430 -35.70 5.52 -0.21
N THR C 431 -35.32 4.74 -1.24
CA THR C 431 -35.46 5.21 -2.62
C THR C 431 -36.90 5.09 -3.10
N HIS C 432 -37.65 4.14 -2.57
CA HIS C 432 -39.04 3.89 -2.97
C HIS C 432 -39.93 3.84 -1.74
N PRO C 433 -40.20 5.00 -1.13
CA PRO C 433 -41.06 4.98 0.07
C PRO C 433 -42.50 4.60 -0.22
N ASP C 434 -42.91 4.64 -1.48
CA ASP C 434 -44.25 4.24 -1.90
C ASP C 434 -44.31 2.78 -2.35
N LYS C 435 -43.26 2.00 -2.12
CA LYS C 435 -43.23 0.60 -2.53
C LYS C 435 -42.86 -0.28 -1.34
N LYS C 436 -43.18 -1.56 -1.48
CA LYS C 436 -42.89 -2.55 -0.46
C LYS C 436 -41.59 -3.24 -0.78
N VAL C 437 -40.71 -3.38 0.21
CA VAL C 437 -39.42 -4.01 0.06
C VAL C 437 -39.48 -5.40 0.67
N VAL C 438 -39.17 -6.42 -0.13
CA VAL C 438 -39.11 -7.81 0.32
C VAL C 438 -37.66 -8.26 0.22
N ALA C 439 -37.09 -8.70 1.33
CA ALA C 439 -35.73 -9.23 1.34
C ALA C 439 -35.81 -10.72 1.62
N ILE C 440 -35.39 -11.52 0.65
CA ILE C 440 -35.40 -12.98 0.77
C ILE C 440 -33.98 -13.43 1.01
N MET C 441 -33.71 -13.98 2.19
CA MET C 441 -32.34 -14.25 2.60
C MET C 441 -32.23 -15.65 3.16
N GLY C 442 -31.10 -16.31 2.90
CA GLY C 442 -30.78 -17.51 3.63
C GLY C 442 -30.56 -17.22 5.10
N ASP C 443 -30.71 -18.26 5.93
CA ASP C 443 -30.52 -18.05 7.38
C ASP C 443 -29.09 -17.61 7.70
N SER C 444 -28.09 -18.19 7.03
CA SER C 444 -26.71 -17.78 7.32
C SER C 444 -26.48 -16.34 6.89
N ALA C 445 -26.91 -16.00 5.67
CA ALA C 445 -26.79 -14.64 5.17
C ALA C 445 -27.41 -13.62 6.11
N PHE C 446 -28.61 -13.93 6.62
CA PHE C 446 -29.34 -12.98 7.46
C PHE C 446 -28.55 -12.60 8.71
N GLY C 447 -27.85 -13.55 9.31
CA GLY C 447 -27.13 -13.26 10.55
C GLY C 447 -26.02 -12.24 10.41
N PHE C 448 -25.56 -11.94 9.19
CA PHE C 448 -24.49 -10.96 9.01
C PHE C 448 -24.95 -9.54 9.34
N SER C 449 -26.23 -9.22 9.08
CA SER C 449 -26.71 -7.85 9.18
C SER C 449 -28.05 -7.74 9.92
N ALA C 450 -28.48 -8.78 10.64
CA ALA C 450 -29.86 -8.83 11.14
C ALA C 450 -30.19 -7.68 12.08
N MET C 451 -29.22 -7.17 12.83
CA MET C 451 -29.58 -6.15 13.83
C MET C 451 -30.05 -4.85 13.19
N GLU C 452 -29.85 -4.66 11.88
CA GLU C 452 -30.42 -3.49 11.23
C GLU C 452 -31.95 -3.50 11.19
N ILE C 453 -32.60 -4.55 11.69
CA ILE C 453 -34.06 -4.45 11.82
C ILE C 453 -34.43 -3.31 12.76
N GLU C 454 -33.54 -2.96 13.71
CA GLU C 454 -33.86 -1.83 14.57
C GLU C 454 -33.72 -0.51 13.82
N THR C 455 -32.72 -0.39 12.95
CA THR C 455 -32.63 0.76 12.05
C THR C 455 -33.91 0.89 11.21
N ALA C 456 -34.42 -0.23 10.69
CA ALA C 456 -35.62 -0.14 9.85
C ALA C 456 -36.83 0.31 10.68
N ALA C 457 -37.01 -0.28 11.86
CA ALA C 457 -38.12 0.11 12.70
C ALA C 457 -37.99 1.55 13.16
N ARG C 458 -36.77 1.97 13.53
CA ARG C 458 -36.56 3.32 14.03
C ARG C 458 -36.84 4.36 12.94
N CYS C 459 -36.42 4.08 11.71
CA CYS C 459 -36.51 5.01 10.60
C CYS C 459 -37.78 4.82 9.77
N LYS C 460 -38.75 4.06 10.28
CA LYS C 460 -40.05 3.89 9.63
C LYS C 460 -39.90 3.32 8.21
N LEU C 461 -39.05 2.30 8.10
CA LEU C 461 -38.86 1.54 6.86
C LEU C 461 -39.47 0.16 7.06
N PRO C 462 -40.69 -0.10 6.57
CA PRO C 462 -41.42 -1.33 6.95
C PRO C 462 -41.02 -2.54 6.11
N LEU C 463 -39.79 -3.01 6.34
CA LEU C 463 -39.24 -4.12 5.57
C LEU C 463 -40.03 -5.41 5.77
N ILE C 464 -40.13 -6.20 4.70
CA ILE C 464 -40.70 -7.54 4.75
C ILE C 464 -39.57 -8.51 4.53
N ILE C 465 -39.22 -9.27 5.56
CA ILE C 465 -38.04 -10.15 5.54
C ILE C 465 -38.52 -11.60 5.50
N ILE C 466 -38.02 -12.36 4.52
CA ILE C 466 -38.32 -13.77 4.39
C ILE C 466 -37.02 -14.53 4.51
N ILE C 467 -36.90 -15.37 5.53
CA ILE C 467 -35.70 -16.16 5.74
C ILE C 467 -35.98 -17.60 5.32
N ILE C 468 -35.18 -18.11 4.39
CA ILE C 468 -35.27 -19.51 3.97
C ILE C 468 -34.26 -20.27 4.82
N ASN C 469 -34.76 -21.03 5.79
CA ASN C 469 -33.98 -21.47 6.94
C ASN C 469 -33.76 -22.98 6.87
N ASN C 470 -32.56 -23.40 6.46
CA ASN C 470 -32.21 -24.81 6.44
C ASN C 470 -31.17 -25.18 7.50
N ASN C 471 -31.07 -24.38 8.55
CA ASN C 471 -30.16 -24.66 9.66
C ASN C 471 -28.68 -24.61 9.25
N GLY C 472 -28.32 -23.83 8.24
CA GLY C 472 -26.89 -23.69 8.01
C GLY C 472 -26.54 -23.11 6.64
N ILE C 473 -25.27 -23.31 6.30
CA ILE C 473 -24.64 -22.76 5.09
C ILE C 473 -24.75 -23.83 4.01
N TYR C 474 -25.67 -23.62 3.04
CA TYR C 474 -26.02 -24.58 1.99
C TYR C 474 -26.85 -25.74 2.55
N HIS C 475 -26.54 -26.18 3.76
CA HIS C 475 -27.26 -27.26 4.40
C HIS C 475 -26.93 -27.22 5.89
N GLY C 476 -27.62 -28.05 6.66
CA GLY C 476 -27.43 -28.03 8.11
C GLY C 476 -27.78 -29.38 8.71
N LEU C 477 -27.71 -29.42 10.04
CA LEU C 477 -28.17 -30.56 10.81
C LEU C 477 -29.57 -30.25 11.36
N ASP C 478 -30.36 -31.29 11.61
CA ASP C 478 -31.65 -31.06 12.25
C ASP C 478 -31.60 -31.29 13.75
N ASP C 479 -30.44 -31.70 14.28
CA ASP C 479 -30.26 -31.92 15.71
C ASP C 479 -28.77 -31.80 16.01
N ILE C 480 -28.42 -30.94 16.97
CA ILE C 480 -27.04 -30.80 17.42
C ILE C 480 -26.88 -31.08 18.90
N LYS C 481 -27.96 -31.47 19.59
CA LYS C 481 -27.89 -31.70 21.03
C LYS C 481 -26.99 -32.87 21.37
N SER C 482 -26.94 -33.88 20.52
CA SER C 482 -26.17 -35.10 20.77
C SER C 482 -24.82 -35.09 20.04
N VAL C 483 -24.42 -33.95 19.48
CA VAL C 483 -23.14 -33.84 18.77
C VAL C 483 -22.11 -33.29 19.74
N PRO C 484 -21.03 -34.01 20.03
CA PRO C 484 -19.97 -33.44 20.89
C PRO C 484 -19.49 -32.12 20.33
N SER C 485 -19.21 -31.16 21.23
CA SER C 485 -18.91 -29.80 20.79
C SER C 485 -17.71 -29.77 19.85
N ASP C 486 -16.67 -30.54 20.15
CA ASP C 486 -15.48 -30.54 19.31
C ASP C 486 -15.79 -30.98 17.89
N LYS C 487 -16.83 -31.78 17.68
CA LYS C 487 -17.11 -32.35 16.36
C LYS C 487 -18.23 -31.64 15.62
N LEU C 488 -18.72 -30.52 16.13
CA LEU C 488 -19.82 -29.83 15.46
C LEU C 488 -19.35 -29.39 14.07
N PRO C 489 -20.09 -29.70 13.01
CA PRO C 489 -19.66 -29.33 11.65
C PRO C 489 -19.68 -27.83 11.44
N SER C 490 -18.78 -27.37 10.57
CA SER C 490 -18.61 -25.94 10.36
C SER C 490 -19.77 -25.30 9.61
N PHE C 491 -20.56 -26.08 8.86
CA PHE C 491 -21.62 -25.53 8.01
C PHE C 491 -22.94 -25.34 8.72
N THR C 492 -23.10 -25.89 9.92
CA THR C 492 -24.41 -25.91 10.57
C THR C 492 -24.58 -24.71 11.49
N LEU C 493 -25.81 -24.20 11.53
CA LEU C 493 -26.25 -23.28 12.56
C LEU C 493 -27.17 -24.05 13.50
N MET C 494 -27.70 -23.35 14.49
CA MET C 494 -28.56 -24.03 15.46
C MET C 494 -29.89 -24.39 14.81
N PRO C 495 -30.36 -25.64 14.95
CA PRO C 495 -31.62 -26.03 14.31
C PRO C 495 -32.79 -25.19 14.80
N GLU C 496 -33.62 -24.77 13.84
CA GLU C 496 -34.81 -23.97 14.09
C GLU C 496 -34.50 -22.76 14.98
N THR C 497 -33.44 -22.05 14.62
CA THR C 497 -33.22 -20.73 15.19
C THR C 497 -34.41 -19.84 14.85
N ARG C 498 -34.95 -19.17 15.87
CA ARG C 498 -36.23 -18.47 15.75
C ARG C 498 -36.02 -17.01 15.33
N TYR C 499 -35.54 -16.85 14.08
CA TYR C 499 -35.36 -15.51 13.54
C TYR C 499 -36.67 -14.72 13.52
N ASP C 500 -37.81 -15.40 13.39
CA ASP C 500 -39.10 -14.70 13.44
C ASP C 500 -39.25 -13.93 14.74
N LEU C 501 -38.77 -14.49 15.85
CA LEU C 501 -38.94 -13.85 17.15
C LEU C 501 -38.08 -12.60 17.31
N LEU C 502 -37.00 -12.44 16.52
CA LEU C 502 -36.25 -11.19 16.52
C LEU C 502 -37.14 -9.99 16.23
N ALA C 503 -38.19 -10.16 15.43
CA ALA C 503 -39.05 -9.04 15.09
C ALA C 503 -39.67 -8.41 16.33
N ASN C 504 -39.93 -9.20 17.37
CA ASN C 504 -40.51 -8.65 18.58
C ASN C 504 -39.56 -7.68 19.27
N SER C 505 -38.26 -7.79 19.03
CA SER C 505 -37.34 -6.88 19.70
C SER C 505 -37.53 -5.45 19.24
N VAL C 506 -38.13 -5.26 18.07
CA VAL C 506 -38.28 -3.92 17.49
C VAL C 506 -39.76 -3.64 17.22
N TYR C 507 -40.64 -4.27 18.00
CA TYR C 507 -42.09 -4.04 17.93
C TYR C 507 -42.66 -4.38 16.56
N GLY C 508 -42.04 -5.32 15.86
CA GLY C 508 -42.58 -5.83 14.61
C GLY C 508 -43.42 -7.08 14.80
N GLN C 509 -43.51 -7.88 13.74
CA GLN C 509 -44.26 -9.13 13.81
C GLN C 509 -43.43 -10.23 13.16
N GLY C 510 -43.51 -11.43 13.72
CA GLY C 510 -42.76 -12.56 13.19
C GLY C 510 -43.66 -13.76 13.03
N PHE C 511 -43.29 -14.62 12.09
CA PHE C 511 -44.08 -15.82 11.82
C PHE C 511 -43.15 -17.01 11.62
N LEU C 512 -43.44 -18.10 12.32
CA LEU C 512 -42.78 -19.37 12.08
C LEU C 512 -43.63 -20.18 11.11
N VAL C 513 -43.02 -20.63 10.03
CA VAL C 513 -43.72 -21.25 8.93
C VAL C 513 -43.05 -22.58 8.61
N LYS C 514 -43.86 -23.64 8.47
CA LYS C 514 -43.34 -24.97 8.16
C LYS C 514 -43.99 -25.63 6.94
N ASP C 515 -44.95 -24.97 6.30
CA ASP C 515 -45.59 -25.54 5.11
C ASP C 515 -46.12 -24.41 4.24
N SER C 516 -46.51 -24.77 3.02
CA SER C 516 -46.89 -23.74 2.05
C SER C 516 -48.16 -22.99 2.49
N THR C 517 -49.10 -23.67 3.14
CA THR C 517 -50.31 -22.97 3.59
C THR C 517 -49.97 -21.91 4.64
N GLN C 518 -49.12 -22.26 5.62
CA GLN C 518 -48.72 -21.29 6.63
C GLN C 518 -47.93 -20.16 5.99
N LEU C 519 -47.11 -20.50 4.98
CA LEU C 519 -46.34 -19.48 4.28
C LEU C 519 -47.25 -18.46 3.62
N GLN C 520 -48.29 -18.93 2.92
CA GLN C 520 -49.25 -18.03 2.29
C GLN C 520 -49.91 -17.12 3.32
N SER C 521 -50.40 -17.72 4.41
N SER C 521 -50.40 -17.73 4.42
CA SER C 521 -51.12 -16.94 5.41
CA SER C 521 -51.12 -16.95 5.42
C SER C 521 -50.22 -15.90 6.06
C SER C 521 -50.22 -15.90 6.06
N ALA C 522 -49.00 -16.27 6.42
CA ALA C 522 -48.09 -15.33 7.06
C ALA C 522 -47.74 -14.17 6.15
N LEU C 523 -47.35 -14.46 4.90
CA LEU C 523 -46.99 -13.40 3.97
C LEU C 523 -48.13 -12.41 3.77
N GLN C 524 -49.35 -12.91 3.63
CA GLN C 524 -50.50 -12.02 3.43
C GLN C 524 -50.65 -11.03 4.59
N LYS C 525 -50.20 -11.40 5.79
CA LYS C 525 -50.23 -10.48 6.92
C LYS C 525 -49.07 -9.49 6.94
N CYS C 526 -48.09 -9.65 6.06
CA CYS C 526 -46.92 -8.77 6.06
C CYS C 526 -47.08 -7.53 5.19
N PHE C 527 -48.05 -7.50 4.29
CA PHE C 527 -48.06 -6.44 3.30
C PHE C 527 -48.63 -5.12 3.82
N ASN C 528 -49.32 -5.14 4.96
CA ASN C 528 -49.87 -3.91 5.53
C ASN C 528 -49.57 -3.85 7.03
N PHE C 529 -48.29 -3.83 7.38
CA PHE C 529 -47.87 -3.78 8.76
C PHE C 529 -46.93 -2.61 8.97
N ASP C 530 -47.25 -1.73 9.92
CA ASP C 530 -46.43 -0.56 10.24
C ASP C 530 -45.26 -1.02 11.12
N GLY C 531 -44.23 -1.52 10.47
CA GLY C 531 -43.07 -2.02 11.17
C GLY C 531 -42.42 -3.13 10.36
N VAL C 532 -41.53 -3.85 11.04
CA VAL C 532 -40.73 -4.89 10.43
C VAL C 532 -41.42 -6.24 10.58
N SER C 533 -41.52 -6.99 9.48
CA SER C 533 -42.06 -8.34 9.50
C SER C 533 -40.98 -9.32 9.09
N ILE C 534 -40.91 -10.44 9.80
CA ILE C 534 -39.95 -11.49 9.52
C ILE C 534 -40.69 -12.80 9.41
N VAL C 535 -40.58 -13.47 8.27
CA VAL C 535 -41.15 -14.81 8.07
C VAL C 535 -40.00 -15.80 8.07
N ASN C 536 -39.98 -16.69 9.06
CA ASN C 536 -38.92 -17.68 9.24
C ASN C 536 -39.44 -18.99 8.65
N VAL C 537 -38.98 -19.33 7.45
CA VAL C 537 -39.51 -20.47 6.69
C VAL C 537 -38.56 -21.64 6.89
N MET C 538 -38.99 -22.63 7.65
CA MET C 538 -38.18 -23.83 7.89
C MET C 538 -38.28 -24.74 6.67
N ILE C 539 -37.13 -25.07 6.06
CA ILE C 539 -37.11 -25.97 4.92
C ILE C 539 -36.23 -27.17 5.25
N ASP C 540 -36.28 -28.16 4.35
CA ASP C 540 -35.42 -29.35 4.44
C ASP C 540 -33.96 -28.96 4.62
N HIS C 541 -33.31 -29.58 5.60
CA HIS C 541 -31.95 -29.23 5.99
C HIS C 541 -30.87 -29.92 5.15
N ARG C 542 -31.24 -30.81 4.21
CA ARG C 542 -30.25 -31.66 3.57
C ARG C 542 -29.62 -30.97 2.37
N PRO C 543 -28.43 -31.41 1.92
CA PRO C 543 -27.76 -30.83 0.74
C PRO C 543 -28.31 -31.26 -0.61
N GLN D 5 -4.42 -40.13 1.25
CA GLN D 5 -4.50 -38.97 0.36
C GLN D 5 -4.56 -37.66 1.15
N LEU D 6 -3.52 -36.85 1.01
CA LEU D 6 -3.44 -35.55 1.67
C LEU D 6 -3.89 -34.44 0.73
N THR D 7 -4.50 -33.42 1.30
CA THR D 7 -4.92 -32.24 0.55
C THR D 7 -4.28 -31.01 1.17
N GLY D 8 -4.40 -29.89 0.43
CA GLY D 8 -4.06 -28.61 1.02
C GLY D 8 -4.74 -28.40 2.35
N SER D 9 -6.03 -28.74 2.43
CA SER D 9 -6.79 -28.58 3.66
C SER D 9 -6.17 -29.39 4.80
N SER D 10 -5.87 -30.66 4.57
CA SER D 10 -5.39 -31.48 5.66
C SER D 10 -3.94 -31.18 6.03
N ILE D 11 -3.10 -30.79 5.06
CA ILE D 11 -1.74 -30.36 5.41
C ILE D 11 -1.80 -29.12 6.27
N LEU D 12 -2.64 -28.15 5.91
CA LEU D 12 -2.90 -27.00 6.77
C LEU D 12 -3.40 -27.46 8.14
N ALA D 13 -4.43 -28.32 8.16
CA ALA D 13 -4.98 -28.78 9.43
C ALA D 13 -3.93 -29.45 10.29
N LYS D 14 -3.10 -30.31 9.68
CA LYS D 14 -2.08 -31.02 10.45
C LYS D 14 -0.97 -30.06 10.92
N SER D 15 -0.64 -29.04 10.12
CA SER D 15 0.33 -28.04 10.54
C SER D 15 -0.16 -27.29 11.77
N LEU D 16 -1.43 -26.90 11.78
CA LEU D 16 -1.99 -26.22 12.94
C LEU D 16 -2.00 -27.13 14.17
N LYS D 17 -2.46 -28.38 13.99
CA LYS D 17 -2.51 -29.31 15.11
C LYS D 17 -1.14 -29.52 15.74
N SER D 18 -0.09 -29.66 14.92
CA SER D 18 1.24 -29.89 15.47
C SER D 18 1.76 -28.70 16.27
N LEU D 19 1.26 -27.50 15.98
CA LEU D 19 1.59 -26.31 16.75
C LEU D 19 0.64 -26.10 17.93
N GLY D 20 -0.23 -27.08 18.23
CA GLY D 20 -1.07 -27.02 19.41
C GLY D 20 -2.37 -26.26 19.24
N VAL D 21 -2.73 -25.87 18.03
CA VAL D 21 -4.00 -25.17 17.82
C VAL D 21 -5.14 -26.10 18.21
N ASP D 22 -6.07 -25.59 19.02
CA ASP D 22 -7.19 -26.41 19.42
C ASP D 22 -8.56 -25.78 19.17
N VAL D 23 -8.62 -24.50 18.80
CA VAL D 23 -9.88 -23.81 18.51
C VAL D 23 -9.64 -22.83 17.38
N ILE D 24 -10.56 -22.81 16.40
CA ILE D 24 -10.55 -21.88 15.29
C ILE D 24 -11.91 -21.18 15.25
N PHE D 25 -11.89 -19.85 15.13
CA PHE D 25 -13.10 -19.08 14.87
C PHE D 25 -13.16 -18.76 13.39
N GLY D 26 -14.36 -18.79 12.80
CA GLY D 26 -14.45 -18.43 11.41
C GLY D 26 -15.86 -18.62 10.86
N ILE D 27 -15.96 -18.41 9.54
CA ILE D 27 -17.18 -18.66 8.76
C ILE D 27 -16.74 -19.28 7.43
N VAL D 28 -17.40 -20.37 7.03
N VAL D 28 -17.43 -20.34 7.02
CA VAL D 28 -16.99 -21.14 5.88
CA VAL D 28 -16.96 -21.16 5.91
C VAL D 28 -17.82 -20.79 4.65
C VAL D 28 -17.77 -20.88 4.65
N GLY D 29 -17.53 -21.47 3.55
N GLY D 29 -17.21 -21.31 3.51
CA GLY D 29 -18.01 -21.18 2.22
CA GLY D 29 -17.82 -21.24 2.20
C GLY D 29 -16.90 -21.48 1.24
C GLY D 29 -17.14 -22.27 1.31
N VAL D 30 -17.12 -21.12 -0.03
N VAL D 30 -17.57 -22.31 0.06
CA VAL D 30 -16.07 -21.33 -1.03
CA VAL D 30 -17.09 -23.30 -0.92
C VAL D 30 -14.83 -20.53 -0.65
C VAL D 30 -15.56 -23.46 -0.91
N PRO D 31 -13.63 -21.10 -0.70
N PRO D 31 -14.77 -22.39 -0.99
CA PRO D 31 -13.33 -22.52 -0.93
CA PRO D 31 -13.31 -22.60 -0.96
C PRO D 31 -12.82 -23.16 0.35
C PRO D 31 -12.81 -23.11 0.39
N VAL D 32 -13.29 -22.71 1.51
N VAL D 32 -13.36 -22.64 1.50
CA VAL D 32 -12.63 -23.01 2.78
CA VAL D 32 -12.75 -22.83 2.80
C VAL D 32 -13.41 -23.96 3.64
C VAL D 32 -13.43 -23.91 3.64
N VAL D 33 -14.61 -24.39 3.22
CA VAL D 33 -15.32 -25.39 4.02
C VAL D 33 -14.48 -26.64 4.19
N GLU D 34 -13.78 -27.06 3.14
CA GLU D 34 -12.94 -28.25 3.24
C GLU D 34 -11.81 -28.05 4.25
N VAL D 35 -11.35 -26.80 4.41
CA VAL D 35 -10.29 -26.51 5.36
C VAL D 35 -10.78 -26.69 6.79
N ALA D 36 -11.94 -26.08 7.10
CA ALA D 36 -12.51 -26.23 8.44
C ALA D 36 -12.81 -27.68 8.77
N GLU D 37 -13.37 -28.43 7.82
CA GLU D 37 -13.66 -29.82 8.11
C GLU D 37 -12.39 -30.63 8.32
N ALA D 38 -11.30 -30.30 7.61
CA ALA D 38 -10.03 -30.98 7.86
C ALA D 38 -9.50 -30.65 9.25
N CYS D 39 -9.63 -29.38 9.67
CA CYS D 39 -9.23 -29.02 11.03
C CYS D 39 -10.05 -29.78 12.05
N ILE D 40 -11.36 -29.90 11.84
CA ILE D 40 -12.23 -30.62 12.77
C ILE D 40 -11.83 -32.08 12.82
N ALA D 41 -11.47 -32.65 11.67
CA ALA D 41 -11.04 -34.04 11.61
C ALA D 41 -9.71 -34.28 12.34
N GLU D 42 -8.90 -33.23 12.53
CA GLU D 42 -7.66 -33.37 13.30
C GLU D 42 -7.87 -33.13 14.79
N GLY D 43 -9.10 -32.89 15.22
CA GLY D 43 -9.38 -32.61 16.63
C GLY D 43 -9.41 -31.15 17.00
N ILE D 44 -9.39 -30.24 16.02
CA ILE D 44 -9.44 -28.82 16.31
C ILE D 44 -10.89 -28.38 16.26
N ARG D 45 -11.37 -27.82 17.36
CA ARG D 45 -12.76 -27.37 17.40
C ARG D 45 -12.95 -26.12 16.55
N PHE D 46 -14.09 -26.04 15.86
CA PHE D 46 -14.40 -24.91 15.00
C PHE D 46 -15.60 -24.17 15.55
N ILE D 47 -15.46 -22.86 15.70
CA ILE D 47 -16.53 -22.00 16.21
C ILE D 47 -17.03 -21.18 15.01
N GLY D 48 -18.12 -21.62 14.40
CA GLY D 48 -18.69 -20.88 13.28
C GLY D 48 -19.42 -19.66 13.78
N CYS D 49 -19.04 -18.49 13.32
CA CYS D 49 -19.64 -17.26 13.81
C CYS D 49 -20.68 -16.76 12.80
N ARG D 50 -21.24 -15.57 13.06
CA ARG D 50 -22.23 -14.98 12.18
C ARG D 50 -21.71 -13.79 11.39
N ASN D 51 -20.62 -13.16 11.82
CA ASN D 51 -19.89 -12.18 11.04
C ASN D 51 -18.41 -12.36 11.29
N GLU D 52 -17.56 -12.16 10.27
CA GLU D 52 -16.13 -12.34 10.49
C GLU D 52 -15.54 -11.28 11.41
N GLN D 53 -16.20 -10.13 11.56
CA GLN D 53 -15.74 -9.18 12.57
C GLN D 53 -15.61 -9.84 13.94
N SER D 54 -16.68 -10.50 14.39
CA SER D 54 -16.65 -11.16 15.69
C SER D 54 -15.69 -12.34 15.69
N ALA D 55 -15.62 -13.10 14.59
CA ALA D 55 -14.67 -14.20 14.51
C ALA D 55 -13.24 -13.71 14.75
N SER D 56 -12.84 -12.62 14.11
CA SER D 56 -11.46 -12.15 14.23
C SER D 56 -11.21 -11.42 15.54
N PHE D 57 -12.23 -10.78 16.12
CA PHE D 57 -12.07 -10.25 17.48
C PHE D 57 -11.88 -11.37 18.48
N ALA D 58 -12.65 -12.46 18.32
CA ALA D 58 -12.53 -13.60 19.21
C ALA D 58 -11.14 -14.21 19.14
N ALA D 59 -10.62 -14.40 17.93
CA ALA D 59 -9.29 -14.96 17.77
C ALA D 59 -8.24 -14.12 18.48
N GLY D 60 -8.32 -12.79 18.36
CA GLY D 60 -7.32 -11.94 18.98
C GLY D 60 -7.38 -11.98 20.49
N ALA D 61 -8.60 -11.90 21.04
CA ALA D 61 -8.79 -11.99 22.48
C ALA D 61 -8.36 -13.36 22.99
N TRP D 62 -8.74 -14.42 22.27
CA TRP D 62 -8.30 -15.74 22.67
C TRP D 62 -6.78 -15.81 22.77
N GLY D 63 -6.09 -15.18 21.81
CA GLY D 63 -4.63 -15.16 21.85
C GLY D 63 -4.09 -14.42 23.06
N TYR D 64 -4.68 -13.28 23.39
CA TYR D 64 -4.27 -12.57 24.61
C TYR D 64 -4.45 -13.45 25.85
N LEU D 65 -5.62 -14.10 25.96
CA LEU D 65 -5.92 -14.86 27.17
C LEU D 65 -5.06 -16.11 27.29
N ASN D 66 -4.69 -16.72 26.16
CA ASN D 66 -4.00 -18.01 26.22
C ASN D 66 -2.50 -17.91 25.97
N LYS D 67 -1.97 -16.71 25.73
CA LYS D 67 -0.53 -16.51 25.49
C LYS D 67 -0.01 -17.38 24.34
N ARG D 68 -0.85 -17.57 23.34
CA ARG D 68 -0.46 -18.22 22.10
C ARG D 68 -1.49 -17.86 21.04
N PRO D 69 -1.13 -17.93 19.76
CA PRO D 69 -1.94 -17.31 18.72
C PRO D 69 -3.35 -17.88 18.63
N GLY D 70 -4.34 -16.98 18.59
CA GLY D 70 -5.66 -17.38 18.15
C GLY D 70 -5.68 -17.59 16.66
N VAL D 71 -6.69 -18.30 16.18
CA VAL D 71 -6.77 -18.63 14.76
C VAL D 71 -8.18 -18.32 14.26
N CYS D 72 -8.25 -17.61 13.14
CA CYS D 72 -9.50 -17.23 12.48
C CYS D 72 -9.43 -17.68 11.03
N LEU D 73 -10.55 -18.20 10.52
CA LEU D 73 -10.62 -18.73 9.16
C LEU D 73 -11.74 -18.04 8.39
N THR D 74 -11.43 -17.51 7.20
CA THR D 74 -12.46 -16.85 6.39
C THR D 74 -12.30 -17.24 4.92
N VAL D 75 -13.39 -17.00 4.17
CA VAL D 75 -13.42 -17.15 2.72
C VAL D 75 -12.65 -15.99 2.11
N SER D 76 -12.49 -16.04 0.78
CA SER D 76 -11.78 -15.03 0.02
C SER D 76 -12.52 -13.69 0.07
N GLY D 77 -11.84 -12.66 -0.44
CA GLY D 77 -12.45 -11.37 -0.72
C GLY D 77 -13.14 -10.74 0.48
N PRO D 78 -14.48 -10.66 0.41
CA PRO D 78 -15.23 -10.00 1.49
C PRO D 78 -15.05 -10.65 2.86
N GLY D 79 -14.77 -11.96 2.92
CA GLY D 79 -14.49 -12.59 4.20
C GLY D 79 -13.25 -12.01 4.86
N VAL D 80 -12.15 -11.92 4.09
CA VAL D 80 -10.92 -11.36 4.64
C VAL D 80 -11.09 -9.87 4.96
N VAL D 81 -11.80 -9.13 4.11
CA VAL D 81 -11.97 -7.70 4.34
C VAL D 81 -12.75 -7.45 5.63
N ASN D 82 -13.79 -8.26 5.87
CA ASN D 82 -14.52 -8.17 7.14
C ASN D 82 -13.60 -8.42 8.33
N ALA D 83 -12.67 -9.36 8.20
CA ALA D 83 -11.78 -9.71 9.30
C ALA D 83 -10.65 -8.71 9.50
N ILE D 84 -10.49 -7.73 8.59
CA ILE D 84 -9.42 -6.76 8.80
C ILE D 84 -9.70 -5.94 10.06
N SER D 85 -10.97 -5.81 10.43
CA SER D 85 -11.30 -5.18 11.70
C SER D 85 -10.56 -5.84 12.86
N GLY D 86 -10.53 -7.18 12.88
CA GLY D 86 -9.85 -7.90 13.94
C GLY D 86 -8.33 -7.88 13.84
N LEU D 87 -7.79 -7.84 12.62
CA LEU D 87 -6.34 -7.65 12.47
C LEU D 87 -5.92 -6.29 13.02
N TYR D 88 -6.62 -5.24 12.60
CA TYR D 88 -6.36 -3.91 13.11
C TYR D 88 -6.47 -3.88 14.64
N ASN D 89 -7.49 -4.56 15.18
CA ASN D 89 -7.66 -4.62 16.63
C ASN D 89 -6.53 -5.37 17.32
N ALA D 90 -6.15 -6.54 16.80
CA ALA D 90 -5.07 -7.30 17.43
C ALA D 90 -3.72 -6.60 17.29
N GLN D 91 -3.50 -5.88 16.19
CA GLN D 91 -2.27 -5.13 16.02
C GLN D 91 -2.20 -3.97 17.01
N ALA D 92 -3.33 -3.27 17.22
CA ALA D 92 -3.37 -2.20 18.20
C ALA D 92 -3.11 -2.73 19.61
N ASN D 93 -3.80 -3.81 19.98
CA ASN D 93 -3.69 -4.38 21.32
C ASN D 93 -2.40 -5.16 21.54
N CYS D 94 -1.66 -5.46 20.48
CA CYS D 94 -0.45 -6.30 20.52
C CYS D 94 -0.79 -7.73 20.96
N TRP D 95 -1.76 -8.33 20.28
CA TRP D 95 -2.28 -9.66 20.55
C TRP D 95 -1.93 -10.64 19.44
N PRO D 96 -1.50 -11.85 19.78
CA PRO D 96 -1.12 -12.84 18.75
C PRO D 96 -2.34 -13.52 18.13
N MET D 97 -2.38 -13.55 16.80
CA MET D 97 -3.37 -14.37 16.11
C MET D 97 -2.89 -14.61 14.68
N ILE D 98 -3.54 -15.58 14.03
CA ILE D 98 -3.33 -15.90 12.63
C ILE D 98 -4.69 -15.82 11.97
N LEU D 99 -4.82 -14.95 10.97
CA LEU D 99 -5.97 -14.99 10.08
C LEU D 99 -5.58 -15.86 8.88
N ILE D 100 -6.40 -16.86 8.61
CA ILE D 100 -6.20 -17.76 7.49
C ILE D 100 -7.32 -17.51 6.49
N GLY D 101 -6.96 -17.09 5.28
CA GLY D 101 -7.99 -16.81 4.29
C GLY D 101 -7.85 -17.64 3.04
N GLY D 102 -8.95 -18.24 2.58
CA GLY D 102 -8.96 -18.75 1.22
C GLY D 102 -8.82 -17.61 0.24
N SER D 103 -8.28 -17.92 -0.94
CA SER D 103 -8.20 -16.93 -2.00
C SER D 103 -8.57 -17.60 -3.32
N CYS D 104 -8.85 -16.78 -4.33
CA CYS D 104 -9.29 -17.30 -5.62
C CYS D 104 -8.19 -18.16 -6.25
N GLU D 105 -8.56 -18.91 -7.28
CA GLU D 105 -7.60 -19.67 -8.08
C GLU D 105 -6.48 -18.77 -8.56
N THR D 106 -5.24 -19.25 -8.40
CA THR D 106 -4.09 -18.41 -8.68
C THR D 106 -4.02 -18.00 -10.15
N ASN D 107 -4.34 -18.92 -11.06
CA ASN D 107 -4.23 -18.58 -12.48
C ASN D 107 -5.40 -17.75 -12.99
N GLN D 108 -6.33 -17.36 -12.12
CA GLN D 108 -7.42 -16.47 -12.52
C GLN D 108 -7.20 -15.04 -12.06
N ILE D 109 -6.09 -14.77 -11.38
CA ILE D 109 -5.84 -13.42 -10.90
C ILE D 109 -5.63 -12.50 -12.10
N GLY D 110 -6.23 -11.31 -12.05
CA GLY D 110 -6.23 -10.41 -13.19
C GLY D 110 -7.40 -10.58 -14.13
N MET D 111 -8.20 -11.62 -13.99
CA MET D 111 -9.35 -11.89 -14.86
C MET D 111 -10.69 -11.46 -14.25
N GLY D 112 -10.69 -10.97 -13.01
CA GLY D 112 -11.95 -10.67 -12.34
C GLY D 112 -12.56 -11.95 -11.80
N ALA D 113 -11.73 -12.75 -11.14
CA ALA D 113 -12.18 -14.01 -10.60
C ALA D 113 -13.14 -13.79 -9.44
N PHE D 114 -13.81 -14.86 -9.04
CA PHE D 114 -14.75 -14.76 -7.93
C PHE D 114 -14.03 -14.40 -6.63
N GLN D 115 -14.41 -13.25 -6.05
CA GLN D 115 -13.84 -12.73 -4.80
C GLN D 115 -12.33 -12.53 -4.93
N GLU D 116 -11.89 -12.13 -6.12
CA GLU D 116 -10.49 -11.81 -6.36
C GLU D 116 -10.09 -10.56 -5.60
N LEU D 117 -9.04 -10.69 -4.81
CA LEU D 117 -8.48 -9.62 -4.00
C LEU D 117 -7.03 -10.01 -3.72
N ASP D 118 -6.13 -9.04 -3.83
CA ASP D 118 -4.76 -9.32 -3.39
C ASP D 118 -4.77 -9.29 -1.87
N GLN D 119 -5.02 -10.43 -1.25
CA GLN D 119 -5.30 -10.44 0.19
C GLN D 119 -4.03 -10.29 1.02
N VAL D 120 -2.90 -10.78 0.51
CA VAL D 120 -1.62 -10.54 1.17
C VAL D 120 -1.38 -9.05 1.32
N ASP D 121 -1.55 -8.30 0.22
N ASP D 121 -1.58 -8.30 0.23
CA ASP D 121 -1.38 -6.85 0.31
CA ASP D 121 -1.38 -6.85 0.25
C ASP D 121 -2.45 -6.21 1.17
C ASP D 121 -2.48 -6.13 1.03
N ALA D 122 -3.70 -6.69 1.04
CA ALA D 122 -4.77 -6.10 1.84
C ALA D 122 -4.47 -6.18 3.33
N CYS D 123 -3.80 -7.24 3.77
CA CYS D 123 -3.56 -7.43 5.19
C CYS D 123 -2.19 -6.95 5.64
N ARG D 124 -1.32 -6.53 4.70
N ARG D 124 -1.34 -6.53 4.68
CA ARG D 124 0.08 -6.31 5.00
CA ARG D 124 0.08 -6.28 4.95
C ARG D 124 0.29 -5.25 6.08
C ARG D 124 0.28 -5.26 6.07
N ASN D 125 -0.38 -4.10 5.95
CA ASN D 125 -0.13 -3.02 6.90
C ASN D 125 -0.77 -3.25 8.26
N TYR D 126 -1.57 -4.30 8.41
CA TYR D 126 -2.21 -4.63 9.67
C TYR D 126 -1.57 -5.80 10.38
N THR D 127 -0.46 -6.32 9.87
CA THR D 127 0.08 -7.58 10.39
C THR D 127 1.59 -7.49 10.54
N LYS D 128 2.12 -8.39 11.38
CA LYS D 128 3.58 -8.57 11.45
C LYS D 128 4.11 -9.43 10.32
N PHE D 129 3.25 -10.24 9.71
CA PHE D 129 3.63 -11.10 8.60
C PHE D 129 2.38 -11.44 7.81
N SER D 130 2.47 -11.31 6.49
CA SER D 130 1.37 -11.62 5.57
C SER D 130 1.98 -12.42 4.43
N GLY D 131 1.53 -13.65 4.23
CA GLY D 131 2.15 -14.49 3.23
C GLY D 131 1.17 -15.49 2.65
N LYS D 132 1.52 -16.00 1.48
CA LYS D 132 0.70 -16.94 0.73
C LYS D 132 1.43 -18.27 0.61
N CYS D 133 0.69 -19.37 0.67
CA CYS D 133 1.25 -20.70 0.44
C CYS D 133 1.39 -20.93 -1.06
N ALA D 134 2.63 -21.17 -1.50
CA ALA D 134 2.91 -21.29 -2.92
C ALA D 134 2.62 -22.68 -3.47
N ASP D 135 2.75 -23.70 -2.63
CA ASP D 135 2.43 -25.07 -3.01
C ASP D 135 2.25 -25.87 -1.73
N LEU D 136 1.88 -27.14 -1.90
CA LEU D 136 1.57 -27.97 -0.74
C LEU D 136 2.79 -28.14 0.16
N GLU D 137 3.98 -28.25 -0.42
CA GLU D 137 5.20 -28.45 0.37
C GLU D 137 5.51 -27.24 1.24
N THR D 138 5.04 -26.06 0.85
CA THR D 138 5.31 -24.82 1.56
C THR D 138 4.29 -24.49 2.65
N ILE D 139 3.16 -25.21 2.72
CA ILE D 139 2.17 -24.91 3.75
C ILE D 139 2.76 -24.91 5.16
N PRO D 140 3.48 -25.95 5.60
CA PRO D 140 3.99 -25.91 6.98
C PRO D 140 4.91 -24.74 7.23
N PHE D 141 5.76 -24.37 6.27
CA PHE D 141 6.65 -23.23 6.46
C PHE D 141 5.87 -21.93 6.70
N ILE D 142 4.86 -21.67 5.87
CA ILE D 142 4.09 -20.43 6.01
C ILE D 142 3.31 -20.44 7.31
N VAL D 143 2.64 -21.56 7.62
CA VAL D 143 1.88 -21.64 8.87
C VAL D 143 2.80 -21.45 10.07
N ASN D 144 3.99 -22.07 10.03
CA ASN D 144 4.93 -21.94 11.14
C ASN D 144 5.44 -20.50 11.28
N LYS D 145 5.76 -19.85 10.16
CA LYS D 145 6.26 -18.48 10.24
C LYS D 145 5.21 -17.55 10.86
N ALA D 146 3.97 -17.64 10.38
CA ALA D 146 2.88 -16.87 10.99
C ALA D 146 2.79 -17.15 12.48
N TYR D 147 2.83 -18.43 12.86
CA TYR D 147 2.68 -18.79 14.26
C TYR D 147 3.83 -18.23 15.09
N GLN D 148 5.07 -18.45 14.65
CA GLN D 148 6.22 -17.99 15.43
C GLN D 148 6.27 -16.46 15.47
N VAL D 149 5.99 -15.80 14.35
CA VAL D 149 6.12 -14.34 14.28
C VAL D 149 5.07 -13.67 15.16
N SER D 150 3.86 -14.23 15.22
CA SER D 150 2.76 -13.59 15.93
C SER D 150 3.04 -13.51 17.43
N LYS D 151 3.69 -14.52 17.99
CA LYS D 151 3.91 -14.56 19.43
C LYS D 151 5.27 -14.00 19.84
N ALA D 152 6.17 -13.74 18.89
CA ALA D 152 7.52 -13.29 19.23
C ALA D 152 7.54 -11.80 19.51
N GLY D 153 8.50 -11.37 20.34
CA GLY D 153 8.68 -9.95 20.58
C GLY D 153 7.41 -9.29 21.06
N ARG D 154 7.07 -8.15 20.47
CA ARG D 154 5.74 -7.59 20.68
C ARG D 154 4.74 -8.39 19.87
N PRO D 155 3.76 -9.05 20.50
CA PRO D 155 2.84 -9.91 19.75
C PRO D 155 1.98 -9.11 18.80
N GLY D 156 1.45 -9.80 17.80
CA GLY D 156 0.61 -9.17 16.81
C GLY D 156 0.01 -10.20 15.87
N PRO D 157 -0.89 -9.77 14.99
CA PRO D 157 -1.53 -10.70 14.06
C PRO D 157 -0.69 -10.95 12.82
N THR D 158 -0.99 -12.08 12.18
CA THR D 158 -0.37 -12.51 10.94
C THR D 158 -1.46 -12.99 10.01
N TYR D 159 -1.15 -13.05 8.70
CA TYR D 159 -2.12 -13.48 7.69
C TYR D 159 -1.52 -14.57 6.84
N VAL D 160 -2.27 -15.65 6.65
CA VAL D 160 -1.86 -16.80 5.84
C VAL D 160 -2.91 -17.00 4.75
N ASP D 161 -2.46 -17.01 3.49
CA ASP D 161 -3.34 -17.04 2.34
C ASP D 161 -3.29 -18.42 1.71
N LEU D 162 -4.45 -19.06 1.55
CA LEU D 162 -4.53 -20.37 0.90
C LEU D 162 -5.36 -20.29 -0.38
N PRO D 163 -4.70 -20.28 -1.54
CA PRO D 163 -5.45 -20.23 -2.80
C PRO D 163 -6.32 -21.46 -3.00
N ALA D 164 -7.45 -21.26 -3.68
CA ALA D 164 -8.40 -22.34 -3.93
C ALA D 164 -7.75 -23.55 -4.60
N ASP D 165 -6.79 -23.30 -5.51
CA ASP D 165 -6.17 -24.41 -6.22
C ASP D 165 -5.22 -25.19 -5.33
N LEU D 166 -4.66 -24.55 -4.30
CA LEU D 166 -3.90 -25.26 -3.29
C LEU D 166 -4.80 -26.04 -2.33
N ILE D 167 -5.92 -25.43 -1.92
CA ILE D 167 -6.85 -26.09 -1.01
C ILE D 167 -7.28 -27.44 -1.57
N GLN D 168 -7.54 -27.48 -2.88
CA GLN D 168 -8.02 -28.68 -3.56
C GLN D 168 -6.93 -29.64 -3.98
N ALA D 169 -5.68 -29.19 -4.07
CA ALA D 169 -4.61 -30.03 -4.59
C ALA D 169 -4.34 -31.21 -3.65
N THR D 170 -3.79 -32.27 -4.22
CA THR D 170 -3.55 -33.50 -3.48
C THR D 170 -2.10 -33.93 -3.65
N THR D 171 -1.58 -34.61 -2.63
CA THR D 171 -0.28 -35.24 -2.69
C THR D 171 -0.30 -36.49 -1.82
N SER D 172 0.60 -37.42 -2.15
CA SER D 172 0.74 -38.65 -1.38
C SER D 172 1.82 -38.57 -0.32
N LYS D 173 2.65 -37.53 -0.34
CA LYS D 173 3.80 -37.38 0.54
C LYS D 173 3.51 -36.27 1.55
N LEU D 174 3.59 -36.59 2.82
CA LEU D 174 3.36 -35.57 3.84
C LEU D 174 4.61 -34.70 3.97
N PRO D 175 4.50 -33.38 3.85
CA PRO D 175 5.65 -32.53 4.11
C PRO D 175 5.93 -32.49 5.61
N LYS D 176 7.17 -32.15 5.95
CA LYS D 176 7.57 -32.06 7.35
C LYS D 176 6.74 -31.00 8.06
N LEU D 177 6.03 -31.42 9.10
CA LEU D 177 5.17 -30.52 9.84
C LEU D 177 5.97 -29.67 10.82
N PRO D 178 5.47 -28.49 11.18
CA PRO D 178 6.19 -27.66 12.15
C PRO D 178 6.27 -28.34 13.51
N GLU D 179 7.25 -27.92 14.30
CA GLU D 179 7.39 -28.42 15.64
C GLU D 179 7.39 -27.25 16.61
N PRO D 180 6.75 -27.38 17.78
CA PRO D 180 6.69 -26.26 18.73
C PRO D 180 8.08 -25.74 19.08
N PHE D 181 8.16 -24.42 19.19
CA PHE D 181 9.39 -23.72 19.55
C PHE D 181 9.04 -22.69 20.62
N GLU D 182 9.59 -22.88 21.82
CA GLU D 182 9.35 -21.95 22.91
C GLU D 182 9.86 -20.55 22.54
N THR D 183 9.01 -19.55 22.77
CA THR D 183 9.35 -18.17 22.43
C THR D 183 10.53 -17.69 23.26
N PRO D 184 11.65 -17.30 22.65
CA PRO D 184 12.78 -16.79 23.44
C PRO D 184 12.46 -15.38 23.95
N TYR D 185 12.88 -15.11 25.17
CA TYR D 185 12.76 -13.77 25.71
C TYR D 185 14.12 -13.25 26.14
N CYS D 186 14.14 -11.97 26.50
CA CYS D 186 15.37 -11.24 26.80
C CYS D 186 15.22 -10.55 28.15
N LEU D 187 16.36 -10.11 28.68
CA LEU D 187 16.44 -9.42 29.96
C LEU D 187 17.10 -8.06 29.77
N PRO D 188 16.78 -7.08 30.62
CA PRO D 188 17.43 -5.77 30.46
C PRO D 188 18.93 -5.85 30.70
N HIS D 189 19.66 -4.98 30.02
CA HIS D 189 21.09 -4.86 30.24
C HIS D 189 21.36 -4.51 31.70
N THR D 190 22.36 -5.17 32.28
CA THR D 190 22.61 -5.03 33.71
C THR D 190 22.92 -3.60 34.10
N LYS D 191 23.58 -2.83 33.22
CA LYS D 191 23.83 -1.42 33.51
C LYS D 191 22.53 -0.64 33.63
N ASP D 192 21.57 -0.85 32.71
CA ASP D 192 20.27 -0.20 32.80
C ASP D 192 19.49 -0.66 34.03
N LEU D 193 19.51 -1.96 34.29
CA LEU D 193 18.84 -2.49 35.48
C LEU D 193 19.39 -1.84 36.74
N SER D 194 20.72 -1.68 36.84
CA SER D 194 21.30 -1.09 38.03
C SER D 194 20.86 0.35 38.22
N ALA D 195 20.88 1.15 37.15
CA ALA D 195 20.45 2.54 37.26
C ALA D 195 18.98 2.64 37.67
N ALA D 196 18.15 1.72 37.20
CA ALA D 196 16.73 1.74 37.54
C ALA D 196 16.52 1.42 39.01
N ILE D 197 17.24 0.42 39.52
CA ILE D 197 17.17 0.06 40.93
C ILE D 197 17.58 1.24 41.79
N GLU D 198 18.62 1.96 41.38
CA GLU D 198 19.08 3.11 42.17
C GLU D 198 18.04 4.22 42.16
N ILE D 199 17.45 4.51 41.00
CA ILE D 199 16.35 5.48 40.93
C ILE D 199 15.24 5.13 41.90
N LEU D 200 14.87 3.84 41.97
CA LEU D 200 13.78 3.44 42.85
C LEU D 200 14.17 3.59 44.31
N LYS D 201 15.40 3.17 44.66
CA LYS D 201 15.86 3.27 46.05
C LYS D 201 15.82 4.69 46.57
N ASN D 202 16.00 5.68 45.69
CA ASN D 202 16.06 7.07 46.09
C ASN D 202 14.73 7.79 45.96
N SER D 203 13.66 7.08 45.56
CA SER D 203 12.37 7.70 45.32
C SER D 203 11.59 7.86 46.62
N LYS D 204 10.72 8.87 46.64
CA LYS D 204 9.78 9.05 47.73
C LYS D 204 8.35 8.68 47.38
N ARG D 205 7.98 8.71 46.10
CA ARG D 205 6.62 8.40 45.67
C ARG D 205 6.66 7.62 44.36
N PRO D 206 7.14 6.37 44.41
CA PRO D 206 7.16 5.55 43.20
C PRO D 206 5.77 5.04 42.87
N LEU D 207 5.55 4.79 41.57
CA LEU D 207 4.26 4.28 41.10
C LEU D 207 4.50 3.28 40.00
N LEU D 208 4.03 2.05 40.21
CA LEU D 208 4.07 1.02 39.18
C LEU D 208 2.81 1.18 38.32
N VAL D 209 2.98 1.53 37.05
CA VAL D 209 1.88 1.61 36.10
C VAL D 209 1.85 0.30 35.33
N VAL D 210 0.82 -0.51 35.56
CA VAL D 210 0.77 -1.89 35.10
C VAL D 210 -0.25 -1.98 33.96
N GLY D 211 0.21 -2.34 32.76
CA GLY D 211 -0.66 -2.42 31.60
C GLY D 211 -0.92 -3.85 31.15
N LYS D 212 -1.64 -3.98 30.02
CA LYS D 212 -2.01 -5.32 29.59
C LYS D 212 -0.84 -6.10 28.97
N GLY D 213 0.30 -5.44 28.70
CA GLY D 213 1.51 -6.19 28.43
C GLY D 213 1.93 -7.03 29.63
N ALA D 214 1.75 -6.47 30.83
CA ALA D 214 2.10 -7.20 32.06
C ALA D 214 1.16 -8.37 32.31
N THR D 215 -0.16 -8.20 32.07
CA THR D 215 -1.07 -9.34 32.26
C THR D 215 -0.88 -10.39 31.18
N TYR D 216 -0.62 -9.96 29.94
CA TYR D 216 -0.31 -10.92 28.89
C TYR D 216 0.92 -11.73 29.24
N SER D 217 1.99 -11.06 29.69
CA SER D 217 3.21 -11.75 30.06
C SER D 217 3.07 -12.58 31.33
N ARG D 218 1.94 -12.46 32.06
CA ARG D 218 1.61 -13.30 33.22
C ARG D 218 2.59 -13.07 34.38
N CYS D 219 2.77 -11.81 34.73
CA CYS D 219 3.70 -11.43 35.79
C CYS D 219 3.02 -11.26 37.15
N GLU D 220 1.81 -11.80 37.33
CA GLU D 220 1.05 -11.48 38.55
C GLU D 220 1.79 -11.89 39.81
N ASN D 221 2.46 -13.05 39.79
CA ASN D 221 3.17 -13.51 40.98
C ASN D 221 4.36 -12.60 41.31
N GLU D 222 5.16 -12.24 40.31
CA GLU D 222 6.32 -11.39 40.55
C GLU D 222 5.89 -9.99 40.98
N LEU D 223 4.84 -9.45 40.38
CA LEU D 223 4.36 -8.12 40.75
C LEU D 223 3.86 -8.11 42.19
N LYS D 224 3.09 -9.13 42.58
CA LYS D 224 2.54 -9.18 43.94
C LYS D 224 3.65 -9.26 44.98
N ALA D 225 4.66 -10.10 44.73
CA ALA D 225 5.79 -10.20 45.65
C ALA D 225 6.41 -8.83 45.88
N LEU D 226 6.67 -8.10 44.79
CA LEU D 226 7.35 -6.81 44.88
C LEU D 226 6.49 -5.78 45.58
N VAL D 227 5.24 -5.65 45.14
CA VAL D 227 4.33 -4.64 45.70
C VAL D 227 4.15 -4.89 47.19
N GLU D 228 3.98 -6.14 47.59
CA GLU D 228 3.64 -6.43 48.97
C GLU D 228 4.86 -6.40 49.88
N GLU D 229 6.03 -6.81 49.40
CA GLU D 229 7.20 -6.78 50.28
C GLU D 229 7.63 -5.35 50.58
N PHE D 230 7.60 -4.46 49.58
CA PHE D 230 8.13 -3.11 49.77
C PHE D 230 7.06 -2.03 49.74
N ASN D 231 5.78 -2.39 49.76
CA ASN D 231 4.65 -1.44 49.76
C ASN D 231 4.82 -0.39 48.65
N VAL D 232 4.87 -0.88 47.42
CA VAL D 232 5.04 -0.03 46.25
C VAL D 232 3.66 0.22 45.63
N PRO D 233 3.19 1.47 45.59
CA PRO D 233 1.88 1.73 44.98
C PRO D 233 1.89 1.34 43.51
N PHE D 234 0.73 0.89 43.04
CA PHE D 234 0.60 0.51 41.65
C PHE D 234 -0.74 1.03 41.12
N LEU D 235 -0.85 1.02 39.81
CA LEU D 235 -2.03 1.54 39.14
C LEU D 235 -2.27 0.71 37.88
N PRO D 236 -3.41 0.04 37.76
CA PRO D 236 -3.68 -0.77 36.56
C PRO D 236 -4.38 0.01 35.47
N THR D 237 -3.96 -0.26 34.22
CA THR D 237 -4.75 0.12 33.06
C THR D 237 -6.00 -0.77 32.99
N PRO D 238 -7.01 -0.39 32.19
CA PRO D 238 -8.31 -1.06 32.31
C PRO D 238 -8.27 -2.58 32.14
N MET D 239 -7.52 -3.13 31.18
CA MET D 239 -7.51 -4.58 31.08
C MET D 239 -6.50 -5.23 32.03
N ALA D 240 -5.65 -4.45 32.68
CA ALA D 240 -4.81 -5.00 33.74
C ALA D 240 -5.51 -5.04 35.09
N LYS D 241 -6.73 -4.51 35.18
CA LYS D 241 -7.46 -4.57 36.45
C LYS D 241 -7.62 -6.02 36.89
N GLY D 242 -7.36 -6.28 38.17
CA GLY D 242 -7.38 -7.62 38.69
C GLY D 242 -6.01 -8.29 38.76
N ILE D 243 -4.99 -7.74 38.12
CA ILE D 243 -3.68 -8.38 38.23
C ILE D 243 -3.28 -8.51 39.69
N LEU D 244 -3.56 -7.47 40.48
CA LEU D 244 -3.85 -7.52 41.91
C LEU D 244 -5.24 -6.96 42.11
N PRO D 245 -5.97 -7.36 43.15
CA PRO D 245 -7.38 -6.94 43.27
C PRO D 245 -7.53 -5.42 43.23
N ASP D 246 -8.69 -4.97 42.75
CA ASP D 246 -8.98 -3.54 42.68
C ASP D 246 -8.93 -2.89 44.06
N ASN D 247 -9.21 -3.66 45.12
CA ASN D 247 -9.20 -3.14 46.48
C ASN D 247 -7.92 -3.51 47.23
N HIS D 248 -6.85 -3.85 46.52
CA HIS D 248 -5.57 -4.09 47.18
C HIS D 248 -5.10 -2.83 47.88
N SER D 249 -4.52 -2.99 49.08
CA SER D 249 -4.16 -1.82 49.86
C SER D 249 -3.12 -0.93 49.17
N LEU D 250 -2.40 -1.43 48.16
CA LEU D 250 -1.44 -0.60 47.45
C LEU D 250 -1.97 -0.07 46.11
N ASN D 251 -3.22 -0.37 45.76
CA ASN D 251 -3.79 0.05 44.49
C ASN D 251 -4.17 1.52 44.54
N ALA D 252 -3.56 2.34 43.68
CA ALA D 252 -3.86 3.76 43.61
C ALA D 252 -4.97 4.10 42.61
N GLY D 253 -5.73 3.10 42.16
CA GLY D 253 -6.64 3.31 41.03
C GLY D 253 -7.70 4.37 41.28
N SER D 254 -8.19 4.47 42.52
CA SER D 254 -9.23 5.44 42.85
C SER D 254 -8.72 6.86 42.98
N ALA D 255 -7.41 7.08 42.82
CA ALA D 255 -6.84 8.43 42.76
C ALA D 255 -5.84 8.49 41.61
N ARG D 256 -6.25 7.98 40.45
CA ARG D 256 -5.37 7.82 39.30
C ARG D 256 -4.67 9.13 38.92
N SER D 257 -5.45 10.21 38.75
CA SER D 257 -4.86 11.44 38.24
C SER D 257 -3.85 12.02 39.21
N LEU D 258 -4.19 12.03 40.50
CA LEU D 258 -3.28 12.57 41.50
C LEU D 258 -2.01 11.72 41.60
N ALA D 259 -2.16 10.40 41.60
CA ALA D 259 -1.01 9.51 41.71
C ALA D 259 0.00 9.75 40.59
N LEU D 260 -0.51 9.83 39.35
CA LEU D 260 0.37 10.07 38.20
C LEU D 260 1.02 11.44 38.29
N ARG D 261 0.25 12.46 38.70
CA ARG D 261 0.78 13.82 38.80
C ARG D 261 1.86 13.92 39.87
N LYS D 262 1.71 13.17 40.96
CA LYS D 262 2.57 13.37 42.11
C LYS D 262 3.73 12.38 42.20
N ALA D 263 3.69 11.27 41.47
CA ALA D 263 4.76 10.30 41.58
C ALA D 263 6.08 10.95 41.19
N ASP D 264 7.15 10.60 41.91
CA ASP D 264 8.47 11.05 41.49
C ASP D 264 9.20 10.01 40.68
N VAL D 265 8.74 8.75 40.71
CA VAL D 265 9.21 7.71 39.79
C VAL D 265 7.99 6.97 39.25
N ILE D 266 7.95 6.78 37.93
CA ILE D 266 6.94 5.92 37.31
C ILE D 266 7.65 4.76 36.62
N VAL D 267 7.23 3.54 36.93
CA VAL D 267 7.70 2.34 36.25
C VAL D 267 6.56 1.85 35.38
N LEU D 268 6.74 1.97 34.06
CA LEU D 268 5.75 1.54 33.07
C LEU D 268 5.96 0.06 32.77
N LEU D 269 5.03 -0.79 33.19
CA LEU D 269 5.15 -2.23 33.02
C LEU D 269 4.13 -2.68 31.97
N GLY D 270 4.58 -2.83 30.73
CA GLY D 270 3.68 -3.24 29.65
C GLY D 270 2.56 -2.27 29.39
N ALA D 271 2.89 -0.98 29.32
CA ALA D 271 1.91 0.09 29.14
C ALA D 271 2.56 1.20 28.33
N ARG D 272 1.88 1.68 27.29
CA ARG D 272 2.49 2.70 26.46
C ARG D 272 2.04 4.09 26.88
N LEU D 273 2.89 5.08 26.60
CA LEU D 273 2.47 6.48 26.73
C LEU D 273 1.75 6.96 25.47
N ASN D 274 0.71 6.23 25.04
CA ASN D 274 -0.09 6.69 23.91
C ASN D 274 -1.29 7.50 24.40
N TRP D 275 -2.36 7.54 23.62
CA TRP D 275 -3.52 8.36 23.98
C TRP D 275 -4.07 8.00 25.37
N MET D 276 -3.93 6.74 25.80
CA MET D 276 -4.51 6.33 27.07
C MET D 276 -3.80 6.96 28.27
N MET D 277 -2.57 7.45 28.09
CA MET D 277 -1.85 8.20 29.10
C MET D 277 -1.67 9.66 28.71
N GLN D 278 -2.48 10.14 27.77
CA GLN D 278 -2.37 11.50 27.24
C GLN D 278 -0.94 11.80 26.75
N PHE D 279 -0.29 10.77 26.20
CA PHE D 279 1.06 10.88 25.63
C PHE D 279 2.10 11.34 26.65
N GLY D 280 1.81 11.15 27.93
CA GLY D 280 2.67 11.64 28.99
C GLY D 280 2.58 13.13 29.27
N ASN D 281 1.62 13.83 28.67
CA ASN D 281 1.60 15.29 28.75
C ASN D 281 1.18 15.83 30.11
N ARG D 282 0.51 15.04 30.94
CA ARG D 282 0.12 15.49 32.27
C ARG D 282 1.12 15.08 33.35
N LEU D 283 2.17 14.36 32.99
CA LEU D 283 3.15 13.96 33.99
C LEU D 283 4.03 15.14 34.38
N ASN D 284 4.49 15.14 35.62
CA ASN D 284 5.47 16.12 36.06
C ASN D 284 6.76 15.92 35.27
N PRO D 285 7.32 16.96 34.65
CA PRO D 285 8.58 16.78 33.91
C PRO D 285 9.76 16.38 34.80
N GLN D 286 9.65 16.52 36.12
CA GLN D 286 10.69 16.07 37.02
C GLN D 286 10.52 14.63 37.47
N THR D 287 9.40 13.99 37.15
CA THR D 287 9.23 12.57 37.41
C THR D 287 10.20 11.76 36.56
N LYS D 288 10.90 10.81 37.18
CA LYS D 288 11.78 9.93 36.44
C LYS D 288 11.01 8.70 35.95
N ILE D 289 11.19 8.36 34.68
CA ILE D 289 10.40 7.30 34.05
C ILE D 289 11.30 6.12 33.71
N ILE D 290 10.90 4.94 34.17
CA ILE D 290 11.53 3.68 33.85
C ILE D 290 10.52 2.89 33.02
N HIS D 291 10.87 2.60 31.77
CA HIS D 291 9.94 1.95 30.85
C HIS D 291 10.41 0.52 30.57
N VAL D 292 9.60 -0.47 30.93
CA VAL D 292 9.88 -1.87 30.65
C VAL D 292 9.04 -2.27 29.45
N ASP D 293 9.71 -2.55 28.33
CA ASP D 293 9.02 -3.01 27.13
C ASP D 293 9.92 -3.95 26.36
N ILE D 294 9.30 -4.82 25.56
CA ILE D 294 10.00 -5.73 24.68
C ILE D 294 10.15 -5.16 23.27
N SER D 295 9.60 -3.97 23.01
CA SER D 295 9.72 -3.29 21.74
C SER D 295 10.61 -2.06 21.93
N PRO D 296 11.90 -2.12 21.57
CA PRO D 296 12.81 -1.01 21.92
C PRO D 296 12.50 0.27 21.16
N GLU D 297 11.78 0.18 20.04
CA GLU D 297 11.34 1.37 19.33
C GLU D 297 10.32 2.19 20.13
N GLU D 298 9.81 1.66 21.24
CA GLU D 298 8.87 2.39 22.09
C GLU D 298 9.55 3.39 23.03
N PHE D 299 10.87 3.30 23.22
CA PHE D 299 11.54 4.09 24.25
C PHE D 299 11.82 5.52 23.78
N ASN D 300 11.40 6.48 24.61
CA ASN D 300 11.82 7.88 24.47
C ASN D 300 11.28 8.53 23.19
N ILE D 301 9.97 8.32 22.95
CA ILE D 301 9.31 8.80 21.73
C ILE D 301 8.38 9.97 22.08
N ASN D 302 7.29 9.66 22.80
CA ASN D 302 6.35 10.71 23.20
C ASN D 302 6.86 11.55 24.35
N LYS D 303 7.69 10.99 25.21
CA LYS D 303 8.07 11.63 26.45
C LYS D 303 9.48 11.21 26.80
N LYS D 304 10.28 12.16 27.27
CA LYS D 304 11.61 11.83 27.77
C LYS D 304 11.50 10.84 28.92
N ILE D 305 12.24 9.74 28.83
CA ILE D 305 12.31 8.77 29.90
C ILE D 305 13.74 8.70 30.40
N ASP D 306 13.92 8.07 31.56
CA ASP D 306 15.26 7.97 32.12
C ASP D 306 15.94 6.67 31.77
N ILE D 307 15.22 5.55 31.83
CA ILE D 307 15.79 4.23 31.60
C ILE D 307 14.78 3.44 30.77
N GLY D 308 15.24 2.85 29.68
CA GLY D 308 14.48 1.85 28.98
C GLY D 308 15.01 0.50 29.39
N LEU D 309 14.14 -0.30 30.00
CA LEU D 309 14.51 -1.67 30.37
C LEU D 309 13.97 -2.57 29.27
N PHE D 310 14.86 -2.97 28.37
CA PHE D 310 14.55 -3.83 27.23
C PHE D 310 14.52 -5.27 27.73
N GLY D 311 13.35 -5.72 28.16
CA GLY D 311 13.27 -7.07 28.70
C GLY D 311 11.85 -7.52 28.98
N ASN D 312 11.74 -8.83 29.18
CA ASN D 312 10.47 -9.46 29.53
C ASN D 312 10.00 -8.98 30.91
N ILE D 313 8.71 -8.65 31.01
CA ILE D 313 8.21 -8.02 32.23
C ILE D 313 8.40 -8.87 33.49
N PRO D 314 7.99 -10.14 33.53
CA PRO D 314 8.07 -10.88 34.80
C PRO D 314 9.48 -10.97 35.37
N GLU D 315 10.45 -11.35 34.54
CA GLU D 315 11.82 -11.42 35.01
C GLU D 315 12.38 -10.04 35.36
N THR D 316 11.99 -8.99 34.62
CA THR D 316 12.47 -7.65 34.95
C THR D 316 11.93 -7.19 36.32
N ILE D 317 10.65 -7.47 36.61
CA ILE D 317 10.12 -7.16 37.94
C ILE D 317 10.92 -7.87 39.01
N GLU D 318 11.17 -9.16 38.81
CA GLU D 318 11.88 -9.95 39.81
C GLU D 318 13.31 -9.45 40.00
N LEU D 319 13.95 -8.98 38.93
CA LEU D 319 15.32 -8.48 39.02
C LEU D 319 15.37 -7.15 39.78
N ILE D 320 14.39 -6.28 39.56
CA ILE D 320 14.28 -5.05 40.34
C ILE D 320 14.05 -5.40 41.81
N HIS D 321 13.16 -6.36 42.05
CA HIS D 321 12.88 -6.83 43.41
C HIS D 321 14.15 -7.33 44.10
N GLN D 322 14.91 -8.17 43.40
CA GLN D 322 16.15 -8.69 43.98
C GLN D 322 17.14 -7.56 44.23
N GLY D 323 17.19 -6.57 43.33
CA GLY D 323 18.06 -5.42 43.55
C GLY D 323 17.70 -4.66 44.81
N LEU D 324 16.41 -4.52 45.10
CA LEU D 324 16.00 -3.91 46.37
C LEU D 324 16.34 -4.79 47.56
N LYS D 325 16.19 -6.11 47.42
CA LYS D 325 16.47 -7.02 48.53
C LYS D 325 17.95 -7.05 48.88
N LYS D 326 18.83 -6.75 47.92
CA LYS D 326 20.26 -6.93 48.13
C LYS D 326 20.84 -5.91 49.08
N SER D 327 20.24 -4.72 49.18
CA SER D 327 20.77 -3.70 50.06
C SER D 327 20.46 -3.97 51.52
N GLY D 328 19.46 -4.80 51.82
CA GLY D 328 19.07 -5.06 53.19
C GLY D 328 18.32 -3.92 53.87
N LYS D 329 18.19 -2.78 53.22
CA LYS D 329 17.41 -1.68 53.77
C LYS D 329 15.92 -1.96 53.62
N SER D 330 15.14 -1.45 54.58
CA SER D 330 13.73 -1.80 54.70
C SER D 330 12.87 -0.72 54.03
N TYR D 331 12.88 -0.74 52.70
CA TYR D 331 12.08 0.22 51.94
C TYR D 331 10.59 -0.01 52.18
N SER D 332 9.85 1.11 52.33
CA SER D 332 8.41 1.07 52.33
C SER D 332 7.91 2.38 51.74
N TRP D 333 7.03 2.29 50.75
CA TRP D 333 6.43 3.48 50.16
C TRP D 333 4.93 3.52 50.40
N ILE D 334 4.46 2.89 51.47
CA ILE D 334 3.04 2.95 51.81
C ILE D 334 2.61 4.40 52.01
N HIS D 335 3.54 5.27 52.43
CA HIS D 335 3.15 6.66 52.71
C HIS D 335 2.58 7.34 51.48
N PHE D 336 3.17 7.09 50.30
CA PHE D 336 2.64 7.65 49.07
C PHE D 336 1.17 7.24 48.89
N LYS D 337 0.85 5.96 49.07
CA LYS D 337 -0.54 5.54 48.98
C LYS D 337 -1.41 6.27 49.99
N ASN D 338 -0.89 6.49 51.20
CA ASN D 338 -1.67 7.15 52.24
C ASN D 338 -1.92 8.62 51.94
N GLU D 339 -0.99 9.27 51.24
CA GLU D 339 -1.20 10.66 50.83
C GLU D 339 -2.37 10.81 49.87
N LEU D 340 -2.79 9.73 49.21
CA LEU D 340 -3.90 9.77 48.29
C LEU D 340 -5.26 9.61 48.95
N GLN D 341 -5.29 9.34 50.25
CA GLN D 341 -6.56 9.06 50.91
C GLN D 341 -7.56 10.20 50.78
N PRO D 342 -7.20 11.48 50.96
CA PRO D 342 -8.21 12.55 50.76
C PRO D 342 -8.84 12.54 49.39
N ASN D 343 -8.04 12.31 48.34
CA ASN D 343 -8.58 12.32 46.99
C ASN D 343 -9.44 11.09 46.72
N ILE D 344 -9.01 9.93 47.23
CA ILE D 344 -9.84 8.72 47.12
C ILE D 344 -11.18 8.96 47.80
N GLU D 345 -11.17 9.65 48.93
CA GLU D 345 -12.40 9.91 49.67
C GLU D 345 -13.29 10.89 48.93
N LYS D 346 -12.69 11.90 48.29
CA LYS D 346 -13.48 12.85 47.51
C LYS D 346 -14.11 12.18 46.30
N ASN D 347 -13.40 11.23 45.68
CA ASN D 347 -13.96 10.55 44.53
C ASN D 347 -15.07 9.60 44.94
N GLN D 348 -14.90 8.95 46.09
CA GLN D 348 -15.97 8.13 46.65
C GLN D 348 -17.22 8.95 46.93
N GLU D 349 -17.05 10.16 47.46
CA GLU D 349 -18.20 11.02 47.71
C GLU D 349 -18.88 11.45 46.41
N LYS D 350 -18.10 11.79 45.37
CA LYS D 350 -18.69 12.17 44.10
C LYS D 350 -19.55 11.04 43.52
N LEU D 351 -19.02 9.81 43.56
CA LEU D 351 -19.81 8.65 43.15
C LEU D 351 -21.10 8.55 43.94
N GLN D 352 -21.02 8.76 45.26
CA GLN D 352 -22.19 8.60 46.11
C GLN D 352 -23.29 9.61 45.76
N LYS D 353 -22.91 10.79 45.25
CA LYS D 353 -23.91 11.72 44.75
C LYS D 353 -24.69 11.11 43.59
N PHE D 354 -24.02 10.33 42.74
CA PHE D 354 -24.75 9.69 41.65
C PHE D 354 -25.63 8.56 42.15
N LEU D 355 -25.19 7.83 43.18
CA LEU D 355 -25.98 6.69 43.67
C LEU D 355 -27.22 7.15 44.42
N THR D 356 -27.19 8.34 45.01
CA THR D 356 -28.34 8.86 45.73
C THR D 356 -29.16 9.84 44.88
N ALA D 357 -28.86 9.93 43.58
CA ALA D 357 -29.64 10.78 42.70
C ALA D 357 -31.10 10.34 42.69
N PRO D 358 -32.05 11.26 42.73
CA PRO D 358 -33.46 10.86 42.64
C PRO D 358 -33.72 10.09 41.35
N LEU D 359 -34.56 9.07 41.45
CA LEU D 359 -34.87 8.28 40.28
C LEU D 359 -35.75 9.09 39.32
N SER D 360 -35.59 8.81 38.04
CA SER D 360 -36.05 9.72 36.98
C SER D 360 -37.42 9.46 36.34
N PRO D 361 -38.12 8.31 36.55
CA PRO D 361 -38.02 7.24 37.56
C PRO D 361 -36.96 6.18 37.31
N LEU D 362 -36.24 6.20 36.18
CA LEU D 362 -35.23 5.20 35.90
C LEU D 362 -33.91 5.52 36.61
N MET D 363 -33.08 4.49 36.77
CA MET D 363 -31.74 4.65 37.35
C MET D 363 -30.83 5.39 36.36
N ASN D 364 -29.73 5.93 36.87
CA ASN D 364 -28.65 6.39 36.01
C ASN D 364 -27.64 5.26 35.80
N HIS D 365 -26.59 5.54 35.02
CA HIS D 365 -25.56 4.53 34.78
C HIS D 365 -25.00 4.01 36.10
N GLN D 366 -24.67 4.92 37.00
CA GLN D 366 -24.01 4.53 38.24
C GLN D 366 -24.91 3.65 39.10
N GLN D 367 -26.19 4.04 39.25
CA GLN D 367 -27.08 3.24 40.09
C GLN D 367 -27.29 1.85 39.51
N ALA D 368 -27.42 1.74 38.18
CA ALA D 368 -27.59 0.43 37.58
C ALA D 368 -26.34 -0.43 37.76
N LEU D 369 -25.16 0.13 37.48
CA LEU D 369 -23.95 -0.68 37.55
C LEU D 369 -23.53 -0.95 38.99
N ASN D 370 -23.84 -0.05 39.92
CA ASN D 370 -23.59 -0.36 41.33
C ASN D 370 -24.43 -1.54 41.78
N THR D 371 -25.69 -1.61 41.32
CA THR D 371 -26.51 -2.79 41.61
C THR D 371 -25.89 -4.04 40.99
N VAL D 372 -25.41 -3.93 39.75
CA VAL D 372 -24.76 -5.07 39.10
C VAL D 372 -23.55 -5.53 39.91
N GLU D 373 -22.74 -4.59 40.40
CA GLU D 373 -21.54 -4.98 41.15
C GLU D 373 -21.90 -5.68 42.46
N GLU D 374 -22.94 -5.19 43.16
CA GLU D 374 -23.35 -5.86 44.40
C GLU D 374 -23.77 -7.30 44.12
N VAL D 375 -24.53 -7.52 43.04
CA VAL D 375 -25.02 -8.86 42.75
C VAL D 375 -23.88 -9.79 42.35
N LEU D 376 -23.00 -9.32 41.45
CA LEU D 376 -21.88 -10.14 41.00
C LEU D 376 -20.88 -10.41 42.13
N SER D 377 -20.58 -9.41 42.94
CA SER D 377 -19.66 -9.61 44.05
C SER D 377 -20.18 -10.71 44.99
N LYS D 378 -21.46 -10.64 45.37
CA LYS D 378 -21.99 -11.64 46.29
C LYS D 378 -22.00 -13.04 45.69
N GLN D 379 -22.21 -13.15 44.38
CA GLN D 379 -22.36 -14.47 43.75
C GLN D 379 -21.02 -15.14 43.49
N PHE D 380 -20.04 -14.40 42.99
CA PHE D 380 -18.81 -15.00 42.49
C PHE D 380 -17.59 -14.66 43.32
N ASN D 381 -17.68 -13.69 44.22
CA ASN D 381 -16.55 -13.30 45.08
C ASN D 381 -15.31 -13.04 44.25
N GLY D 382 -15.51 -12.36 43.10
CA GLY D 382 -14.44 -11.98 42.22
C GLY D 382 -14.10 -12.96 41.12
N ASP D 383 -14.58 -14.20 41.20
CA ASP D 383 -14.16 -15.27 40.29
C ASP D 383 -15.19 -15.47 39.19
N TYR D 384 -15.15 -14.59 38.19
CA TYR D 384 -15.89 -14.74 36.94
C TYR D 384 -15.08 -14.03 35.85
N PHE D 385 -15.68 -13.88 34.68
CA PHE D 385 -15.01 -13.24 33.55
C PHE D 385 -15.89 -12.10 33.04
N LEU D 386 -15.32 -10.90 32.91
CA LEU D 386 -16.09 -9.71 32.53
C LEU D 386 -15.70 -9.24 31.14
N VAL D 387 -16.68 -8.97 30.28
CA VAL D 387 -16.47 -8.22 29.04
C VAL D 387 -17.22 -6.90 29.17
N SER D 388 -16.57 -5.81 28.76
CA SER D 388 -17.07 -4.46 29.01
C SER D 388 -16.93 -3.63 27.74
N GLU D 389 -18.02 -3.00 27.29
CA GLU D 389 -17.98 -2.29 26.02
C GLU D 389 -19.11 -1.26 25.98
N GLY D 390 -18.78 -0.07 25.50
CA GLY D 390 -19.72 1.04 25.46
C GLY D 390 -18.93 2.34 25.57
N ALA D 391 -19.64 3.44 25.73
CA ALA D 391 -18.96 4.68 26.10
C ALA D 391 -19.13 4.93 27.60
N ARG D 392 -20.19 5.62 27.98
CA ARG D 392 -20.42 5.88 29.41
C ARG D 392 -20.61 4.58 30.17
N THR D 393 -21.29 3.61 29.57
CA THR D 393 -21.43 2.29 30.21
C THR D 393 -20.06 1.69 30.51
N MET D 394 -19.13 1.75 29.56
CA MET D 394 -17.83 1.14 29.82
C MET D 394 -17.05 1.92 30.88
N ASP D 395 -17.10 3.25 30.83
CA ASP D 395 -16.38 4.06 31.81
C ASP D 395 -16.91 3.81 33.21
N VAL D 396 -18.23 3.69 33.34
CA VAL D 396 -18.81 3.47 34.66
C VAL D 396 -18.57 2.04 35.13
N THR D 397 -18.62 1.07 34.20
CA THR D 397 -18.24 -0.29 34.57
C THR D 397 -16.80 -0.36 35.07
N ARG D 398 -15.91 0.42 34.46
N ARG D 398 -15.90 0.42 34.46
CA ARG D 398 -14.52 0.44 34.91
CA ARG D 398 -14.52 0.42 34.93
C ARG D 398 -14.41 1.01 36.32
C ARG D 398 -14.41 1.00 36.33
N MET D 399 -15.28 1.96 36.67
CA MET D 399 -15.21 2.56 38.00
C MET D 399 -15.89 1.68 39.04
N LEU D 400 -16.98 1.00 38.67
CA LEU D 400 -17.85 0.36 39.66
C LEU D 400 -17.76 -1.15 39.71
N VAL D 401 -17.52 -1.82 38.58
CA VAL D 401 -17.47 -3.27 38.56
C VAL D 401 -16.01 -3.69 38.75
N SER D 402 -15.70 -4.33 39.87
CA SER D 402 -14.33 -4.58 40.27
C SER D 402 -13.80 -5.90 39.72
N SER D 403 -12.50 -5.97 39.54
CA SER D 403 -11.82 -7.20 39.15
C SER D 403 -10.86 -7.62 40.25
N HIS D 404 -10.68 -8.93 40.39
CA HIS D 404 -9.87 -9.46 41.48
C HIS D 404 -8.88 -10.53 41.05
N LEU D 405 -8.91 -10.95 39.79
CA LEU D 405 -8.02 -11.95 39.24
C LEU D 405 -7.46 -11.45 37.92
N PRO D 406 -6.27 -11.92 37.51
CA PRO D 406 -5.68 -11.45 36.25
C PRO D 406 -6.35 -12.06 35.03
N ARG D 407 -6.41 -11.27 33.95
CA ARG D 407 -6.91 -11.72 32.64
C ARG D 407 -8.34 -12.24 32.75
N ARG D 408 -9.14 -11.55 33.55
CA ARG D 408 -10.58 -11.81 33.65
C ARG D 408 -11.40 -10.61 33.20
N ARG D 409 -10.82 -9.75 32.37
CA ARG D 409 -11.49 -8.52 31.96
C ARG D 409 -11.03 -8.14 30.57
N LEU D 410 -11.99 -7.92 29.66
CA LEU D 410 -11.71 -7.44 28.30
C LEU D 410 -12.60 -6.24 28.00
N ASP D 411 -12.06 -5.23 27.33
CA ASP D 411 -12.87 -4.08 26.95
C ASP D 411 -12.41 -3.57 25.59
N ALA D 412 -12.84 -2.35 25.23
CA ALA D 412 -12.67 -1.82 23.88
C ALA D 412 -11.22 -1.56 23.53
N GLY D 413 -10.33 -1.55 24.51
CA GLY D 413 -8.90 -1.60 24.24
C GLY D 413 -8.29 -0.36 23.61
N THR D 414 -7.15 -0.60 22.94
CA THR D 414 -6.35 0.49 22.37
C THR D 414 -7.10 1.22 21.26
N LEU D 415 -8.01 0.54 20.55
CA LEU D 415 -8.81 1.16 19.50
C LEU D 415 -10.07 1.87 20.00
N GLY D 416 -10.46 1.63 21.24
CA GLY D 416 -11.78 2.07 21.67
C GLY D 416 -12.84 1.59 20.70
N VAL D 417 -12.75 0.32 20.30
CA VAL D 417 -13.58 -0.23 19.25
C VAL D 417 -14.89 -0.77 19.83
N MET D 418 -16.00 -0.43 19.20
CA MET D 418 -17.29 -1.03 19.50
C MET D 418 -17.51 -2.23 18.57
N GLY D 419 -18.05 -3.30 19.14
CA GLY D 419 -18.30 -4.51 18.38
C GLY D 419 -17.47 -5.70 18.80
N ILE D 420 -16.62 -5.56 19.83
CA ILE D 420 -15.83 -6.69 20.30
C ILE D 420 -16.56 -7.50 21.36
N GLY D 421 -17.71 -7.04 21.83
CA GLY D 421 -18.36 -7.63 22.99
C GLY D 421 -18.61 -9.12 22.89
N LEU D 422 -19.33 -9.54 21.86
CA LEU D 422 -19.70 -10.94 21.76
C LEU D 422 -18.52 -11.82 21.45
N GLY D 423 -17.68 -11.41 20.49
CA GLY D 423 -16.48 -12.19 20.18
C GLY D 423 -15.57 -12.36 21.37
N TYR D 424 -15.33 -11.27 22.12
CA TYR D 424 -14.53 -11.37 23.35
C TYR D 424 -15.16 -12.34 24.33
N ALA D 425 -16.49 -12.32 24.43
CA ALA D 425 -17.17 -13.18 25.41
C ALA D 425 -17.07 -14.64 25.04
N LEU D 426 -17.21 -14.96 23.74
CA LEU D 426 -16.94 -16.32 23.27
C LEU D 426 -15.53 -16.77 23.63
N ALA D 427 -14.54 -15.89 23.44
CA ALA D 427 -13.15 -16.24 23.76
C ALA D 427 -12.98 -16.48 25.25
N GLY D 428 -13.58 -15.63 26.08
CA GLY D 428 -13.52 -15.83 27.51
C GLY D 428 -14.17 -17.13 27.95
N GLN D 429 -15.34 -17.44 27.39
CA GLN D 429 -16.05 -18.64 27.83
C GLN D 429 -15.31 -19.90 27.42
N LEU D 430 -14.77 -19.91 26.21
CA LEU D 430 -13.99 -21.06 25.77
C LEU D 430 -12.71 -21.22 26.58
N THR D 431 -12.12 -20.10 27.04
CA THR D 431 -10.92 -20.19 27.86
C THR D 431 -11.22 -20.64 29.28
N HIS D 432 -12.41 -20.31 29.79
CA HIS D 432 -12.83 -20.67 31.15
C HIS D 432 -14.19 -21.34 31.06
N PRO D 433 -14.24 -22.60 30.61
CA PRO D 433 -15.54 -23.26 30.48
C PRO D 433 -16.21 -23.51 31.82
N ASP D 434 -15.48 -23.43 32.93
CA ASP D 434 -16.01 -23.67 34.26
C ASP D 434 -16.43 -22.39 34.97
N LYS D 435 -16.35 -21.23 34.31
CA LYS D 435 -16.63 -19.94 34.95
C LYS D 435 -17.76 -19.22 34.21
N LYS D 436 -18.36 -18.25 34.88
CA LYS D 436 -19.43 -17.46 34.29
C LYS D 436 -18.85 -16.23 33.60
N VAL D 437 -19.29 -15.99 32.36
CA VAL D 437 -18.90 -14.86 31.55
C VAL D 437 -20.05 -13.86 31.54
N VAL D 438 -19.78 -12.64 32.00
CA VAL D 438 -20.75 -11.55 32.01
C VAL D 438 -20.27 -10.47 31.07
N ALA D 439 -21.12 -10.08 30.12
CA ALA D 439 -20.83 -9.01 29.18
C ALA D 439 -21.74 -7.83 29.49
N ILE D 440 -21.14 -6.73 29.93
CA ILE D 440 -21.85 -5.49 30.19
C ILE D 440 -21.60 -4.56 29.01
N MET D 441 -22.66 -4.31 28.24
CA MET D 441 -22.56 -3.58 26.99
C MET D 441 -23.60 -2.46 26.97
N GLY D 442 -23.20 -1.28 26.49
CA GLY D 442 -24.18 -0.28 26.13
C GLY D 442 -25.10 -0.78 25.03
N ASP D 443 -26.25 -0.12 24.88
CA ASP D 443 -27.20 -0.57 23.86
C ASP D 443 -26.65 -0.37 22.44
N SER D 444 -25.95 0.74 22.16
CA SER D 444 -25.36 0.90 20.83
C SER D 444 -24.28 -0.14 20.60
N ALA D 445 -23.38 -0.31 21.56
CA ALA D 445 -22.29 -1.29 21.45
C ALA D 445 -22.84 -2.67 21.12
N PHE D 446 -23.88 -3.09 21.84
CA PHE D 446 -24.44 -4.43 21.66
C PHE D 446 -24.88 -4.68 20.23
N GLY D 447 -25.46 -3.67 19.58
CA GLY D 447 -26.00 -3.88 18.24
C GLY D 447 -24.96 -4.25 17.20
N PHE D 448 -23.66 -4.04 17.50
CA PHE D 448 -22.63 -4.34 16.51
C PHE D 448 -22.46 -5.85 16.32
N SER D 449 -22.60 -6.63 17.39
CA SER D 449 -22.27 -8.05 17.35
C SER D 449 -23.39 -8.94 17.90
N ALA D 450 -24.61 -8.41 18.03
CA ALA D 450 -25.63 -9.10 18.81
C ALA D 450 -26.02 -10.46 18.22
N MET D 451 -25.91 -10.66 16.90
CA MET D 451 -26.31 -11.96 16.37
C MET D 451 -25.40 -13.11 16.82
N GLU D 452 -24.23 -12.83 17.41
CA GLU D 452 -23.43 -13.93 17.93
C GLU D 452 -24.07 -14.60 19.16
N ILE D 453 -25.24 -14.16 19.64
CA ILE D 453 -25.93 -14.93 20.66
C ILE D 453 -26.32 -16.30 20.13
N GLU D 454 -26.52 -16.42 18.81
CA GLU D 454 -26.80 -17.75 18.27
C GLU D 454 -25.54 -18.60 18.23
N THR D 455 -24.38 -17.99 17.99
CA THR D 455 -23.12 -18.70 18.13
C THR D 455 -22.96 -19.25 19.54
N ALA D 456 -23.20 -18.40 20.54
CA ALA D 456 -23.06 -18.84 21.93
C ALA D 456 -24.01 -19.99 22.25
N ALA D 457 -25.26 -19.90 21.78
CA ALA D 457 -26.24 -20.93 22.12
C ALA D 457 -25.91 -22.24 21.40
N ARG D 458 -25.55 -22.14 20.12
CA ARG D 458 -25.16 -23.32 19.35
C ARG D 458 -23.97 -24.04 19.97
N CYS D 459 -22.95 -23.28 20.39
CA CYS D 459 -21.72 -23.84 20.93
C CYS D 459 -21.75 -24.05 22.44
N LYS D 460 -22.93 -24.00 23.06
CA LYS D 460 -23.10 -24.23 24.50
C LYS D 460 -22.17 -23.34 25.32
N LEU D 461 -22.26 -22.04 25.07
CA LEU D 461 -21.48 -21.04 25.80
C LEU D 461 -22.50 -20.15 26.51
N PRO D 462 -22.81 -20.43 27.80
CA PRO D 462 -23.98 -19.81 28.47
C PRO D 462 -23.71 -18.39 28.94
N LEU D 463 -23.64 -17.47 27.99
CA LEU D 463 -23.28 -16.08 28.27
C LEU D 463 -24.37 -15.38 29.08
N ILE D 464 -23.94 -14.53 30.02
CA ILE D 464 -24.82 -13.58 30.69
C ILE D 464 -24.55 -12.19 30.12
N ILE D 465 -25.56 -11.60 29.49
CA ILE D 465 -25.43 -10.32 28.81
C ILE D 465 -26.29 -9.29 29.53
N ILE D 466 -25.66 -8.20 29.96
CA ILE D 466 -26.35 -7.10 30.65
C ILE D 466 -26.23 -5.88 29.76
N ILE D 467 -27.37 -5.40 29.27
CA ILE D 467 -27.41 -4.25 28.38
C ILE D 467 -27.84 -3.03 29.18
N ILE D 468 -26.98 -2.01 29.21
CA ILE D 468 -27.32 -0.73 29.82
C ILE D 468 -27.90 0.14 28.71
N ASN D 469 -29.21 0.39 28.77
CA ASN D 469 -29.97 0.87 27.62
C ASN D 469 -30.51 2.27 27.89
N ASN D 470 -29.84 3.29 27.34
CA ASN D 470 -30.31 4.67 27.40
C ASN D 470 -30.84 5.15 26.05
N ASN D 471 -31.24 4.22 25.17
CA ASN D 471 -31.80 4.52 23.85
C ASN D 471 -30.83 5.28 22.94
N GLY D 472 -29.53 5.03 23.02
CA GLY D 472 -28.69 5.63 22.01
C GLY D 472 -27.20 5.64 22.39
N ILE D 473 -26.48 6.55 21.73
CA ILE D 473 -25.03 6.64 21.80
C ILE D 473 -24.72 7.80 22.76
N TYR D 474 -24.28 7.46 23.98
CA TYR D 474 -24.06 8.39 25.09
C TYR D 474 -25.38 8.78 25.75
N HIS D 475 -26.41 8.98 24.94
CA HIS D 475 -27.72 9.44 25.40
C HIS D 475 -28.72 9.23 24.25
N GLY D 476 -30.01 9.35 24.57
CA GLY D 476 -31.02 9.12 23.57
C GLY D 476 -32.26 9.95 23.81
N LEU D 477 -33.26 9.74 22.98
CA LEU D 477 -34.59 10.32 23.20
C LEU D 477 -35.47 9.27 23.87
N ASP D 478 -36.53 9.74 24.52
CA ASP D 478 -37.50 8.82 25.10
C ASP D 478 -38.75 8.68 24.24
N ASP D 479 -38.84 9.44 23.15
CA ASP D 479 -39.98 9.37 22.24
C ASP D 479 -39.52 9.87 20.88
N ILE D 480 -39.63 9.04 19.86
CA ILE D 480 -39.31 9.43 18.48
C ILE D 480 -40.52 9.41 17.57
N LYS D 481 -41.70 9.06 18.09
CA LYS D 481 -42.87 8.95 17.23
C LYS D 481 -43.31 10.29 16.67
N SER D 482 -43.04 11.38 17.40
CA SER D 482 -43.43 12.71 16.99
C SER D 482 -42.27 13.51 16.39
N VAL D 483 -41.11 12.89 16.21
CA VAL D 483 -39.98 13.54 15.56
C VAL D 483 -40.08 13.28 14.06
N PRO D 484 -40.16 14.31 13.23
CA PRO D 484 -40.13 14.08 11.78
C PRO D 484 -38.89 13.31 11.38
N SER D 485 -39.05 12.38 10.44
CA SER D 485 -37.97 11.42 10.17
C SER D 485 -36.68 12.11 9.73
N ASP D 486 -36.77 13.14 8.88
CA ASP D 486 -35.58 13.85 8.43
C ASP D 486 -34.83 14.54 9.56
N LYS D 487 -35.49 14.78 10.70
CA LYS D 487 -34.89 15.52 11.79
C LYS D 487 -34.49 14.63 12.96
N LEU D 488 -34.60 13.32 12.82
CA LEU D 488 -34.21 12.39 13.86
C LEU D 488 -32.71 12.54 14.16
N PRO D 489 -32.33 12.81 15.41
CA PRO D 489 -30.90 13.00 15.72
C PRO D 489 -30.09 11.72 15.57
N SER D 490 -28.82 11.91 15.22
CA SER D 490 -27.95 10.80 14.84
C SER D 490 -27.56 9.92 16.02
N PHE D 491 -27.62 10.44 17.24
CA PHE D 491 -27.21 9.68 18.42
C PHE D 491 -28.29 8.75 18.95
N THR D 492 -29.54 8.90 18.53
CA THR D 492 -30.60 8.16 19.19
C THR D 492 -30.85 6.81 18.53
N LEU D 493 -31.26 5.85 19.35
CA LEU D 493 -31.80 4.58 18.88
C LEU D 493 -33.29 4.53 19.22
N MET D 494 -33.93 3.42 18.92
CA MET D 494 -35.38 3.36 19.15
C MET D 494 -35.65 3.24 20.65
N PRO D 495 -36.52 4.07 21.22
CA PRO D 495 -36.79 3.98 22.65
C PRO D 495 -37.26 2.60 23.06
N GLU D 496 -36.68 2.10 24.16
CA GLU D 496 -37.03 0.81 24.75
C GLU D 496 -36.97 -0.32 23.72
N THR D 497 -35.88 -0.34 22.95
CA THR D 497 -35.61 -1.49 22.10
C THR D 497 -35.48 -2.73 22.97
N ARG D 498 -36.19 -3.79 22.60
CA ARG D 498 -36.36 -4.92 23.51
C ARG D 498 -35.30 -5.98 23.22
N TYR D 499 -34.04 -5.62 23.54
CA TYR D 499 -32.94 -6.55 23.35
C TYR D 499 -33.14 -7.82 24.16
N ASP D 500 -33.83 -7.70 25.30
CA ASP D 500 -34.13 -8.89 26.10
C ASP D 500 -34.85 -9.95 25.25
N LEU D 501 -35.76 -9.53 24.37
CA LEU D 501 -36.55 -10.46 23.59
C LEU D 501 -35.73 -11.20 22.53
N LEU D 502 -34.52 -10.72 22.22
CA LEU D 502 -33.66 -11.44 21.27
C LEU D 502 -33.28 -12.82 21.79
N ALA D 503 -33.19 -12.98 23.12
CA ALA D 503 -32.80 -14.26 23.69
C ALA D 503 -33.75 -15.38 23.28
N ASN D 504 -35.03 -15.06 23.05
CA ASN D 504 -35.98 -16.09 22.66
C ASN D 504 -35.71 -16.65 21.29
N SER D 505 -35.00 -15.92 20.43
CA SER D 505 -34.63 -16.43 19.11
C SER D 505 -33.65 -17.59 19.20
N VAL D 506 -32.92 -17.69 20.30
CA VAL D 506 -31.94 -18.76 20.46
C VAL D 506 -32.25 -19.63 21.68
N TYR D 507 -33.52 -19.62 22.11
CA TYR D 507 -33.99 -20.47 23.20
C TYR D 507 -33.33 -20.14 24.52
N GLY D 508 -32.98 -18.87 24.73
CA GLY D 508 -32.45 -18.39 26.00
C GLY D 508 -33.53 -17.78 26.87
N GLN D 509 -33.15 -16.81 27.69
CA GLN D 509 -34.11 -16.08 28.52
C GLN D 509 -33.74 -14.61 28.51
N GLY D 510 -34.75 -13.75 28.54
CA GLY D 510 -34.52 -12.32 28.57
C GLY D 510 -35.34 -11.66 29.66
N PHE D 511 -34.84 -10.52 30.13
CA PHE D 511 -35.50 -9.78 31.20
C PHE D 511 -35.49 -8.30 30.86
N LEU D 512 -36.66 -7.68 30.93
CA LEU D 512 -36.77 -6.22 30.87
C LEU D 512 -36.76 -5.72 32.30
N VAL D 513 -35.80 -4.86 32.65
CA VAL D 513 -35.78 -4.36 34.02
C VAL D 513 -35.68 -2.85 34.01
N LYS D 514 -36.32 -2.22 34.99
CA LYS D 514 -36.42 -0.78 35.05
C LYS D 514 -36.12 -0.21 36.44
N ASP D 515 -35.78 -1.05 37.42
CA ASP D 515 -35.35 -0.55 38.72
C ASP D 515 -34.39 -1.56 39.34
N SER D 516 -33.81 -1.19 40.48
CA SER D 516 -32.73 -2.00 41.03
C SER D 516 -33.26 -3.34 41.56
N THR D 517 -34.45 -3.33 42.14
CA THR D 517 -35.07 -4.57 42.61
C THR D 517 -35.23 -5.58 41.47
N GLN D 518 -35.84 -5.15 40.36
N GLN D 518 -35.81 -5.15 40.34
CA GLN D 518 -35.96 -6.01 39.19
CA GLN D 518 -35.96 -6.09 39.23
C GLN D 518 -34.61 -6.45 38.67
C GLN D 518 -34.61 -6.44 38.60
N LEU D 519 -33.63 -5.53 38.66
CA LEU D 519 -32.28 -5.88 38.19
C LEU D 519 -31.69 -7.03 39.02
N GLN D 520 -31.80 -6.93 40.35
N GLN D 520 -31.79 -6.92 40.34
CA GLN D 520 -31.27 -7.98 41.21
CA GLN D 520 -31.26 -7.99 41.20
C GLN D 520 -31.97 -9.31 40.96
C GLN D 520 -31.97 -9.31 40.94
N SER D 521 -33.30 -9.28 40.88
CA SER D 521 -34.06 -10.50 40.70
C SER D 521 -33.73 -11.16 39.37
N ALA D 522 -33.63 -10.37 38.30
CA ALA D 522 -33.32 -10.92 36.99
C ALA D 522 -31.93 -11.56 36.96
N LEU D 523 -30.95 -10.89 37.54
CA LEU D 523 -29.58 -11.41 37.47
C LEU D 523 -29.45 -12.71 38.24
N GLN D 524 -30.16 -12.82 39.37
CA GLN D 524 -30.07 -14.04 40.16
C GLN D 524 -30.61 -15.24 39.40
N LYS D 525 -31.53 -15.02 38.46
CA LYS D 525 -32.05 -16.09 37.61
C LYS D 525 -31.14 -16.40 36.42
N CYS D 526 -30.04 -15.68 36.27
CA CYS D 526 -29.15 -15.91 35.15
C CYS D 526 -28.01 -16.87 35.47
N PHE D 527 -27.69 -17.07 36.75
CA PHE D 527 -26.45 -17.74 37.11
C PHE D 527 -26.47 -19.24 36.83
N ASN D 528 -27.64 -19.87 36.84
CA ASN D 528 -27.71 -21.32 36.65
C ASN D 528 -28.40 -21.72 35.36
N PHE D 529 -28.42 -20.84 34.36
CA PHE D 529 -29.19 -21.06 33.15
C PHE D 529 -28.29 -21.60 32.05
N ASP D 530 -28.68 -22.74 31.48
CA ASP D 530 -27.89 -23.41 30.44
C ASP D 530 -28.26 -22.84 29.07
N GLY D 531 -27.83 -21.61 28.83
CA GLY D 531 -28.17 -20.91 27.61
C GLY D 531 -27.79 -19.45 27.73
N VAL D 532 -28.26 -18.67 26.77
CA VAL D 532 -27.94 -17.25 26.70
C VAL D 532 -29.00 -16.47 27.49
N SER D 533 -28.53 -15.63 28.41
CA SER D 533 -29.39 -14.77 29.21
C SER D 533 -29.11 -13.33 28.82
N ILE D 534 -30.16 -12.52 28.68
CA ILE D 534 -30.00 -11.13 28.31
C ILE D 534 -30.84 -10.30 29.27
N VAL D 535 -30.18 -9.41 30.01
CA VAL D 535 -30.86 -8.48 30.91
C VAL D 535 -30.81 -7.10 30.28
N ASN D 536 -31.99 -6.56 29.96
CA ASN D 536 -32.14 -5.30 29.25
C ASN D 536 -32.48 -4.24 30.29
N VAL D 537 -31.49 -3.47 30.70
CA VAL D 537 -31.64 -2.52 31.78
C VAL D 537 -31.96 -1.14 31.18
N MET D 538 -33.21 -0.71 31.32
CA MET D 538 -33.57 0.63 30.88
C MET D 538 -33.08 1.66 31.90
N ILE D 539 -32.27 2.62 31.46
CA ILE D 539 -31.80 3.69 32.33
C ILE D 539 -32.22 5.03 31.76
N ASP D 540 -32.07 6.08 32.59
CA ASP D 540 -32.34 7.45 32.19
C ASP D 540 -31.63 7.79 30.89
N HIS D 541 -32.39 8.31 29.91
CA HIS D 541 -31.91 8.53 28.56
C HIS D 541 -31.07 9.79 28.39
N ARG D 542 -30.95 10.65 29.42
CA ARG D 542 -30.43 11.99 29.21
C ARG D 542 -28.90 12.00 29.24
N PRO D 543 -28.26 13.03 28.68
CA PRO D 543 -26.80 13.13 28.71
C PRO D 543 -26.31 13.60 30.07
N ALA D 544 -24.99 13.52 30.24
CA ALA D 544 -24.36 13.93 31.49
C ALA D 544 -24.52 15.42 31.75
N1' TPP E . 20.51 -3.85 -11.60
C2' TPP E . 20.70 -3.74 -10.27
CM2 TPP E . 20.26 -2.47 -9.63
N3' TPP E . 21.24 -4.66 -9.48
C4' TPP E . 21.64 -5.83 -10.06
N4' TPP E . 22.16 -6.75 -9.26
C5' TPP E . 21.46 -6.05 -11.46
C6' TPP E . 20.89 -5.00 -12.15
C7' TPP E . 21.92 -7.30 -12.16
N3 TPP E . 23.39 -7.48 -12.08
C2 TPP E . 23.99 -8.29 -11.22
S1 TPP E . 25.66 -8.26 -11.36
C5 TPP E . 25.57 -7.10 -12.63
C4 TPP E . 24.28 -6.79 -12.91
CM4 TPP E . 23.79 -5.82 -13.93
C6 TPP E . 26.82 -6.58 -13.30
C7 TPP E . 27.84 -7.66 -13.52
O7 TPP E . 28.91 -7.10 -14.33
PA TPP E . 30.22 -6.43 -13.75
O1A TPP E . 29.94 -5.41 -12.71
O2A TPP E . 30.91 -5.91 -14.98
O3A TPP E . 30.97 -7.72 -13.30
PB TPP E . 31.64 -8.98 -13.97
O1B TPP E . 31.60 -8.77 -15.45
O2B TPP E . 33.11 -8.98 -13.39
O3B TPP E . 30.86 -10.15 -13.51
PB ADP F . 24.87 -11.19 6.82
O1B ADP F . 24.38 -10.61 5.50
O2B ADP F . 26.29 -10.77 7.21
O3B ADP F . 24.64 -12.68 7.00
PA ADP F . 22.41 -10.18 7.81
O1A ADP F . 22.19 -8.75 7.41
O2A ADP F . 21.77 -11.34 7.11
O3A ADP F . 24.00 -10.45 7.95
O5' ADP F . 21.97 -10.31 9.36
C5' ADP F . 22.11 -9.21 10.25
C4' ADP F . 21.36 -9.60 11.51
O4' ADP F . 21.96 -8.98 12.65
C3' ADP F . 19.91 -9.12 11.48
O3' ADP F . 19.11 -10.29 11.61
C2' ADP F . 19.74 -8.22 12.68
O2' ADP F . 18.48 -8.41 13.35
C1' ADP F . 20.92 -8.63 13.56
N9 ADP F . 21.41 -7.56 14.45
C8 ADP F . 21.63 -6.27 14.14
N7 ADP F . 22.10 -5.59 15.22
C5 ADP F . 22.20 -6.46 16.24
C6 ADP F . 22.63 -6.40 17.67
N6 ADP F . 23.05 -5.25 18.23
N1 ADP F . 22.56 -7.54 18.38
C2 ADP F . 22.12 -8.70 17.85
N3 ADP F . 21.73 -8.83 16.56
C4 ADP F . 21.74 -7.76 15.73
C1 EDO G . 23.23 -4.36 11.34
O1 EDO G . 21.86 -4.67 11.63
C2 EDO G . 23.58 -4.94 9.97
O2 EDO G . 24.79 -4.35 9.48
C1 EDO H . 38.01 -13.69 -17.34
O1 EDO H . 38.03 -14.03 -15.94
C2 EDO H . 38.01 -14.95 -18.18
O2 EDO H . 36.85 -15.73 -17.88
N ALA I . 35.72 -21.70 0.60
CA ALA I . 34.82 -22.03 -0.50
C ALA I . 34.21 -23.43 -0.32
O ALA I . 33.90 -24.15 -1.27
CB ALA I . 35.53 -21.92 -1.84
OXT ALA I . 34.03 -23.88 0.80
N ALA J . 39.93 -21.03 -1.58
CA ALA J . 40.74 -19.93 -1.07
C ALA J . 39.87 -18.77 -0.59
O ALA J . 40.37 -17.68 -0.31
CB ALA J . 41.70 -19.45 -2.15
OXT ALA J . 38.64 -18.90 -0.45
N ALA K . 30.01 -19.84 -1.54
CA ALA K . 30.59 -18.55 -1.26
C ALA K . 31.98 -18.68 -0.59
O ALA K . 32.58 -17.70 -0.14
CB ALA K . 29.66 -17.72 -0.39
OXT ALA K . 32.53 -19.78 -0.50
C ACT L . 25.29 -10.00 -7.83
O ACT L . 24.27 -9.43 -7.34
OXT ACT L . 26.50 -9.90 -7.46
CH3 ACT L . 25.05 -10.95 -9.05
C1 EDO M . 35.77 -31.77 9.11
O1 EDO M . 35.77 -32.13 10.51
C2 EDO M . 36.59 -32.78 8.33
O2 EDO M . 35.86 -33.22 7.18
MG MG N . 32.06 -6.85 -16.33
CL CL O . 30.35 -16.17 -16.73
N1' TPP P . 16.22 15.39 -8.20
C2' TPP P . 15.31 15.08 -9.15
CM2 TPP P . 15.16 13.64 -9.49
N3' TPP P . 14.53 15.96 -9.78
C4' TPP P . 14.65 17.25 -9.46
N4' TPP P . 13.85 18.11 -10.10
C5' TPP P . 15.60 17.69 -8.49
C6' TPP P . 16.34 16.69 -7.91
C7' TPP P . 15.80 19.14 -8.11
N3 TPP P . 16.27 19.96 -9.26
C2 TPP P . 15.48 20.76 -9.95
S1 TPP P . 16.29 21.53 -11.20
C5 TPP P . 17.78 20.77 -10.76
C4 TPP P . 17.59 19.95 -9.70
CM4 TPP P . 18.62 19.11 -9.03
C6 TPP P . 19.05 21.05 -11.53
C7 TPP P . 19.26 22.52 -11.79
O7 TPP P . 20.61 22.69 -12.31
PA TPP P . 20.99 22.62 -13.85
O1A TPP P . 20.49 21.40 -14.50
O2A TPP P . 22.52 22.77 -13.90
O3A TPP P . 20.37 23.94 -14.38
PB TPP P . 20.60 25.50 -14.21
O1B TPP P . 21.82 25.66 -13.37
O2B TPP P . 20.76 26.02 -15.66
O3B TPP P . 19.34 26.02 -13.55
PB ADP Q . 0.47 19.15 -20.43
O1B ADP Q . 0.97 19.23 -21.86
O2B ADP Q . 1.56 18.79 -19.43
O3B ADP Q . -0.41 20.31 -20.02
PA ADP Q . -0.97 16.95 -19.30
O1A ADP Q . -0.16 15.67 -19.26
O2A ADP Q . -1.20 17.82 -18.08
O3A ADP Q . -0.48 17.88 -20.52
O5' ADP Q . -2.40 16.54 -19.92
C5' ADP Q . -2.51 15.36 -20.72
C4' ADP Q . -4.01 15.05 -20.78
O4' ADP Q . -4.34 14.52 -22.05
C3' ADP Q . -4.43 14.02 -19.74
O3' ADP Q . -5.51 14.56 -18.98
C2' ADP Q . -4.97 12.84 -20.53
O2' ADP Q . -6.10 12.28 -19.84
C1' ADP Q . -5.34 13.52 -21.85
N9 ADP Q . -5.34 12.64 -23.04
C8 ADP Q . -4.40 11.74 -23.40
N7 ADP Q . -4.75 11.13 -24.56
C5 ADP Q . -5.92 11.67 -24.96
C6 ADP Q . -6.83 11.49 -26.11
N6 ADP Q . -6.54 10.59 -27.08
N1 ADP Q . -7.95 12.25 -26.15
C2 ADP Q . -8.25 13.15 -25.19
N3 ADP Q . -7.45 13.37 -24.11
C4 ADP Q . -6.30 12.66 -23.95
C1 EDO R . 23.87 34.56 -15.00
O1 EDO R . 22.67 34.55 -14.21
C2 EDO R . 23.90 33.35 -15.93
O2 EDO R . 22.66 33.28 -16.65
C1 EDO S . 6.37 30.63 -18.58
O1 EDO S . 5.62 29.69 -17.82
C2 EDO S . 6.01 30.45 -20.06
O2 EDO S . 6.77 31.33 -20.90
N GLY T . 6.07 34.08 -20.59
CA GLY T . 6.14 35.35 -19.90
C GLY T . 4.79 36.04 -19.75
O GLY T . 3.89 35.88 -20.58
OXT GLY T . 4.56 36.79 -18.80
C FMT U . -15.19 36.47 -34.92
O1 FMT U . -15.17 37.45 -34.17
O2 FMT U . -15.18 36.55 -36.14
C FMT V . 28.23 41.93 -24.99
O1 FMT V . 27.12 41.44 -24.76
O2 FMT V . 28.54 43.09 -24.67
C FMT W . -5.32 41.62 -25.06
O1 FMT W . -4.65 42.65 -25.08
O2 FMT W . -6.47 41.53 -25.50
MG MG X . 23.58 24.42 -13.59
CL CL Y . 18.99 31.71 -9.76
N1' TPP Z . -18.61 -14.23 4.35
C2' TPP Z . -18.92 -13.30 3.45
CM2 TPP Z . -18.76 -11.87 3.85
N3' TPP Z . -19.40 -13.55 2.22
C4' TPP Z . -19.53 -14.82 1.85
N4' TPP Z . -19.99 -15.05 0.61
C5' TPP Z . -19.22 -15.89 2.74
C6' TPP Z . -18.76 -15.50 3.97
C7' TPP Z . -19.38 -17.35 2.38
N3 TPP Z . -20.79 -17.71 2.07
C2 TPP Z . -21.25 -17.84 0.83
S1 TPP Z . -22.89 -18.21 0.79
C5 TPP Z . -22.98 -18.20 2.52
C4 TPP Z . -21.75 -17.90 3.06
CM4 TPP Z . -21.41 -17.79 4.51
C6 TPP Z . -24.28 -18.48 3.22
C7 TPP Z . -25.06 -19.61 2.59
O7 TPP Z . -26.13 -19.98 3.49
PA TPP Z . -27.56 -19.34 3.44
O1A TPP Z . -27.49 -17.86 3.35
O2A TPP Z . -28.30 -19.91 4.64
O3A TPP Z . -28.17 -20.09 2.18
PB TPP Z . -28.50 -21.58 1.75
O1B TPP Z . -28.30 -22.47 2.94
O2B TPP Z . -29.96 -21.54 1.26
O3B TPP Z . -27.54 -21.89 0.61
PB ADP AA . -22.90 -7.53 -14.31
O1B ADP AA . -24.38 -7.21 -14.40
O2B ADP AA . -22.45 -7.97 -12.94
O3B ADP AA . -22.42 -8.43 -15.39
PA ADP AA . -20.72 -5.73 -14.22
O1A ADP AA . -20.76 -4.99 -12.91
O2A ADP AA . -19.88 -6.95 -14.47
O3A ADP AA . -22.24 -6.10 -14.62
O5' ADP AA . -20.40 -4.67 -15.36
C5' ADP AA . -20.80 -3.31 -15.25
C4' ADP AA . -20.08 -2.63 -16.42
O4' ADP AA . -20.83 -1.50 -16.83
C3' ADP AA . -18.72 -2.11 -15.95
O3' ADP AA . -17.69 -2.62 -16.81
C2' ADP AA . -18.82 -0.61 -16.08
O2' ADP AA . -17.58 -0.07 -16.54
C1' ADP AA . -19.93 -0.45 -17.12
N9 ADP AA . -20.66 0.83 -17.08
C8 ADP AA . -21.07 1.49 -15.99
N7 ADP AA . -21.71 2.65 -16.35
C5 ADP AA . -21.71 2.72 -17.68
C6 ADP AA . -22.22 3.67 -18.69
N6 ADP AA . -22.88 4.80 -18.31
N1 ADP AA . -22.00 3.38 -20.00
C2 ADP AA . -21.34 2.26 -20.38
N3 ADP AA . -20.86 1.35 -19.51
C4 ADP AA . -21.00 1.52 -18.17
C1 EDO BA . -23.42 -0.02 -11.76
O1 EDO BA . -23.22 -1.44 -11.70
C2 EDO BA . -22.83 0.54 -13.05
O2 EDO BA . -21.44 0.86 -12.92
C1 EDO CA . -46.08 1.44 1.82
O1 EDO CA . -46.81 1.43 0.58
C2 EDO CA . -44.59 1.46 1.50
O2 EDO CA . -43.91 0.42 2.24
C FMT DA . -30.20 -22.56 -30.74
O1 FMT DA . -30.58 -23.67 -30.37
O2 FMT DA . -29.80 -22.30 -31.88
C FMT EA . -32.85 -10.94 -39.69
O1 FMT EA . -32.29 -11.86 -40.29
O2 FMT EA . -33.94 -10.47 -40.05
C FMT FA . -22.41 -16.81 -2.97
O1 FMT FA . -21.99 -17.82 -2.41
O2 FMT FA . -23.56 -16.69 -3.43
C ACT GA . -29.18 -23.29 -18.06
O ACT GA . -29.63 -22.96 -16.91
OXT ACT GA . -29.17 -22.60 -19.12
CH3 ACT GA . -28.56 -24.72 -18.19
C FMT HA . -24.42 -15.44 -12.86
O1 FMT HA . -25.50 -15.95 -13.15
O2 FMT HA . -23.33 -16.03 -12.90
C ACT IA . -28.76 -19.19 -14.81
O ACT IA . -27.51 -19.40 -14.91
OXT ACT IA . -29.37 -18.09 -14.70
CH3 ACT IA . -29.69 -20.47 -14.81
MG MG JA . -29.05 -21.79 4.89
N1' TPP KA . -17.91 2.37 15.42
C2' TPP KA . -16.94 1.62 15.96
CM2 TPP KA . -16.56 0.38 15.22
N3' TPP KA . -16.29 1.90 17.08
C4' TPP KA . -16.62 3.02 17.75
N4' TPP KA . -15.94 3.30 18.86
C5' TPP KA . -17.66 3.88 17.26
C6' TPP KA . -18.24 3.47 16.09
C7' TPP KA . -18.10 5.13 17.98
N3 TPP KA . -18.67 4.86 19.33
C2 TPP KA . -18.00 5.05 20.45
S1 TPP KA . -18.86 4.62 21.82
C5 TPP KA . -20.21 4.15 20.85
C4 TPP KA . -19.94 4.33 19.52
CM4 TPP KA . -20.84 4.05 18.36
C6 TPP KA . -21.46 3.65 21.50
C7 TPP KA . -21.85 4.48 22.70
O7 TPP KA . -23.16 4.07 23.16
PA TPP KA . -23.41 2.87 24.13
O1A TPP KA . -22.69 1.62 23.81
O2A TPP KA . -24.92 2.59 24.12
O3A TPP KA . -23.06 3.50 25.54
PB TPP KA . -23.59 4.67 26.47
O1B TPP KA . -24.87 5.19 25.90
O2B TPP KA . -23.77 4.01 27.88
O3B TPP KA . -22.49 5.70 26.44
PB ADP LA . -2.26 -0.63 28.00
O1B ADP LA . -2.68 -1.52 29.15
O2B ADP LA . -3.31 -0.47 26.93
O3B ADP LA . -1.65 0.68 28.39
PA ADP LA . -0.56 -1.21 25.79
O1A ADP LA . -1.24 -2.18 24.86
O2A ADP LA . -0.52 0.29 25.58
O3A ADP LA . -1.10 -1.50 27.29
O5' ADP LA . 0.97 -1.65 25.90
C5' ADP LA . 1.33 -3.03 25.80
C4' ADP LA . 2.85 -3.01 25.74
O4' ADP LA . 3.38 -4.19 26.33
C3' ADP LA . 3.33 -2.98 24.29
O3' ADP LA . 4.17 -1.83 24.12
C2' ADP LA . 4.13 -4.25 24.11
O2' ADP LA . 5.32 -3.94 23.39
C1' ADP LA . 4.50 -4.62 25.54
N9 ADP LA . 4.72 -6.06 25.77
C8 ADP LA . 3.98 -7.08 25.32
N7 ADP LA . 4.47 -8.27 25.75
C5 ADP LA . 5.56 -8.00 26.51
C6 ADP LA . 6.54 -8.79 27.27
N6 ADP LA . 6.45 -10.15 27.30
N1 ADP LA . 7.53 -8.12 27.92
C2 ADP LA . 7.62 -6.77 27.89
N3 ADP LA . 6.76 -6.00 27.21
C4 ADP LA . 5.72 -6.55 26.52
C1 EDO MA . -28.16 9.91 33.03
O1 EDO MA . -27.16 10.84 32.62
C2 EDO MA . -27.70 8.48 32.76
O2 EDO MA . -26.58 8.10 33.58
C FMT NA . 11.43 4.76 51.44
O1 FMT NA . 12.50 5.36 51.34
O2 FMT NA . 11.32 3.59 51.79
C1 EDO OA . -15.53 4.55 23.62
O1 EDO OA . -14.64 3.47 23.30
C2 EDO OA . -15.28 5.69 22.63
O2 EDO OA . -16.11 6.79 22.99
C1 EDO PA . -9.09 10.57 38.14
O1 EDO PA . -8.70 9.99 39.40
C2 EDO PA . -10.14 11.64 38.36
O2 EDO PA . -9.67 12.59 39.31
MG MG QA . -26.26 3.75 25.08
#